data_6YSF
#
_entry.id   6YSF
#
_cell.length_a   1.00
_cell.length_b   1.00
_cell.length_c   1.00
_cell.angle_alpha   90.00
_cell.angle_beta   90.00
_cell.angle_gamma   90.00
#
_symmetry.space_group_name_H-M   'P 1'
#
loop_
_entity.id
_entity.type
_entity.pdbx_description
1 polymer 'Chemotaxis motB protein'
2 polymer 'Chemotaxis MotA protein'
#
loop_
_entity_poly.entity_id
_entity_poly.type
_entity_poly.pdbx_seq_one_letter_code
_entity_poly.pdbx_strand_id
1 'polypeptide(L)'
;MARRNKKGGGGDEIRGDEWLATFSDTITLLLTFFILLYSFSSVDAQKFQQVASAMQVAMTGQSGNTIVDYNLKNGDVPLV
GETTKLGRETGSDAKSDSKEVYNEVNKFVDKNNLKSSVEVKEDGRGVIIQLRDNVLFEIGRADIKPQSKQIMDKINGLIA
TLPNEVIVEGHTDNVPIKNEVYGSNWELSTARAVNVLRYFVETKKQNPVRFTAAGYGEYRPIAQNNSDVNKAKNRRVNIV
IVSKEKESSKK
;
A,B
2 'polypeptide(L)'
;MKKRDILTPIGFVLCFGLVLWGMASGGSNLKVFWDVASVFITIGGSMAAMLITYPMDEFKRLLIVIRQTFKDNGMSNIDV
IQNFVDLSRKARREGLLSLEDAINNLTDDYMKKGLRMVVDGIEPETIREIMELEIDEMEKRHKSGADMLKTWGGYAPAFG
MVGTLIGLIQMLANLTDSSTIASGMGKALITTFYGSLMANAVFNPMGANLMFKSGVEATTREMVLEGVLAIQSGVNPRIM
EEKLVSYLSPPERQAYSKVQVSGEGAAQNG
;
E,C,D,F,G
#
# COMPACT_ATOMS: atom_id res chain seq x y z
N ILE A 14 -3.31 -7.48 3.98
CA ILE A 14 -3.71 -7.60 2.58
C ILE A 14 -4.72 -6.50 2.26
N ARG A 15 -5.19 -6.45 1.02
CA ARG A 15 -6.14 -5.43 0.58
C ARG A 15 -7.55 -5.97 0.43
N GLY A 16 -7.77 -7.26 0.63
CA GLY A 16 -9.09 -7.83 0.42
C GLY A 16 -9.50 -7.92 -1.02
N ASP A 17 -8.55 -7.79 -1.95
CA ASP A 17 -8.87 -7.84 -3.37
C ASP A 17 -7.88 -8.68 -4.16
N GLU A 18 -6.78 -9.14 -3.56
CA GLU A 18 -5.64 -9.65 -4.32
C GLU A 18 -5.91 -10.99 -5.00
N TRP A 19 -7.02 -11.65 -4.70
CA TRP A 19 -7.36 -12.85 -5.45
C TRP A 19 -8.07 -12.54 -6.76
N LEU A 20 -8.50 -11.28 -6.96
CA LEU A 20 -9.11 -10.87 -8.21
C LEU A 20 -8.21 -11.14 -9.41
N ALA A 21 -6.92 -11.37 -9.19
CA ALA A 21 -6.05 -11.84 -10.27
C ALA A 21 -6.36 -13.30 -10.62
N THR A 22 -6.22 -14.19 -9.64
CA THR A 22 -6.53 -15.60 -9.89
C THR A 22 -8.03 -15.83 -10.01
N PHE A 23 -8.85 -14.93 -9.46
CA PHE A 23 -10.29 -14.97 -9.75
C PHE A 23 -10.54 -14.79 -11.24
N SER A 24 -9.93 -13.75 -11.83
CA SER A 24 -9.98 -13.57 -13.27
C SER A 24 -9.39 -14.77 -14.00
N ASP A 25 -8.38 -15.41 -13.42
CA ASP A 25 -7.81 -16.59 -14.05
C ASP A 25 -8.85 -17.70 -14.18
N THR A 26 -9.46 -18.08 -13.06
CA THR A 26 -10.43 -19.17 -13.09
C THR A 26 -11.69 -18.79 -13.84
N ILE A 27 -12.06 -17.51 -13.85
CA ILE A 27 -13.19 -17.09 -14.66
C ILE A 27 -12.86 -17.24 -16.14
N THR A 28 -11.65 -16.86 -16.53
CA THR A 28 -11.16 -17.12 -17.88
C THR A 28 -11.22 -18.61 -18.20
N LEU A 29 -10.91 -19.46 -17.23
CA LEU A 29 -10.92 -20.91 -17.46
C LEU A 29 -12.34 -21.46 -17.62
N LEU A 30 -13.29 -20.95 -16.83
CA LEU A 30 -14.68 -21.27 -17.08
C LEU A 30 -15.08 -20.84 -18.49
N LEU A 31 -14.64 -19.66 -18.91
CA LEU A 31 -14.88 -19.23 -20.29
C LEU A 31 -14.28 -20.22 -21.29
N THR A 32 -13.08 -20.74 -21.00
CA THR A 32 -12.46 -21.72 -21.89
C THR A 32 -13.27 -23.00 -21.96
N PHE A 33 -13.77 -23.46 -20.81
CA PHE A 33 -14.65 -24.63 -20.83
C PHE A 33 -15.91 -24.37 -21.66
N PHE A 34 -16.47 -23.16 -21.56
CA PHE A 34 -17.64 -22.85 -22.36
C PHE A 34 -17.31 -22.78 -23.85
N ILE A 35 -16.13 -22.28 -24.21
CA ILE A 35 -15.63 -22.43 -25.56
C ILE A 35 -15.63 -23.91 -25.95
N LEU A 36 -15.19 -24.77 -25.04
CA LEU A 36 -15.19 -26.21 -25.30
C LEU A 36 -16.60 -26.73 -25.52
N LEU A 37 -17.59 -26.12 -24.87
CA LEU A 37 -18.99 -26.42 -25.13
C LEU A 37 -19.51 -25.73 -26.39
N TYR A 38 -18.64 -25.10 -27.17
CA TYR A 38 -19.09 -24.27 -28.28
C TYR A 38 -18.60 -24.72 -29.65
N SER A 39 -17.70 -25.70 -29.73
CA SER A 39 -17.29 -26.20 -31.04
C SER A 39 -18.38 -27.01 -31.72
N PHE A 40 -19.41 -27.42 -30.97
CA PHE A 40 -20.47 -28.26 -31.52
C PHE A 40 -21.84 -27.71 -31.14
N SER A 41 -21.90 -26.95 -30.03
CA SER A 41 -23.13 -26.37 -29.51
C SER A 41 -24.13 -27.43 -29.07
N SER A 42 -23.72 -28.70 -29.12
CA SER A 42 -24.60 -29.81 -28.74
C SER A 42 -23.79 -31.08 -28.50
N GLY B 11 5.84 6.82 0.21
CA GLY B 11 4.52 6.69 -0.40
C GLY B 11 4.58 6.17 -1.82
N ASP B 12 5.42 5.18 -2.05
CA ASP B 12 5.59 4.60 -3.39
C ASP B 12 4.74 3.35 -3.54
N GLU B 13 3.80 3.38 -4.48
CA GLU B 13 2.94 2.23 -4.74
C GLU B 13 2.67 2.10 -6.24
N ILE B 14 3.39 1.19 -6.90
CA ILE B 14 3.18 0.94 -8.32
C ILE B 14 2.95 -0.55 -8.52
N ARG B 15 1.98 -0.87 -9.37
CA ARG B 15 1.66 -2.26 -9.72
C ARG B 15 0.73 -2.29 -10.93
N GLY B 16 0.74 -3.41 -11.65
CA GLY B 16 -0.16 -3.59 -12.77
C GLY B 16 -1.45 -4.28 -12.36
N ASP B 17 -2.18 -3.67 -11.42
CA ASP B 17 -3.47 -4.18 -11.02
C ASP B 17 -4.62 -3.59 -11.84
N GLU B 18 -4.59 -2.28 -12.07
CA GLU B 18 -5.67 -1.55 -12.74
C GLU B 18 -6.16 -2.23 -14.02
N TRP B 19 -5.29 -2.94 -14.73
CA TRP B 19 -5.73 -3.60 -15.96
C TRP B 19 -6.59 -4.82 -15.69
N LEU B 20 -6.66 -5.30 -14.45
CA LEU B 20 -7.45 -6.48 -14.14
C LEU B 20 -8.91 -6.14 -13.86
N ALA B 21 -9.19 -4.93 -13.38
CA ALA B 21 -10.56 -4.52 -13.13
C ALA B 21 -11.42 -4.69 -14.37
N THR B 22 -11.05 -4.02 -15.47
CA THR B 22 -11.81 -4.16 -16.70
C THR B 22 -11.68 -5.56 -17.29
N PHE B 23 -10.57 -6.24 -17.04
CA PHE B 23 -10.33 -7.54 -17.64
C PHE B 23 -11.24 -8.60 -17.03
N SER B 24 -11.18 -8.75 -15.70
CA SER B 24 -11.98 -9.75 -15.02
C SER B 24 -13.46 -9.54 -15.26
N ASP B 25 -13.92 -8.29 -15.22
CA ASP B 25 -15.34 -8.02 -15.39
C ASP B 25 -15.78 -8.19 -16.84
N THR B 26 -14.93 -7.80 -17.79
CA THR B 26 -15.21 -8.11 -19.19
C THR B 26 -15.36 -9.60 -19.41
N ILE B 27 -14.47 -10.40 -18.82
CA ILE B 27 -14.54 -11.84 -19.04
C ILE B 27 -15.71 -12.45 -18.29
N THR B 28 -16.12 -11.88 -17.16
CA THR B 28 -17.30 -12.40 -16.50
C THR B 28 -18.59 -11.99 -17.19
N LEU B 29 -18.57 -10.92 -17.99
CA LEU B 29 -19.65 -10.69 -18.94
C LEU B 29 -19.63 -11.67 -20.10
N LEU B 30 -18.44 -11.97 -20.63
CA LEU B 30 -18.34 -12.95 -21.70
C LEU B 30 -18.82 -14.33 -21.25
N LEU B 31 -18.61 -14.67 -19.98
CA LEU B 31 -19.15 -15.93 -19.47
C LEU B 31 -20.66 -16.01 -19.63
N THR B 32 -21.37 -14.97 -19.20
CA THR B 32 -22.83 -14.98 -19.28
C THR B 32 -23.29 -14.92 -20.74
N PHE B 33 -22.63 -14.07 -21.54
CA PHE B 33 -22.87 -14.07 -22.98
C PHE B 33 -22.81 -15.48 -23.55
N PHE B 34 -21.73 -16.20 -23.26
CA PHE B 34 -21.53 -17.52 -23.82
C PHE B 34 -22.50 -18.55 -23.27
N ILE B 35 -22.85 -18.48 -21.98
CA ILE B 35 -23.76 -19.48 -21.45
C ILE B 35 -25.17 -19.24 -21.95
N LEU B 36 -25.54 -18.00 -22.26
CA LEU B 36 -26.81 -17.75 -22.92
C LEU B 36 -26.80 -18.25 -24.35
N LEU B 37 -25.75 -17.94 -25.10
CA LEU B 37 -25.64 -18.44 -26.47
C LEU B 37 -25.70 -19.97 -26.50
N TYR B 38 -25.06 -20.61 -25.51
CA TYR B 38 -25.12 -22.05 -25.38
C TYR B 38 -26.55 -22.53 -25.11
N SER B 39 -27.18 -21.95 -24.09
CA SER B 39 -28.50 -22.40 -23.68
C SER B 39 -29.51 -22.30 -24.82
N PHE B 40 -29.57 -21.13 -25.46
CA PHE B 40 -30.64 -20.89 -26.42
C PHE B 40 -30.51 -21.75 -27.68
N SER B 41 -29.35 -21.68 -28.34
CA SER B 41 -29.16 -22.39 -29.60
C SER B 41 -29.38 -23.90 -29.42
N SER B 42 -28.92 -24.43 -28.29
CA SER B 42 -29.12 -25.84 -27.98
C SER B 42 -30.59 -26.21 -27.93
N VAL B 43 -31.34 -25.60 -27.01
CA VAL B 43 -32.76 -25.89 -26.85
C VAL B 43 -33.45 -24.78 -26.07
N THR C 8 -21.53 -7.85 17.38
CA THR C 8 -20.63 -8.64 16.55
C THR C 8 -20.90 -10.16 16.48
N PRO C 9 -21.53 -10.78 17.50
CA PRO C 9 -21.94 -12.18 17.31
C PRO C 9 -23.27 -12.31 16.59
N ILE C 10 -24.07 -11.25 16.55
CA ILE C 10 -25.29 -11.24 15.76
C ILE C 10 -24.96 -11.17 14.27
N GLY C 11 -23.86 -10.49 13.93
CA GLY C 11 -23.56 -10.24 12.54
C GLY C 11 -23.30 -11.49 11.72
N PHE C 12 -22.72 -12.52 12.33
CA PHE C 12 -22.34 -13.71 11.58
C PHE C 12 -23.57 -14.46 11.08
N VAL C 13 -24.50 -14.77 11.98
CA VAL C 13 -25.72 -15.47 11.60
C VAL C 13 -26.49 -14.65 10.58
N LEU C 14 -26.38 -13.32 10.66
CA LEU C 14 -27.10 -12.47 9.72
C LEU C 14 -26.46 -12.50 8.34
N CYS C 15 -25.14 -12.36 8.28
CA CYS C 15 -24.43 -12.39 7.00
C CYS C 15 -24.53 -13.75 6.33
N PHE C 16 -24.75 -14.81 7.10
CA PHE C 16 -24.97 -16.10 6.47
C PHE C 16 -26.43 -16.32 6.11
N GLY C 17 -27.36 -15.86 6.96
CA GLY C 17 -28.77 -16.08 6.66
C GLY C 17 -29.24 -15.27 5.46
N LEU C 18 -28.73 -14.05 5.31
CA LEU C 18 -29.13 -13.24 4.18
C LEU C 18 -28.63 -13.83 2.86
N VAL C 19 -27.37 -14.26 2.82
CA VAL C 19 -26.88 -14.90 1.60
C VAL C 19 -27.54 -16.25 1.37
N LEU C 20 -27.94 -16.98 2.42
CA LEU C 20 -28.68 -18.21 2.23
C LEU C 20 -30.08 -17.95 1.70
N TRP C 21 -30.71 -16.85 2.10
CA TRP C 21 -31.99 -16.46 1.53
C TRP C 21 -31.84 -16.07 0.08
N GLY C 22 -30.76 -15.35 -0.26
CA GLY C 22 -30.49 -15.03 -1.65
C GLY C 22 -30.20 -16.23 -2.52
N MET C 23 -29.47 -17.21 -1.99
CA MET C 23 -29.17 -18.44 -2.71
C MET C 23 -30.39 -19.30 -2.97
N ALA C 24 -31.51 -19.03 -2.29
CA ALA C 24 -32.69 -19.86 -2.39
C ALA C 24 -33.93 -19.14 -2.90
N SER C 25 -33.92 -17.81 -2.96
CA SER C 25 -35.12 -17.07 -3.35
C SER C 25 -35.54 -17.43 -4.78
N GLY C 26 -34.58 -17.81 -5.61
CA GLY C 26 -34.93 -18.29 -6.94
C GLY C 26 -35.80 -19.52 -6.90
N GLY C 27 -35.68 -20.31 -5.84
CA GLY C 27 -36.42 -21.54 -5.72
C GLY C 27 -35.54 -22.75 -5.98
N SER C 28 -34.28 -22.49 -6.29
CA SER C 28 -33.33 -23.56 -6.59
C SER C 28 -33.07 -24.41 -5.35
N ASN C 29 -32.62 -25.64 -5.56
CA ASN C 29 -32.27 -26.52 -4.46
C ASN C 29 -30.86 -26.17 -3.96
N LEU C 30 -30.74 -25.89 -2.67
CA LEU C 30 -29.44 -25.57 -2.09
C LEU C 30 -28.58 -26.82 -1.95
N LYS C 31 -29.10 -27.96 -2.40
CA LYS C 31 -28.32 -29.20 -2.34
C LYS C 31 -27.04 -29.11 -3.15
N VAL C 32 -27.04 -28.28 -4.19
CA VAL C 32 -25.87 -28.15 -5.05
C VAL C 32 -24.80 -27.25 -4.46
N PHE C 33 -25.11 -26.49 -3.43
CA PHE C 33 -24.13 -25.64 -2.77
C PHE C 33 -23.40 -26.35 -1.64
N TRP C 34 -23.44 -27.68 -1.60
CA TRP C 34 -22.86 -28.41 -0.48
C TRP C 34 -22.16 -29.66 -0.98
N ASP C 35 -20.84 -29.68 -0.86
CA ASP C 35 -20.07 -30.92 -0.88
C ASP C 35 -19.04 -30.82 0.23
N VAL C 36 -18.87 -31.90 0.97
CA VAL C 36 -18.09 -31.81 2.21
C VAL C 36 -16.59 -31.81 1.93
N ALA C 37 -16.17 -32.43 0.82
CA ALA C 37 -14.75 -32.41 0.48
C ALA C 37 -14.25 -30.99 0.28
N SER C 38 -15.01 -30.16 -0.44
CA SER C 38 -14.56 -28.81 -0.77
C SER C 38 -14.41 -27.94 0.46
N VAL C 39 -15.30 -28.12 1.46
CA VAL C 39 -15.12 -27.41 2.72
C VAL C 39 -13.74 -27.71 3.29
N PHE C 40 -13.34 -28.98 3.24
CA PHE C 40 -12.04 -29.35 3.77
C PHE C 40 -10.91 -28.77 2.94
N ILE C 41 -10.98 -28.92 1.61
CA ILE C 41 -9.95 -28.32 0.76
C ILE C 41 -9.76 -26.85 1.13
N THR C 42 -10.83 -26.06 1.04
CA THR C 42 -10.72 -24.63 1.31
C THR C 42 -10.17 -24.34 2.71
N ILE C 43 -10.88 -24.77 3.75
CA ILE C 43 -10.55 -24.33 5.09
C ILE C 43 -9.25 -24.97 5.58
N GLY C 44 -9.09 -26.27 5.37
CA GLY C 44 -7.85 -26.92 5.73
C GLY C 44 -6.64 -26.34 5.02
N GLY C 45 -6.75 -26.06 3.72
CA GLY C 45 -5.62 -25.47 3.02
C GLY C 45 -5.30 -24.08 3.54
N SER C 46 -6.33 -23.26 3.78
CA SER C 46 -6.07 -21.93 4.30
C SER C 46 -5.39 -22.00 5.66
N MET C 47 -5.87 -22.87 6.55
CA MET C 47 -5.27 -22.94 7.88
C MET C 47 -3.89 -23.60 7.83
N ALA C 48 -3.66 -24.48 6.86
CA ALA C 48 -2.34 -25.08 6.69
C ALA C 48 -1.32 -24.04 6.26
N ALA C 49 -1.61 -23.33 5.16
CA ALA C 49 -0.77 -22.22 4.75
C ALA C 49 -0.63 -21.19 5.84
N MET C 50 -1.63 -21.08 6.73
CA MET C 50 -1.52 -20.17 7.86
C MET C 50 -0.52 -20.68 8.89
N LEU C 51 -0.50 -21.98 9.12
CA LEU C 51 0.50 -22.58 10.01
C LEU C 51 1.90 -22.39 9.44
N ILE C 52 2.06 -22.59 8.13
CA ILE C 52 3.32 -22.25 7.48
C ILE C 52 3.66 -20.78 7.69
N THR C 53 2.66 -19.91 7.59
CA THR C 53 2.88 -18.48 7.56
C THR C 53 3.18 -17.91 8.94
N TYR C 54 2.47 -18.39 9.96
CA TYR C 54 2.59 -17.78 11.27
C TYR C 54 3.01 -18.81 12.31
N PRO C 55 3.86 -18.42 13.26
CA PRO C 55 4.30 -19.35 14.30
C PRO C 55 3.47 -19.22 15.58
N MET C 56 3.53 -20.27 16.38
CA MET C 56 3.05 -20.16 17.75
C MET C 56 3.85 -19.09 18.49
N ASP C 57 3.32 -18.65 19.63
CA ASP C 57 3.71 -17.45 20.37
C ASP C 57 3.22 -16.21 19.63
N GLU C 58 2.76 -16.36 18.39
CA GLU C 58 2.14 -15.28 17.65
C GLU C 58 0.86 -15.71 16.94
N PHE C 59 0.61 -17.02 16.80
CA PHE C 59 -0.71 -17.55 16.49
C PHE C 59 -1.55 -17.73 17.75
N LYS C 60 -0.91 -17.87 18.90
CA LYS C 60 -1.58 -17.98 20.18
C LYS C 60 -1.86 -16.61 20.79
N ARG C 61 -1.44 -15.54 20.13
CA ARG C 61 -1.82 -14.20 20.56
C ARG C 61 -2.95 -13.63 19.72
N LEU C 62 -3.30 -14.28 18.62
CA LEU C 62 -4.53 -13.93 17.91
C LEU C 62 -5.74 -14.28 18.74
N LEU C 63 -5.65 -15.34 19.55
CA LEU C 63 -6.81 -15.77 20.33
C LEU C 63 -7.07 -14.88 21.53
N ILE C 64 -6.02 -14.38 22.19
CA ILE C 64 -6.24 -13.52 23.35
C ILE C 64 -6.83 -12.17 22.98
N VAL C 65 -6.79 -11.79 21.71
CA VAL C 65 -7.44 -10.57 21.26
C VAL C 65 -8.75 -10.83 20.52
N ILE C 66 -8.86 -11.91 19.77
CA ILE C 66 -10.17 -12.29 19.22
C ILE C 66 -11.11 -12.78 20.31
N ARG C 67 -10.61 -13.02 21.52
CA ARG C 67 -11.42 -13.27 22.69
C ARG C 67 -11.53 -12.04 23.58
N GLN C 68 -11.39 -10.85 22.99
CA GLN C 68 -11.65 -9.60 23.67
C GLN C 68 -12.64 -8.72 22.92
N THR C 69 -12.89 -8.99 21.64
CA THR C 69 -13.93 -8.29 20.91
C THR C 69 -15.31 -8.87 21.17
N PHE C 70 -15.38 -10.14 21.60
CA PHE C 70 -16.65 -10.76 21.97
C PHE C 70 -16.92 -10.71 23.46
N LYS C 71 -15.91 -10.41 24.27
CA LYS C 71 -15.99 -10.43 25.72
C LYS C 71 -15.29 -9.19 26.27
N ASP C 72 -15.08 -9.20 27.59
CA ASP C 72 -14.33 -8.14 28.28
C ASP C 72 -14.97 -6.78 28.03
N ASN C 73 -16.21 -6.64 28.47
CA ASN C 73 -16.95 -5.38 28.33
C ASN C 73 -16.70 -4.52 29.56
N GLY C 74 -16.13 -3.34 29.35
CA GLY C 74 -15.85 -2.43 30.45
C GLY C 74 -16.99 -1.48 30.72
N MET C 75 -16.66 -0.26 31.15
CA MET C 75 -17.67 0.75 31.44
C MET C 75 -17.22 2.11 30.93
N SER C 76 -16.40 2.11 29.89
CA SER C 76 -15.63 3.29 29.51
C SER C 76 -16.50 4.32 28.79
N ASN C 77 -15.87 5.45 28.48
CA ASN C 77 -16.36 6.53 27.61
C ASN C 77 -17.46 7.37 28.24
N ILE C 78 -18.01 6.98 29.39
CA ILE C 78 -18.86 7.88 30.14
C ILE C 78 -18.43 7.85 31.61
N ASP C 79 -17.86 6.72 32.03
CA ASP C 79 -17.45 6.56 33.41
C ASP C 79 -16.03 7.05 33.65
N VAL C 80 -15.19 7.07 32.60
CA VAL C 80 -13.84 7.61 32.74
C VAL C 80 -13.90 9.06 33.20
N ILE C 81 -14.78 9.84 32.57
CA ILE C 81 -14.88 11.26 32.90
C ILE C 81 -15.38 11.44 34.32
N GLN C 82 -16.42 10.68 34.70
CA GLN C 82 -16.94 10.74 36.06
C GLN C 82 -15.86 10.41 37.08
N ASN C 83 -15.17 9.29 36.87
CA ASN C 83 -14.09 8.87 37.75
C ASN C 83 -13.04 9.95 37.89
N PHE C 84 -12.55 10.49 36.77
CA PHE C 84 -11.47 11.46 36.86
C PHE C 84 -11.92 12.77 37.47
N VAL C 85 -13.14 13.22 37.18
CA VAL C 85 -13.62 14.46 37.77
C VAL C 85 -13.80 14.30 39.27
N ASP C 86 -14.23 13.12 39.72
CA ASP C 86 -14.37 12.93 41.16
C ASP C 86 -13.02 12.78 41.86
N LEU C 87 -12.04 12.13 41.23
CA LEU C 87 -10.71 12.12 41.82
C LEU C 87 -10.12 13.52 41.90
N SER C 88 -10.23 14.31 40.84
CA SER C 88 -9.69 15.67 40.87
C SER C 88 -10.46 16.55 41.84
N ARG C 89 -11.74 16.25 42.08
CA ARG C 89 -12.44 16.90 43.18
C ARG C 89 -11.87 16.46 44.53
N LYS C 90 -11.49 15.19 44.64
CA LYS C 90 -10.81 14.73 45.85
C LYS C 90 -9.40 15.29 45.92
N ALA C 91 -8.65 15.24 44.82
CA ALA C 91 -7.31 15.79 44.81
C ALA C 91 -7.28 17.28 45.11
N ARG C 92 -8.43 17.95 45.08
CA ARG C 92 -8.53 19.38 45.36
C ARG C 92 -8.95 19.55 46.82
N ARG C 93 -7.96 19.74 47.69
CA ARG C 93 -8.04 20.17 49.09
C ARG C 93 -8.87 19.26 49.99
N GLU C 94 -9.39 18.14 49.50
CA GLU C 94 -10.15 17.23 50.36
C GLU C 94 -9.97 15.81 49.83
N GLY C 95 -9.02 15.06 50.39
CA GLY C 95 -8.67 13.78 49.84
C GLY C 95 -7.50 13.86 48.86
N LEU C 96 -6.37 14.40 49.33
CA LEU C 96 -5.23 14.72 48.50
C LEU C 96 -4.63 13.50 47.80
N LEU C 97 -3.59 13.73 46.99
CA LEU C 97 -3.02 12.75 46.08
C LEU C 97 -2.65 11.42 46.75
N SER C 98 -2.56 11.40 48.08
CA SER C 98 -2.21 10.21 48.83
C SER C 98 -3.43 9.42 49.29
N LEU C 99 -4.54 9.51 48.56
CA LEU C 99 -5.79 8.84 48.93
C LEU C 99 -6.05 7.71 47.95
N GLU C 100 -5.80 6.48 48.39
CA GLU C 100 -6.03 5.28 47.60
C GLU C 100 -7.45 4.74 47.73
N ASP C 101 -8.26 5.35 48.60
CA ASP C 101 -9.61 4.85 48.84
C ASP C 101 -10.46 4.85 47.57
N ALA C 102 -10.28 5.84 46.71
CA ALA C 102 -11.03 5.91 45.47
C ALA C 102 -10.37 5.18 44.31
N ILE C 103 -9.04 5.04 44.34
CA ILE C 103 -8.34 4.36 43.26
C ILE C 103 -8.71 2.88 43.23
N ASN C 104 -8.80 2.25 44.39
CA ASN C 104 -9.21 0.86 44.45
C ASN C 104 -10.66 0.70 44.01
N ASN C 105 -11.03 -0.54 43.71
CA ASN C 105 -12.36 -0.94 43.26
C ASN C 105 -12.69 -0.43 41.87
N LEU C 106 -11.79 0.34 41.25
CA LEU C 106 -12.01 0.89 39.91
C LEU C 106 -11.04 0.29 38.90
N THR C 107 -10.38 -0.81 39.25
CA THR C 107 -9.37 -1.43 38.40
C THR C 107 -10.04 -2.08 37.20
N ASP C 108 -9.92 -1.47 36.02
CA ASP C 108 -10.35 -2.21 34.84
C ASP C 108 -9.21 -3.09 34.33
N ASP C 109 -8.20 -2.49 33.69
CA ASP C 109 -6.86 -3.05 33.61
C ASP C 109 -5.83 -1.94 33.61
N TYR C 110 -6.25 -0.74 33.19
CA TYR C 110 -5.36 0.32 32.76
C TYR C 110 -5.40 1.56 33.65
N MET C 111 -6.60 2.06 33.98
CA MET C 111 -6.70 3.22 34.86
C MET C 111 -5.96 2.98 36.16
N LYS C 112 -6.04 1.75 36.69
CA LYS C 112 -5.31 1.40 37.90
C LYS C 112 -3.81 1.41 37.66
N LYS C 113 -3.38 0.99 36.48
CA LYS C 113 -1.95 0.94 36.17
C LYS C 113 -1.29 2.30 36.36
N GLY C 114 -1.98 3.37 35.94
CA GLY C 114 -1.44 4.69 36.11
C GLY C 114 -1.79 5.35 37.42
N LEU C 115 -2.96 5.05 37.96
CA LEU C 115 -3.40 5.64 39.21
C LEU C 115 -2.67 5.05 40.42
N ARG C 116 -2.04 3.89 40.27
CA ARG C 116 -1.23 3.33 41.35
C ARG C 116 0.21 3.82 41.28
N MET C 117 0.64 4.28 40.11
CA MET C 117 2.00 4.80 39.93
C MET C 117 2.07 6.31 40.06
N VAL C 118 0.95 7.03 39.95
CA VAL C 118 0.98 8.47 40.14
C VAL C 118 1.14 8.82 41.62
N VAL C 119 0.56 7.99 42.51
CA VAL C 119 0.48 8.34 43.92
C VAL C 119 1.83 8.41 44.63
N ASP C 120 2.77 7.50 44.33
CA ASP C 120 4.02 7.47 45.07
C ASP C 120 5.00 8.51 44.53
N GLY C 121 5.43 8.34 43.29
CA GLY C 121 6.23 9.36 42.64
C GLY C 121 6.65 9.00 41.23
N ILE C 122 6.42 9.92 40.29
CA ILE C 122 6.84 9.80 38.90
C ILE C 122 6.89 11.19 38.30
N GLU C 123 7.56 11.30 37.16
CA GLU C 123 7.58 12.55 36.41
C GLU C 123 6.67 12.44 35.21
N PRO C 124 5.98 13.52 34.83
CA PRO C 124 5.11 13.47 33.65
C PRO C 124 5.78 12.94 32.40
N GLU C 125 7.05 13.31 32.16
CA GLU C 125 7.78 12.86 30.99
C GLU C 125 8.20 11.39 31.08
N THR C 126 7.87 10.71 32.17
CA THR C 126 8.13 9.28 32.32
C THR C 126 6.84 8.47 32.21
N ILE C 127 5.80 8.89 32.94
CA ILE C 127 4.51 8.25 32.80
C ILE C 127 3.99 8.39 31.38
N ARG C 128 4.20 9.56 30.76
CA ARG C 128 3.79 9.75 29.37
C ARG C 128 4.47 8.72 28.48
N GLU C 129 5.77 8.51 28.66
CA GLU C 129 6.51 7.60 27.80
C GLU C 129 6.07 6.16 28.01
N ILE C 130 5.94 5.73 29.27
CA ILE C 130 5.56 4.33 29.50
C ILE C 130 4.13 4.09 29.04
N MET C 131 3.25 5.08 29.18
CA MET C 131 1.88 4.95 28.69
C MET C 131 1.84 4.88 27.16
N GLU C 132 2.61 5.73 26.49
CA GLU C 132 2.71 5.65 25.04
C GLU C 132 3.20 4.27 24.61
N LEU C 133 4.18 3.72 25.33
CA LEU C 133 4.69 2.40 24.98
C LEU C 133 3.63 1.32 25.19
N GLU C 134 2.84 1.44 26.25
CA GLU C 134 1.78 0.46 26.51
C GLU C 134 0.71 0.53 25.42
N ILE C 135 0.27 1.74 25.08
CA ILE C 135 -0.71 1.88 24.01
C ILE C 135 -0.14 1.40 22.69
N ASP C 136 1.16 1.61 22.46
CA ASP C 136 1.76 1.16 21.21
C ASP C 136 1.82 -0.35 21.12
N GLU C 137 2.17 -1.02 22.22
CA GLU C 137 2.18 -2.49 22.18
C GLU C 137 0.78 -3.05 22.06
N MET C 138 -0.22 -2.41 22.68
CA MET C 138 -1.60 -2.83 22.49
C MET C 138 -2.06 -2.62 21.06
N GLU C 139 -1.62 -1.54 20.41
CA GLU C 139 -1.96 -1.31 19.01
C GLU C 139 -1.28 -2.34 18.13
N LYS C 140 -0.03 -2.69 18.45
CA LYS C 140 0.67 -3.71 17.67
C LYS C 140 0.02 -5.07 17.79
N ARG C 141 -0.47 -5.42 18.99
CA ARG C 141 -1.15 -6.70 19.15
C ARG C 141 -2.38 -6.79 18.25
N HIS C 142 -3.21 -5.75 18.26
CA HIS C 142 -4.40 -5.75 17.43
C HIS C 142 -4.06 -5.67 15.95
N LYS C 143 -3.04 -4.90 15.60
CA LYS C 143 -2.61 -4.82 14.20
C LYS C 143 -2.14 -6.17 13.69
N SER C 144 -1.41 -6.92 14.53
CA SER C 144 -0.93 -8.23 14.11
C SER C 144 -2.08 -9.23 14.00
N GLY C 145 -3.02 -9.21 14.96
CA GLY C 145 -4.18 -10.07 14.83
C GLY C 145 -5.02 -9.76 13.61
N ALA C 146 -5.19 -8.47 13.31
CA ALA C 146 -5.96 -8.07 12.14
C ALA C 146 -5.23 -8.45 10.86
N ASP C 147 -3.91 -8.32 10.85
CA ASP C 147 -3.14 -8.74 9.68
C ASP C 147 -3.23 -10.24 9.48
N MET C 148 -3.24 -11.01 10.57
CA MET C 148 -3.38 -12.46 10.44
C MET C 148 -4.76 -12.83 9.93
N LEU C 149 -5.81 -12.16 10.41
CA LEU C 149 -7.15 -12.48 9.92
C LEU C 149 -7.33 -12.04 8.47
N LYS C 150 -6.76 -10.90 8.08
CA LYS C 150 -6.81 -10.49 6.69
C LYS C 150 -6.01 -11.43 5.79
N THR C 151 -4.86 -11.90 6.27
CA THR C 151 -4.08 -12.87 5.51
C THR C 151 -4.84 -14.18 5.35
N TRP C 152 -5.62 -14.56 6.35
CA TRP C 152 -6.42 -15.77 6.25
C TRP C 152 -7.58 -15.58 5.28
N GLY C 153 -8.20 -14.39 5.29
CA GLY C 153 -9.13 -14.04 4.25
C GLY C 153 -8.50 -13.92 2.88
N GLY C 154 -7.18 -13.81 2.82
CA GLY C 154 -6.48 -13.85 1.55
C GLY C 154 -6.18 -15.24 1.05
N TYR C 155 -5.73 -16.13 1.95
CA TYR C 155 -5.47 -17.52 1.58
C TYR C 155 -6.74 -18.34 1.42
N ALA C 156 -7.87 -17.90 1.98
CA ALA C 156 -9.09 -18.69 1.81
C ALA C 156 -9.55 -18.74 0.37
N PRO C 157 -9.72 -17.63 -0.36
CA PRO C 157 -10.10 -17.74 -1.76
C PRO C 157 -8.98 -18.22 -2.65
N ALA C 158 -7.73 -18.02 -2.26
CA ALA C 158 -6.61 -18.60 -2.99
C ALA C 158 -6.72 -20.11 -3.04
N PHE C 159 -6.93 -20.75 -1.88
CA PHE C 159 -7.07 -22.20 -1.85
C PHE C 159 -8.43 -22.65 -2.36
N GLY C 160 -9.45 -21.80 -2.29
CA GLY C 160 -10.68 -22.11 -3.01
C GLY C 160 -10.45 -22.19 -4.51
N MET C 161 -9.64 -21.28 -5.04
CA MET C 161 -9.26 -21.34 -6.45
C MET C 161 -8.45 -22.60 -6.74
N VAL C 162 -7.51 -22.94 -5.85
CA VAL C 162 -6.75 -24.17 -5.99
C VAL C 162 -7.69 -25.37 -6.09
N GLY C 163 -8.67 -25.45 -5.20
CA GLY C 163 -9.62 -26.56 -5.23
C GLY C 163 -10.50 -26.55 -6.46
N THR C 164 -10.89 -25.37 -6.93
CA THR C 164 -11.60 -25.26 -8.20
C THR C 164 -10.79 -25.88 -9.32
N LEU C 165 -9.51 -25.55 -9.36
CA LEU C 165 -8.64 -26.12 -10.40
C LEU C 165 -8.49 -27.62 -10.24
N ILE C 166 -8.37 -28.09 -9.00
CA ILE C 166 -8.31 -29.54 -8.76
C ILE C 166 -9.55 -30.22 -9.32
N GLY C 167 -10.72 -29.62 -9.12
CA GLY C 167 -11.94 -30.24 -9.59
C GLY C 167 -12.10 -30.13 -11.10
N LEU C 168 -11.57 -29.08 -11.70
CA LEU C 168 -11.68 -28.90 -13.14
C LEU C 168 -10.70 -29.73 -13.94
N ILE C 169 -9.47 -29.91 -13.44
CA ILE C 169 -8.46 -30.66 -14.19
C ILE C 169 -8.89 -32.10 -14.38
N GLN C 170 -9.45 -32.73 -13.34
CA GLN C 170 -9.90 -34.11 -13.43
C GLN C 170 -11.20 -34.25 -14.18
N MET C 171 -11.65 -33.19 -14.86
CA MET C 171 -12.84 -33.23 -15.69
C MET C 171 -12.55 -33.34 -17.17
N LEU C 172 -11.36 -32.90 -17.60
CA LEU C 172 -11.02 -33.00 -19.02
C LEU C 172 -10.64 -34.43 -19.40
N ALA C 173 -10.20 -35.22 -18.42
CA ALA C 173 -9.94 -36.64 -18.69
C ALA C 173 -11.22 -37.36 -19.09
N ASN C 174 -12.27 -37.22 -18.29
CA ASN C 174 -13.54 -37.87 -18.55
C ASN C 174 -14.44 -36.97 -19.40
N LEU C 175 -13.93 -36.62 -20.59
CA LEU C 175 -14.58 -35.64 -21.45
C LEU C 175 -15.49 -36.33 -22.46
N THR C 176 -16.59 -36.87 -21.94
CA THR C 176 -17.70 -37.29 -22.80
C THR C 176 -18.52 -36.05 -23.15
N ASP C 177 -19.67 -36.23 -23.79
CA ASP C 177 -20.50 -35.08 -24.11
C ASP C 177 -21.94 -35.34 -23.69
N SER C 178 -22.22 -35.16 -22.39
CA SER C 178 -23.59 -34.95 -21.94
C SER C 178 -23.63 -34.43 -20.50
N SER C 179 -24.06 -33.18 -20.33
CA SER C 179 -24.54 -32.65 -19.05
C SER C 179 -23.47 -32.64 -17.95
N THR C 180 -22.36 -33.32 -18.21
CA THR C 180 -21.38 -33.53 -17.15
C THR C 180 -20.29 -32.46 -17.21
N ILE C 181 -20.00 -31.96 -18.40
CA ILE C 181 -19.05 -30.85 -18.52
C ILE C 181 -19.59 -29.63 -17.78
N ALA C 182 -20.91 -29.60 -17.58
CA ALA C 182 -21.56 -28.53 -16.82
C ALA C 182 -21.74 -28.91 -15.36
N SER C 183 -22.17 -30.15 -15.08
CA SER C 183 -22.34 -30.56 -13.69
C SER C 183 -21.02 -30.52 -12.92
N GLY C 184 -19.91 -30.86 -13.59
CA GLY C 184 -18.63 -30.85 -12.91
C GLY C 184 -18.08 -29.45 -12.74
N MET C 185 -18.37 -28.55 -13.69
CA MET C 185 -18.05 -27.15 -13.47
C MET C 185 -18.86 -26.57 -12.32
N GLY C 186 -20.09 -27.04 -12.15
CA GLY C 186 -20.89 -26.64 -11.02
C GLY C 186 -20.30 -27.10 -9.71
N LYS C 187 -20.22 -28.41 -9.51
CA LYS C 187 -19.71 -28.95 -8.25
C LYS C 187 -18.23 -28.72 -8.05
N ALA C 188 -17.52 -28.22 -9.06
CA ALA C 188 -16.11 -27.88 -8.93
C ALA C 188 -15.89 -26.42 -8.59
N LEU C 189 -16.90 -25.58 -8.79
CA LEU C 189 -16.83 -24.17 -8.48
C LEU C 189 -17.23 -23.87 -7.04
N ILE C 190 -17.78 -24.86 -6.33
CA ILE C 190 -18.18 -24.68 -4.95
C ILE C 190 -17.01 -24.28 -4.08
N THR C 191 -15.80 -24.72 -4.43
CA THR C 191 -14.66 -24.51 -3.56
C THR C 191 -14.29 -23.04 -3.47
N THR C 192 -14.28 -22.34 -4.61
CA THR C 192 -14.01 -20.90 -4.56
C THR C 192 -15.17 -20.13 -3.97
N PHE C 193 -16.39 -20.66 -4.09
CA PHE C 193 -17.51 -20.02 -3.41
C PHE C 193 -17.31 -20.04 -1.91
N TYR C 194 -17.02 -21.20 -1.33
CA TYR C 194 -16.71 -21.25 0.10
C TYR C 194 -15.51 -20.39 0.44
N GLY C 195 -14.50 -20.38 -0.42
CA GLY C 195 -13.34 -19.56 -0.16
C GLY C 195 -13.69 -18.09 -0.02
N SER C 196 -14.26 -17.52 -1.07
CA SER C 196 -14.60 -16.09 -1.06
C SER C 196 -15.64 -15.79 0.02
N LEU C 197 -16.58 -16.71 0.24
CA LEU C 197 -17.62 -16.47 1.23
C LEU C 197 -17.04 -16.38 2.63
N MET C 198 -16.21 -17.34 3.01
CA MET C 198 -15.50 -17.22 4.28
C MET C 198 -14.63 -15.98 4.31
N ALA C 199 -13.94 -15.68 3.20
CA ALA C 199 -13.03 -14.54 3.16
C ALA C 199 -13.73 -13.24 3.52
N ASN C 200 -14.84 -12.94 2.84
CA ASN C 200 -15.49 -11.66 3.02
C ASN C 200 -16.70 -11.74 3.95
N ALA C 201 -16.93 -12.87 4.62
CA ALA C 201 -17.98 -12.96 5.62
C ALA C 201 -17.47 -13.21 7.02
N VAL C 202 -16.30 -13.83 7.20
CA VAL C 202 -15.77 -14.18 8.51
C VAL C 202 -14.46 -13.46 8.79
N PHE C 203 -13.49 -13.57 7.89
CA PHE C 203 -12.13 -13.11 8.16
C PHE C 203 -11.93 -11.62 7.87
N ASN C 204 -12.21 -11.17 6.65
CA ASN C 204 -12.04 -9.77 6.34
C ASN C 204 -12.88 -8.86 7.24
N PRO C 205 -14.18 -9.10 7.44
CA PRO C 205 -14.91 -8.34 8.47
C PRO C 205 -14.26 -8.41 9.84
N MET C 206 -13.91 -9.59 10.34
CA MET C 206 -13.25 -9.68 11.64
C MET C 206 -11.88 -9.02 11.64
N GLY C 207 -11.15 -9.12 10.53
CA GLY C 207 -9.89 -8.41 10.42
C GLY C 207 -10.05 -6.92 10.59
N ALA C 208 -11.06 -6.34 9.95
CA ALA C 208 -11.37 -4.93 10.17
C ALA C 208 -11.93 -4.67 11.55
N ASN C 209 -12.60 -5.66 12.15
CA ASN C 209 -13.13 -5.50 13.50
C ASN C 209 -12.02 -5.32 14.51
N LEU C 210 -10.94 -6.09 14.37
CA LEU C 210 -9.80 -5.91 15.25
C LEU C 210 -9.23 -4.50 15.14
N MET C 211 -9.13 -3.98 13.92
CA MET C 211 -8.60 -2.63 13.74
C MET C 211 -9.53 -1.57 14.34
N PHE C 212 -10.84 -1.75 14.16
CA PHE C 212 -11.80 -0.83 14.76
C PHE C 212 -11.72 -0.84 16.28
N LYS C 213 -11.68 -2.04 16.88
CA LYS C 213 -11.53 -2.12 18.32
C LYS C 213 -10.21 -1.54 18.80
N SER C 214 -9.15 -1.68 18.00
CA SER C 214 -7.89 -1.06 18.37
C SER C 214 -8.01 0.45 18.39
N GLY C 215 -8.69 1.03 17.40
CA GLY C 215 -8.91 2.46 17.41
C GLY C 215 -9.74 2.92 18.60
N VAL C 216 -10.81 2.19 18.89
CA VAL C 216 -11.67 2.53 20.04
C VAL C 216 -10.86 2.48 21.33
N GLU C 217 -10.09 1.41 21.53
CA GLU C 217 -9.33 1.27 22.76
C GLU C 217 -8.17 2.25 22.82
N ALA C 218 -7.64 2.66 21.66
CA ALA C 218 -6.63 3.70 21.66
C ALA C 218 -7.21 5.03 22.10
N THR C 219 -8.39 5.38 21.60
CA THR C 219 -9.06 6.59 22.07
C THR C 219 -9.31 6.53 23.57
N THR C 220 -9.81 5.39 24.05
CA THR C 220 -10.09 5.24 25.48
C THR C 220 -8.83 5.37 26.32
N ARG C 221 -7.74 4.72 25.89
CA ARG C 221 -6.50 4.77 26.66
C ARG C 221 -5.84 6.13 26.57
N GLU C 222 -6.03 6.86 25.47
CA GLU C 222 -5.54 8.23 25.42
C GLU C 222 -6.34 9.13 26.36
N MET C 223 -7.65 8.89 26.45
CA MET C 223 -8.46 9.61 27.43
C MET C 223 -7.97 9.33 28.84
N VAL C 224 -7.69 8.06 29.15
CA VAL C 224 -7.21 7.69 30.47
C VAL C 224 -5.84 8.33 30.73
N LEU C 225 -4.96 8.31 29.72
CA LEU C 225 -3.65 8.93 29.86
C LEU C 225 -3.76 10.40 30.17
N GLU C 226 -4.58 11.13 29.40
CA GLU C 226 -4.77 12.55 29.65
C GLU C 226 -5.33 12.79 31.04
N GLY C 227 -6.28 11.97 31.47
CA GLY C 227 -6.81 12.09 32.81
C GLY C 227 -5.73 11.95 33.88
N VAL C 228 -4.97 10.86 33.83
CA VAL C 228 -3.95 10.62 34.85
C VAL C 228 -2.90 11.72 34.83
N LEU C 229 -2.51 12.18 33.64
CA LEU C 229 -1.59 13.31 33.56
C LEU C 229 -2.20 14.57 34.15
N ALA C 230 -3.52 14.70 34.07
CA ALA C 230 -4.17 15.84 34.68
C ALA C 230 -4.26 15.72 36.20
N ILE C 231 -4.25 14.50 36.72
CA ILE C 231 -4.28 14.33 38.18
C ILE C 231 -3.00 14.87 38.80
N GLN C 232 -1.85 14.57 38.19
CA GLN C 232 -0.57 15.05 38.70
C GLN C 232 -0.21 16.41 38.10
N SER C 233 -1.18 17.32 38.14
CA SER C 233 -0.94 18.70 37.69
C SER C 233 -1.51 19.76 38.62
N GLY C 234 -2.37 19.41 39.57
CA GLY C 234 -3.00 20.39 40.42
C GLY C 234 -4.09 21.17 39.70
N VAL C 235 -4.94 20.45 38.98
CA VAL C 235 -6.03 21.06 38.23
C VAL C 235 -7.36 20.63 38.86
N ASN C 236 -8.40 21.34 38.50
CA ASN C 236 -9.74 21.13 39.01
C ASN C 236 -10.74 20.97 37.87
N PRO C 237 -11.98 20.56 38.16
CA PRO C 237 -13.01 20.51 37.11
C PRO C 237 -13.23 21.87 36.48
N ARG C 238 -14.04 21.87 35.41
CA ARG C 238 -14.29 23.02 34.54
C ARG C 238 -13.05 23.36 33.71
N ILE C 239 -11.94 22.66 33.93
CA ILE C 239 -10.77 22.73 33.06
C ILE C 239 -10.41 21.31 32.67
N MET C 240 -10.16 20.46 33.67
CA MET C 240 -9.87 19.06 33.39
C MET C 240 -11.07 18.37 32.78
N GLU C 241 -12.28 18.65 33.27
CA GLU C 241 -13.47 18.09 32.64
C GLU C 241 -13.59 18.55 31.19
N GLU C 242 -13.36 19.85 30.96
CA GLU C 242 -13.42 20.43 29.60
C GLU C 242 -12.43 19.69 28.70
N LYS C 243 -11.24 19.36 29.23
CA LYS C 243 -10.23 18.65 28.47
C LYS C 243 -10.70 17.23 28.15
N LEU C 244 -11.03 16.46 29.19
CA LEU C 244 -11.44 15.07 29.03
C LEU C 244 -12.65 14.94 28.12
N VAL C 245 -13.62 15.83 28.28
CA VAL C 245 -14.88 15.73 27.54
C VAL C 245 -14.62 15.84 26.05
N SER C 246 -13.47 16.43 25.68
CA SER C 246 -13.15 16.56 24.26
C SER C 246 -12.54 15.26 23.73
N TYR C 247 -13.20 14.15 24.02
CA TYR C 247 -12.96 12.87 23.37
C TYR C 247 -14.25 12.16 23.02
N LEU C 248 -15.37 12.53 23.65
CA LEU C 248 -16.64 11.89 23.40
C LEU C 248 -17.27 12.43 22.13
N SER C 249 -17.95 11.54 21.40
CA SER C 249 -18.77 11.98 20.29
C SER C 249 -19.74 13.06 20.77
N PRO C 250 -20.10 14.02 19.91
CA PRO C 250 -21.08 15.04 20.28
C PRO C 250 -22.37 14.41 20.80
N PRO C 251 -22.81 13.25 20.28
CA PRO C 251 -23.90 12.53 20.95
C PRO C 251 -23.64 12.30 22.43
N GLU C 252 -22.44 11.82 22.78
CA GLU C 252 -22.13 11.58 24.18
C GLU C 252 -21.95 12.88 24.95
N ARG C 253 -21.75 14.01 24.28
CA ARG C 253 -21.68 15.28 24.97
C ARG C 253 -23.03 15.76 25.47
N GLN C 254 -24.11 15.48 24.73
CA GLN C 254 -25.45 15.75 25.23
C GLN C 254 -25.98 14.62 26.10
N ALA C 255 -25.55 13.38 25.87
CA ALA C 255 -25.92 12.27 26.73
C ALA C 255 -25.06 12.18 27.99
N TYR C 256 -24.11 13.08 28.16
CA TYR C 256 -23.33 13.19 29.39
C TYR C 256 -23.60 14.47 30.15
N SER C 257 -23.85 15.57 29.45
CA SER C 257 -24.19 16.82 30.10
C SER C 257 -25.50 16.73 30.88
N LYS C 258 -26.40 15.82 30.48
CA LYS C 258 -27.62 15.57 31.23
C LYS C 258 -27.39 14.74 32.48
N VAL C 259 -26.17 14.30 32.74
CA VAL C 259 -25.85 13.51 33.92
C VAL C 259 -24.74 14.17 34.71
N THR D 8 23.69 -11.16 -17.21
CA THR D 8 22.39 -10.58 -16.92
C THR D 8 21.40 -10.65 -18.11
N PRO D 9 21.87 -10.38 -19.34
CA PRO D 9 20.98 -10.60 -20.50
C PRO D 9 20.72 -12.06 -20.81
N ILE D 10 21.42 -12.99 -20.16
CA ILE D 10 21.20 -14.41 -20.41
C ILE D 10 19.83 -14.83 -19.90
N GLY D 11 19.26 -14.10 -18.95
CA GLY D 11 17.93 -14.41 -18.47
C GLY D 11 16.84 -13.98 -19.42
N PHE D 12 17.09 -12.94 -20.21
CA PHE D 12 16.06 -12.42 -21.10
C PHE D 12 15.73 -13.40 -22.21
N VAL D 13 16.74 -14.03 -22.80
CA VAL D 13 16.49 -15.03 -23.82
C VAL D 13 15.80 -16.25 -23.22
N LEU D 14 16.11 -16.60 -21.97
CA LEU D 14 15.48 -17.75 -21.35
C LEU D 14 14.01 -17.49 -21.04
N CYS D 15 13.69 -16.29 -20.55
CA CYS D 15 12.31 -15.98 -20.16
C CYS D 15 11.39 -15.95 -21.36
N PHE D 16 11.94 -15.85 -22.58
CA PHE D 16 11.12 -15.94 -23.77
C PHE D 16 11.20 -17.31 -24.41
N GLY D 17 12.36 -17.97 -24.36
CA GLY D 17 12.48 -19.27 -24.97
C GLY D 17 11.71 -20.34 -24.23
N LEU D 18 11.69 -20.28 -22.90
CA LEU D 18 10.94 -21.25 -22.12
C LEU D 18 9.45 -21.18 -22.44
N VAL D 19 8.87 -19.98 -22.34
CA VAL D 19 7.45 -19.81 -22.66
C VAL D 19 7.17 -20.11 -24.14
N LEU D 20 8.10 -19.80 -25.05
CA LEU D 20 7.90 -20.09 -26.46
C LEU D 20 7.89 -21.60 -26.72
N TRP D 21 8.76 -22.35 -26.03
CA TRP D 21 8.68 -23.80 -26.09
C TRP D 21 7.35 -24.28 -25.54
N GLY D 22 6.93 -23.75 -24.38
CA GLY D 22 5.62 -24.07 -23.86
C GLY D 22 4.50 -23.70 -24.80
N MET D 23 4.65 -22.60 -25.54
CA MET D 23 3.67 -22.23 -26.54
C MET D 23 3.67 -23.18 -27.73
N ALA D 24 4.75 -23.93 -27.90
CA ALA D 24 4.97 -24.75 -29.09
C ALA D 24 5.05 -26.23 -28.77
N SER D 25 4.32 -26.67 -27.74
CA SER D 25 4.36 -28.08 -27.33
C SER D 25 3.50 -28.90 -28.28
N GLY D 26 3.95 -28.97 -29.54
CA GLY D 26 3.33 -29.80 -30.55
C GLY D 26 1.83 -29.63 -30.72
N GLY D 27 1.33 -28.42 -30.44
CA GLY D 27 -0.09 -28.19 -30.54
C GLY D 27 -0.52 -27.55 -31.85
N SER D 28 0.15 -26.47 -32.25
CA SER D 28 -0.25 -25.71 -33.42
C SER D 28 0.83 -24.70 -33.75
N ASN D 29 0.84 -24.29 -35.02
CA ASN D 29 1.76 -23.26 -35.47
C ASN D 29 1.57 -21.97 -34.68
N LEU D 30 2.67 -21.29 -34.37
CA LEU D 30 2.62 -20.05 -33.62
C LEU D 30 2.26 -18.88 -34.52
N LYS D 31 1.84 -19.17 -35.75
CA LYS D 31 1.39 -18.10 -36.64
C LYS D 31 0.15 -17.40 -36.08
N VAL D 32 -0.67 -18.14 -35.33
CA VAL D 32 -1.84 -17.55 -34.70
C VAL D 32 -1.45 -16.69 -33.51
N PHE D 33 -0.33 -17.00 -32.86
CA PHE D 33 0.14 -16.22 -31.72
C PHE D 33 0.78 -14.91 -32.12
N TRP D 34 0.86 -14.60 -33.42
CA TRP D 34 1.51 -13.40 -33.91
C TRP D 34 0.55 -12.67 -34.83
N ASP D 35 0.32 -11.38 -34.54
CA ASP D 35 -0.50 -10.52 -35.38
C ASP D 35 0.09 -9.12 -35.31
N VAL D 36 0.54 -8.62 -36.47
CA VAL D 36 1.29 -7.37 -36.50
C VAL D 36 0.43 -6.20 -36.03
N ALA D 37 -0.89 -6.29 -36.21
CA ALA D 37 -1.76 -5.22 -35.71
C ALA D 37 -1.73 -5.15 -34.20
N SER D 38 -1.98 -6.29 -33.53
CA SER D 38 -2.10 -6.29 -32.07
C SER D 38 -0.78 -5.93 -31.40
N VAL D 39 0.34 -6.46 -31.91
CA VAL D 39 1.65 -6.06 -31.41
C VAL D 39 1.76 -4.54 -31.39
N PHE D 40 1.35 -3.90 -32.48
CA PHE D 40 1.54 -2.46 -32.55
C PHE D 40 0.56 -1.72 -31.66
N ILE D 41 -0.70 -2.18 -31.60
CA ILE D 41 -1.63 -1.60 -30.63
C ILE D 41 -1.03 -1.60 -29.24
N THR D 42 -0.65 -2.78 -28.75
CA THR D 42 -0.12 -2.90 -27.39
C THR D 42 1.12 -2.04 -27.18
N ILE D 43 2.15 -2.25 -27.98
CA ILE D 43 3.43 -1.63 -27.68
C ILE D 43 3.41 -0.14 -27.98
N GLY D 44 2.85 0.26 -29.13
CA GLY D 44 2.70 1.67 -29.41
C GLY D 44 1.83 2.39 -28.41
N GLY D 45 0.76 1.74 -27.92
CA GLY D 45 -0.08 2.38 -26.93
C GLY D 45 0.61 2.56 -25.60
N SER D 46 1.35 1.54 -25.14
CA SER D 46 2.09 1.69 -23.90
C SER D 46 3.19 2.74 -24.04
N MET D 47 3.86 2.77 -25.19
CA MET D 47 4.87 3.78 -25.45
C MET D 47 4.26 5.18 -25.50
N ALA D 48 3.07 5.30 -26.09
CA ALA D 48 2.41 6.59 -26.17
C ALA D 48 1.97 7.08 -24.80
N ALA D 49 1.36 6.20 -24.00
CA ALA D 49 1.02 6.58 -22.63
C ALA D 49 2.26 6.87 -21.80
N MET D 50 3.39 6.28 -22.15
CA MET D 50 4.64 6.65 -21.49
C MET D 50 5.09 8.04 -21.89
N LEU D 51 4.88 8.42 -23.15
CA LEU D 51 5.18 9.77 -23.58
C LEU D 51 4.24 10.78 -22.93
N ILE D 52 2.98 10.41 -22.74
CA ILE D 52 2.06 11.23 -21.96
C ILE D 52 2.55 11.39 -20.54
N THR D 53 3.06 10.30 -19.96
CA THR D 53 3.52 10.33 -18.57
C THR D 53 4.83 11.07 -18.45
N TYR D 54 5.88 10.57 -19.10
CA TYR D 54 7.17 11.21 -19.09
C TYR D 54 7.43 11.90 -20.43
N PRO D 55 7.93 13.13 -20.41
CA PRO D 55 8.22 13.81 -21.67
C PRO D 55 9.60 13.44 -22.20
N MET D 56 9.96 13.97 -23.36
CA MET D 56 11.31 13.78 -23.86
C MET D 56 12.32 14.49 -22.94
N ASP D 57 13.57 14.08 -23.04
CA ASP D 57 14.67 14.50 -22.17
C ASP D 57 14.47 14.03 -20.73
N GLU D 58 13.38 13.34 -20.44
CA GLU D 58 13.19 12.65 -19.18
C GLU D 58 12.73 11.20 -19.34
N PHE D 59 12.03 10.87 -20.42
CA PHE D 59 11.86 9.48 -20.83
C PHE D 59 13.04 9.00 -21.67
N LYS D 60 13.76 9.93 -22.29
CA LYS D 60 14.99 9.59 -23.00
C LYS D 60 16.12 9.27 -22.02
N ARG D 61 16.04 9.77 -20.79
CA ARG D 61 17.00 9.41 -19.77
C ARG D 61 16.79 8.02 -19.21
N LEU D 62 15.73 7.32 -19.62
CA LEU D 62 15.49 5.97 -19.14
C LEU D 62 16.62 5.04 -19.57
N LEU D 63 16.80 4.88 -20.88
CA LEU D 63 17.75 3.92 -21.41
C LEU D 63 19.18 4.19 -20.96
N ILE D 64 19.52 5.44 -20.64
CA ILE D 64 20.87 5.76 -20.21
C ILE D 64 21.09 5.46 -18.74
N VAL D 65 20.07 4.96 -18.04
CA VAL D 65 20.22 4.41 -16.70
C VAL D 65 20.02 2.90 -16.70
N ILE D 66 19.09 2.41 -17.52
CA ILE D 66 18.88 0.97 -17.63
C ILE D 66 20.05 0.27 -18.27
N ARG D 67 20.77 0.93 -19.17
CA ARG D 67 21.96 0.32 -19.76
C ARG D 67 23.06 0.14 -18.73
N GLN D 68 23.03 0.88 -17.62
CA GLN D 68 23.98 0.66 -16.55
C GLN D 68 23.70 -0.66 -15.82
N THR D 69 22.50 -1.23 -15.96
CA THR D 69 22.22 -2.50 -15.33
C THR D 69 22.78 -3.67 -16.13
N PHE D 70 22.98 -3.50 -17.44
CA PHE D 70 23.51 -4.55 -18.28
C PHE D 70 25.03 -4.57 -18.31
N LYS D 71 25.69 -3.52 -17.83
CA LYS D 71 27.13 -3.43 -17.80
C LYS D 71 27.55 -2.76 -16.50
N ASP D 72 28.81 -2.34 -16.43
CA ASP D 72 29.35 -1.60 -15.29
C ASP D 72 29.17 -2.39 -13.98
N ASN D 73 29.81 -3.55 -13.93
CA ASN D 73 29.73 -4.40 -12.76
C ASN D 73 30.64 -3.87 -11.66
N GLY D 74 30.31 -4.23 -10.42
CA GLY D 74 31.05 -3.81 -9.26
C GLY D 74 31.97 -4.89 -8.71
N MET D 75 33.11 -4.47 -8.17
CA MET D 75 34.09 -5.36 -7.58
C MET D 75 33.88 -5.57 -6.09
N SER D 76 32.79 -5.08 -5.54
CA SER D 76 32.66 -4.94 -4.09
C SER D 76 32.43 -6.28 -3.41
N ASN D 77 32.22 -6.19 -2.09
CA ASN D 77 31.81 -7.27 -1.20
C ASN D 77 32.91 -8.29 -0.93
N ILE D 78 34.02 -8.23 -1.68
CA ILE D 78 35.19 -9.01 -1.30
C ILE D 78 36.41 -8.10 -1.38
N ASP D 79 36.32 -7.06 -2.21
CA ASP D 79 37.47 -6.22 -2.50
C ASP D 79 37.44 -4.87 -1.79
N VAL D 80 36.25 -4.35 -1.49
CA VAL D 80 36.18 -3.15 -0.66
C VAL D 80 36.88 -3.37 0.66
N ILE D 81 36.68 -4.55 1.25
CA ILE D 81 37.29 -4.85 2.54
C ILE D 81 38.80 -4.87 2.42
N GLN D 82 39.32 -5.53 1.38
CA GLN D 82 40.77 -5.61 1.20
C GLN D 82 41.38 -4.24 0.92
N ASN D 83 40.80 -3.50 -0.03
CA ASN D 83 41.27 -2.17 -0.38
C ASN D 83 41.09 -1.16 0.74
N PHE D 84 40.28 -1.47 1.75
CA PHE D 84 40.22 -0.62 2.92
C PHE D 84 41.20 -1.02 4.00
N VAL D 85 41.37 -2.32 4.25
CA VAL D 85 42.29 -2.74 5.30
C VAL D 85 43.73 -2.42 4.91
N ASP D 86 44.09 -2.58 3.62
CA ASP D 86 45.46 -2.26 3.25
C ASP D 86 45.69 -0.75 3.29
N LEU D 87 44.69 0.04 2.89
CA LEU D 87 44.79 1.48 3.03
C LEU D 87 44.94 1.91 4.47
N SER D 88 44.23 1.26 5.39
CA SER D 88 44.36 1.58 6.81
C SER D 88 45.75 1.21 7.32
N ARG D 89 46.23 0.02 6.97
CA ARG D 89 47.57 -0.39 7.38
C ARG D 89 48.65 0.50 6.77
N LYS D 90 48.39 1.09 5.61
CA LYS D 90 49.36 1.97 4.96
C LYS D 90 49.32 3.39 5.51
N ALA D 91 48.14 3.87 5.92
CA ALA D 91 48.04 5.20 6.51
C ALA D 91 48.47 5.19 7.97
N ARG D 92 47.79 4.42 8.80
CA ARG D 92 48.23 4.21 10.17
C ARG D 92 49.54 3.44 10.18
N ARG D 93 50.43 3.80 11.10
CA ARG D 93 51.72 3.17 11.35
C ARG D 93 52.75 3.47 10.27
N GLU D 94 52.34 4.12 9.17
CA GLU D 94 53.25 4.35 8.05
C GLU D 94 52.94 5.73 7.46
N GLY D 95 53.88 6.65 7.57
CA GLY D 95 53.68 7.97 6.99
C GLY D 95 52.53 8.69 7.66
N LEU D 96 51.50 8.97 6.87
CA LEU D 96 50.31 9.67 7.38
C LEU D 96 49.12 9.29 6.51
N LEU D 97 47.94 9.76 6.90
CA LEU D 97 46.71 9.48 6.18
C LEU D 97 46.64 10.20 4.84
N SER D 98 47.52 11.17 4.58
CA SER D 98 47.50 11.94 3.35
C SER D 98 48.35 11.30 2.25
N LEU D 99 48.56 9.99 2.31
CA LEU D 99 49.35 9.30 1.30
C LEU D 99 48.56 9.20 0.00
N GLU D 100 48.77 10.16 -0.90
CA GLU D 100 48.07 10.21 -2.17
C GLU D 100 48.65 9.27 -3.21
N ASP D 101 49.87 8.77 -3.00
CA ASP D 101 50.50 7.89 -3.98
C ASP D 101 49.67 6.63 -4.21
N ALA D 102 49.17 6.01 -3.15
CA ALA D 102 48.44 4.75 -3.26
C ALA D 102 46.94 4.94 -3.15
N ILE D 103 46.47 6.17 -2.90
CA ILE D 103 45.03 6.41 -2.88
C ILE D 103 44.44 6.31 -4.28
N ASN D 104 45.26 6.48 -5.31
CA ASN D 104 44.83 6.35 -6.70
C ASN D 104 45.04 4.90 -7.14
N ASN D 105 44.99 4.66 -8.45
CA ASN D 105 45.17 3.37 -9.13
C ASN D 105 43.96 2.46 -8.95
N LEU D 106 42.93 2.89 -8.21
CA LEU D 106 41.71 2.12 -8.05
C LEU D 106 40.49 3.04 -8.08
N THR D 107 40.61 4.13 -8.84
CA THR D 107 39.54 5.12 -8.92
C THR D 107 38.40 4.58 -9.78
N ASP D 108 37.46 3.85 -9.16
CA ASP D 108 36.43 3.16 -9.96
C ASP D 108 35.17 4.01 -10.10
N ASP D 109 34.43 4.23 -9.01
CA ASP D 109 33.33 5.19 -9.09
C ASP D 109 33.18 6.10 -7.88
N TYR D 110 33.31 5.56 -6.68
CA TYR D 110 32.74 6.24 -5.52
C TYR D 110 33.67 6.27 -4.31
N MET D 111 34.55 5.28 -4.18
CA MET D 111 35.46 5.26 -3.05
C MET D 111 36.30 6.52 -2.99
N LYS D 112 36.80 6.96 -4.14
CA LYS D 112 37.61 8.17 -4.21
C LYS D 112 36.78 9.43 -3.98
N LYS D 113 35.47 9.33 -4.19
CA LYS D 113 34.56 10.49 -3.98
C LYS D 113 34.74 11.01 -2.55
N GLY D 114 35.02 10.10 -1.60
CA GLY D 114 35.20 10.48 -0.21
C GLY D 114 36.66 10.42 0.20
N LEU D 115 37.43 9.55 -0.45
CA LEU D 115 38.84 9.42 -0.13
C LEU D 115 39.64 10.65 -0.54
N ARG D 116 39.25 11.33 -1.61
CA ARG D 116 39.88 12.60 -1.95
C ARG D 116 39.53 13.69 -0.93
N MET D 117 38.47 13.48 -0.16
CA MET D 117 38.05 14.45 0.83
C MET D 117 38.65 14.20 2.21
N VAL D 118 38.84 12.94 2.60
CA VAL D 118 39.42 12.66 3.91
C VAL D 118 40.87 13.10 3.97
N VAL D 119 41.57 13.05 2.84
CA VAL D 119 42.92 13.60 2.77
C VAL D 119 42.90 15.12 2.82
N ASP D 120 41.74 15.74 2.60
CA ASP D 120 41.58 17.17 2.75
C ASP D 120 41.09 17.49 4.17
N GLY D 121 41.11 18.78 4.50
CA GLY D 121 40.73 19.19 5.83
C GLY D 121 39.24 19.37 5.99
N ILE D 122 38.58 18.36 6.56
CA ILE D 122 37.14 18.38 6.77
C ILE D 122 36.83 17.85 8.17
N GLU D 123 35.55 17.74 8.48
CA GLU D 123 35.11 17.11 9.72
C GLU D 123 34.34 15.85 9.34
N PRO D 124 34.25 14.87 10.25
CA PRO D 124 33.55 13.62 9.91
C PRO D 124 32.09 13.80 9.58
N GLU D 125 31.50 14.93 9.96
CA GLU D 125 30.08 15.15 9.70
C GLU D 125 29.81 15.60 8.27
N THR D 126 30.61 16.50 7.72
CA THR D 126 30.35 17.00 6.37
C THR D 126 30.60 15.93 5.32
N ILE D 127 31.66 15.13 5.52
CA ILE D 127 31.90 14.01 4.61
C ILE D 127 30.77 13.00 4.72
N ARG D 128 30.32 12.72 5.94
CA ARG D 128 29.17 11.83 6.13
C ARG D 128 27.95 12.35 5.38
N GLU D 129 27.72 13.66 5.43
CA GLU D 129 26.54 14.25 4.80
C GLU D 129 26.64 14.28 3.28
N ILE D 130 27.82 14.47 2.73
CA ILE D 130 27.98 14.39 1.28
C ILE D 130 27.80 12.94 0.81
N MET D 131 28.39 11.99 1.53
CA MET D 131 28.29 10.59 1.13
C MET D 131 26.87 10.07 1.25
N GLU D 132 26.20 10.39 2.36
CA GLU D 132 24.82 9.96 2.55
C GLU D 132 23.91 10.59 1.51
N LEU D 133 24.16 11.85 1.16
CA LEU D 133 23.37 12.49 0.11
C LEU D 133 23.57 11.80 -1.23
N GLU D 134 24.82 11.43 -1.54
CA GLU D 134 25.08 10.69 -2.77
C GLU D 134 24.35 9.36 -2.79
N ILE D 135 24.41 8.62 -1.67
CA ILE D 135 23.72 7.33 -1.61
C ILE D 135 22.21 7.52 -1.77
N ASP D 136 21.64 8.49 -1.05
CA ASP D 136 20.21 8.72 -1.14
C ASP D 136 19.79 9.10 -2.55
N GLU D 137 20.56 9.93 -3.23
CA GLU D 137 20.17 10.34 -4.58
C GLU D 137 20.39 9.22 -5.58
N MET D 138 21.35 8.32 -5.33
CA MET D 138 21.46 7.13 -6.15
C MET D 138 20.23 6.24 -5.99
N GLU D 139 19.83 5.98 -4.75
CA GLU D 139 18.61 5.21 -4.51
C GLU D 139 17.40 5.88 -5.15
N LYS D 140 17.35 7.22 -5.14
CA LYS D 140 16.22 7.92 -5.71
C LYS D 140 16.20 7.83 -7.23
N ARG D 141 17.37 7.93 -7.87
CA ARG D 141 17.45 7.77 -9.32
C ARG D 141 17.06 6.36 -9.73
N HIS D 142 17.51 5.35 -8.98
CA HIS D 142 17.11 3.99 -9.28
C HIS D 142 15.63 3.76 -9.03
N LYS D 143 15.08 4.36 -7.96
CA LYS D 143 13.64 4.31 -7.72
C LYS D 143 12.87 4.96 -8.86
N SER D 144 13.40 6.05 -9.43
CA SER D 144 12.74 6.69 -10.55
C SER D 144 12.74 5.79 -11.78
N GLY D 145 13.89 5.19 -12.09
CA GLY D 145 13.94 4.25 -13.20
C GLY D 145 13.03 3.04 -13.00
N ALA D 146 13.03 2.49 -11.79
CA ALA D 146 12.19 1.33 -11.51
C ALA D 146 10.71 1.69 -11.56
N ASP D 147 10.34 2.89 -11.09
CA ASP D 147 8.98 3.37 -11.26
C ASP D 147 8.63 3.50 -12.73
N MET D 148 9.52 4.07 -13.53
CA MET D 148 9.28 4.22 -14.96
C MET D 148 9.13 2.87 -15.65
N LEU D 149 9.75 1.83 -15.09
CA LEU D 149 9.62 0.51 -15.70
C LEU D 149 8.36 -0.22 -15.24
N LYS D 150 8.05 -0.16 -13.94
CA LYS D 150 6.80 -0.76 -13.46
C LYS D 150 5.58 -0.07 -14.04
N THR D 151 5.66 1.25 -14.26
CA THR D 151 4.54 1.98 -14.84
C THR D 151 4.29 1.56 -16.28
N TRP D 152 5.35 1.30 -17.04
CA TRP D 152 5.19 0.81 -18.39
C TRP D 152 4.70 -0.63 -18.39
N GLY D 153 5.17 -1.43 -17.45
CA GLY D 153 4.60 -2.75 -17.24
C GLY D 153 3.14 -2.72 -16.87
N GLY D 154 2.68 -1.60 -16.31
CA GLY D 154 1.26 -1.45 -16.03
C GLY D 154 0.48 -1.00 -17.26
N TYR D 155 1.06 -0.11 -18.07
CA TYR D 155 0.36 0.35 -19.26
C TYR D 155 0.27 -0.72 -20.33
N ALA D 156 1.26 -1.62 -20.42
CA ALA D 156 1.24 -2.64 -21.46
C ALA D 156 -0.01 -3.51 -21.43
N PRO D 157 -0.39 -4.14 -20.30
CA PRO D 157 -1.62 -4.95 -20.32
C PRO D 157 -2.88 -4.12 -20.32
N ALA D 158 -2.85 -2.90 -19.79
CA ALA D 158 -4.00 -2.02 -19.88
C ALA D 158 -4.35 -1.76 -21.34
N PHE D 159 -3.36 -1.39 -22.15
CA PHE D 159 -3.62 -1.19 -23.58
C PHE D 159 -3.84 -2.49 -24.31
N GLY D 160 -3.26 -3.59 -23.84
CA GLY D 160 -3.63 -4.88 -24.39
C GLY D 160 -5.11 -5.18 -24.21
N MET D 161 -5.65 -4.84 -23.04
CA MET D 161 -7.09 -5.02 -22.82
C MET D 161 -7.90 -4.02 -23.62
N VAL D 162 -7.39 -2.80 -23.80
CA VAL D 162 -8.05 -1.85 -24.69
C VAL D 162 -8.18 -2.43 -26.08
N GLY D 163 -7.09 -2.98 -26.61
CA GLY D 163 -7.14 -3.61 -27.92
C GLY D 163 -8.02 -4.85 -27.94
N THR D 164 -8.06 -5.60 -26.84
CA THR D 164 -8.98 -6.72 -26.74
C THR D 164 -10.42 -6.26 -26.88
N LEU D 165 -10.77 -5.19 -26.16
CA LEU D 165 -12.13 -4.64 -26.27
C LEU D 165 -12.40 -4.14 -27.67
N ILE D 166 -11.42 -3.48 -28.30
CA ILE D 166 -11.59 -3.03 -29.68
C ILE D 166 -11.90 -4.21 -30.59
N GLY D 167 -11.12 -5.28 -30.47
CA GLY D 167 -11.33 -6.45 -31.30
C GLY D 167 -12.66 -7.13 -31.03
N LEU D 168 -13.08 -7.20 -29.78
CA LEU D 168 -14.37 -7.78 -29.45
C LEU D 168 -15.54 -6.95 -29.97
N ILE D 169 -15.47 -5.63 -29.83
CA ILE D 169 -16.50 -4.77 -30.40
C ILE D 169 -16.59 -4.99 -31.90
N GLN D 170 -15.48 -4.83 -32.62
CA GLN D 170 -15.54 -4.96 -34.07
C GLN D 170 -15.67 -6.41 -34.53
N MET D 171 -15.65 -7.36 -33.61
CA MET D 171 -16.00 -8.74 -33.93
C MET D 171 -17.49 -8.99 -33.79
N LEU D 172 -18.10 -8.53 -32.71
CA LEU D 172 -19.54 -8.64 -32.52
C LEU D 172 -20.23 -7.65 -33.46
N ALA D 173 -21.46 -7.99 -33.85
CA ALA D 173 -22.27 -7.17 -34.75
C ALA D 173 -21.56 -6.92 -36.08
N ASN D 174 -20.59 -7.78 -36.38
CA ASN D 174 -19.83 -7.68 -37.62
C ASN D 174 -19.65 -9.08 -38.19
N LEU D 175 -20.19 -10.07 -37.51
CA LEU D 175 -19.99 -11.47 -37.84
C LEU D 175 -21.32 -12.12 -38.25
N THR D 176 -21.23 -13.37 -38.69
CA THR D 176 -22.39 -14.12 -39.15
C THR D 176 -22.90 -15.12 -38.12
N ASP D 177 -22.27 -15.18 -36.94
CA ASP D 177 -22.77 -15.96 -35.81
C ASP D 177 -22.78 -17.46 -36.08
N SER D 178 -21.84 -17.95 -36.89
CA SER D 178 -21.80 -19.38 -37.16
C SER D 178 -20.55 -20.03 -36.57
N SER D 179 -19.38 -19.54 -36.98
CA SER D 179 -18.13 -20.06 -36.43
C SER D 179 -17.06 -18.98 -36.25
N THR D 180 -17.38 -17.72 -36.55
CA THR D 180 -16.42 -16.63 -36.42
C THR D 180 -16.21 -16.20 -34.97
N ILE D 181 -17.09 -16.64 -34.06
CA ILE D 181 -17.00 -16.23 -32.66
C ILE D 181 -15.65 -16.61 -32.07
N ALA D 182 -15.15 -17.80 -32.39
CA ALA D 182 -13.95 -18.33 -31.77
C ALA D 182 -12.69 -17.63 -32.30
N SER D 183 -12.46 -17.71 -33.60
CA SER D 183 -11.27 -17.12 -34.22
C SER D 183 -11.17 -15.63 -33.91
N GLY D 184 -12.31 -14.94 -33.93
CA GLY D 184 -12.33 -13.53 -33.58
C GLY D 184 -11.86 -13.30 -32.16
N MET D 185 -12.34 -14.12 -31.23
CA MET D 185 -11.88 -14.01 -29.84
C MET D 185 -10.39 -14.28 -29.73
N GLY D 186 -9.87 -15.25 -30.49
CA GLY D 186 -8.45 -15.53 -30.46
C GLY D 186 -7.62 -14.35 -30.91
N LYS D 187 -7.91 -13.87 -32.12
CA LYS D 187 -7.17 -12.72 -32.64
C LYS D 187 -7.45 -11.44 -31.87
N ALA D 188 -8.49 -11.41 -31.03
CA ALA D 188 -8.68 -10.29 -30.12
C ALA D 188 -7.78 -10.40 -28.90
N LEU D 189 -7.91 -11.50 -28.15
CA LEU D 189 -7.09 -11.73 -26.97
C LEU D 189 -5.61 -11.83 -27.25
N ILE D 190 -5.21 -11.95 -28.52
CA ILE D 190 -3.79 -11.86 -28.85
C ILE D 190 -3.18 -10.59 -28.27
N THR D 191 -3.96 -9.51 -28.26
CA THR D 191 -3.45 -8.22 -27.81
C THR D 191 -3.16 -8.23 -26.31
N THR D 192 -4.10 -8.71 -25.51
CA THR D 192 -3.86 -8.79 -24.07
C THR D 192 -2.82 -9.85 -23.73
N PHE D 193 -2.70 -10.89 -24.55
CA PHE D 193 -1.59 -11.83 -24.37
C PHE D 193 -0.26 -11.11 -24.51
N TYR D 194 -0.09 -10.34 -25.59
CA TYR D 194 1.14 -9.59 -25.78
C TYR D 194 1.39 -8.63 -24.63
N GLY D 195 0.34 -7.93 -24.18
CA GLY D 195 0.52 -6.98 -23.10
C GLY D 195 0.96 -7.64 -21.81
N SER D 196 0.21 -8.64 -21.35
CA SER D 196 0.58 -9.37 -20.15
C SER D 196 1.96 -10.00 -20.26
N LEU D 197 2.29 -10.61 -21.40
CA LEU D 197 3.58 -11.25 -21.55
C LEU D 197 4.72 -10.24 -21.47
N MET D 198 4.66 -9.19 -22.28
CA MET D 198 5.70 -8.17 -22.22
C MET D 198 5.84 -7.59 -20.82
N ALA D 199 4.71 -7.30 -20.15
CA ALA D 199 4.77 -6.67 -18.84
C ALA D 199 5.61 -7.48 -17.87
N ASN D 200 5.16 -8.68 -17.51
CA ASN D 200 5.81 -9.48 -16.49
C ASN D 200 7.05 -10.22 -16.99
N ALA D 201 7.31 -10.22 -18.30
CA ALA D 201 8.54 -10.84 -18.80
C ALA D 201 9.68 -9.85 -18.97
N VAL D 202 9.39 -8.56 -19.18
CA VAL D 202 10.43 -7.57 -19.45
C VAL D 202 10.45 -6.48 -18.38
N PHE D 203 9.30 -5.83 -18.14
CA PHE D 203 9.32 -4.57 -17.40
C PHE D 203 9.38 -4.76 -15.89
N ASN D 204 8.35 -5.39 -15.32
CA ASN D 204 8.35 -5.59 -13.87
C ASN D 204 9.56 -6.35 -13.37
N PRO D 205 10.03 -7.43 -14.01
CA PRO D 205 11.35 -7.96 -13.66
C PRO D 205 12.46 -6.93 -13.75
N MET D 206 12.48 -6.09 -14.79
CA MET D 206 13.52 -5.07 -14.87
C MET D 206 13.34 -3.97 -13.82
N GLY D 207 12.10 -3.60 -13.49
CA GLY D 207 11.91 -2.63 -12.42
C GLY D 207 12.39 -3.15 -11.08
N ALA D 208 11.99 -4.37 -10.73
CA ALA D 208 12.52 -4.99 -9.52
C ALA D 208 14.01 -5.22 -9.59
N ASN D 209 14.57 -5.40 -10.79
CA ASN D 209 16.02 -5.51 -10.93
C ASN D 209 16.70 -4.19 -10.61
N LEU D 210 16.13 -3.07 -11.08
CA LEU D 210 16.63 -1.76 -10.70
C LEU D 210 16.55 -1.56 -9.19
N MET D 211 15.44 -1.97 -8.59
CA MET D 211 15.30 -1.81 -7.14
C MET D 211 16.33 -2.65 -6.38
N PHE D 212 16.52 -3.90 -6.80
CA PHE D 212 17.48 -4.77 -6.14
C PHE D 212 18.91 -4.27 -6.33
N LYS D 213 19.24 -3.80 -7.54
CA LYS D 213 20.56 -3.23 -7.77
C LYS D 213 20.77 -1.99 -6.93
N SER D 214 19.74 -1.17 -6.75
CA SER D 214 19.86 -0.02 -5.86
C SER D 214 20.13 -0.47 -4.44
N GLY D 215 19.44 -1.51 -3.98
CA GLY D 215 19.72 -2.04 -2.66
C GLY D 215 21.15 -2.50 -2.52
N VAL D 216 21.65 -3.26 -3.49
CA VAL D 216 23.01 -3.80 -3.41
C VAL D 216 24.04 -2.68 -3.42
N GLU D 217 23.92 -1.73 -4.36
CA GLU D 217 24.88 -0.64 -4.42
C GLU D 217 24.75 0.29 -3.21
N ALA D 218 23.56 0.35 -2.60
CA ALA D 218 23.42 1.14 -1.38
C ALA D 218 24.15 0.48 -0.23
N THR D 219 24.01 -0.83 -0.06
CA THR D 219 24.81 -1.53 0.93
C THR D 219 26.30 -1.35 0.66
N THR D 220 26.70 -1.39 -0.61
CA THR D 220 28.10 -1.21 -0.95
C THR D 220 28.59 0.20 -0.57
N ARG D 221 27.80 1.22 -0.85
CA ARG D 221 28.22 2.59 -0.54
C ARG D 221 28.23 2.85 0.96
N GLU D 222 27.29 2.26 1.69
CA GLU D 222 27.37 2.34 3.15
C GLU D 222 28.61 1.62 3.68
N MET D 223 28.94 0.46 3.09
CA MET D 223 30.16 -0.24 3.47
C MET D 223 31.40 0.61 3.20
N VAL D 224 31.39 1.35 2.10
CA VAL D 224 32.48 2.28 1.81
C VAL D 224 32.54 3.36 2.88
N LEU D 225 31.46 4.13 3.03
CA LEU D 225 31.44 5.26 3.95
C LEU D 225 31.84 4.86 5.36
N GLU D 226 31.35 3.70 5.83
CA GLU D 226 31.81 3.14 7.09
C GLU D 226 33.16 2.51 6.83
N GLY D 227 34.22 3.26 7.11
CA GLY D 227 35.55 2.88 6.72
C GLY D 227 36.26 4.05 6.09
N VAL D 228 35.56 4.81 5.24
CA VAL D 228 36.05 6.15 4.91
C VAL D 228 36.12 7.00 6.17
N LEU D 229 35.06 6.96 6.98
CA LEU D 229 35.09 7.64 8.26
C LEU D 229 36.17 7.08 9.18
N ALA D 230 36.44 5.77 9.08
CA ALA D 230 37.48 5.17 9.90
C ALA D 230 38.87 5.68 9.50
N ILE D 231 39.17 5.69 8.20
CA ILE D 231 40.40 6.30 7.71
C ILE D 231 40.48 7.76 8.14
N GLN D 232 39.34 8.45 8.15
CA GLN D 232 39.33 9.83 8.66
C GLN D 232 39.73 9.88 10.12
N SER D 233 39.45 8.83 10.89
CA SER D 233 39.80 8.78 12.30
C SER D 233 41.07 7.99 12.58
N GLY D 234 41.54 7.17 11.65
CA GLY D 234 42.75 6.41 11.85
C GLY D 234 42.64 5.42 13.00
N VAL D 235 41.84 4.37 12.81
CA VAL D 235 41.55 3.43 13.88
C VAL D 235 42.26 2.10 13.61
N ASN D 236 42.20 1.21 14.59
CA ASN D 236 42.82 -0.10 14.46
C ASN D 236 42.23 -0.85 13.28
N PRO D 237 43.04 -1.31 12.32
CA PRO D 237 42.49 -2.07 11.18
C PRO D 237 41.73 -3.32 11.59
N ARG D 238 42.02 -3.86 12.78
CA ARG D 238 41.31 -5.06 13.27
C ARG D 238 39.83 -4.69 13.44
N ILE D 239 39.54 -3.70 14.27
CA ILE D 239 38.17 -3.23 14.49
C ILE D 239 37.53 -2.85 13.16
N MET D 240 38.29 -2.21 12.28
CA MET D 240 37.77 -1.79 11.00
C MET D 240 37.53 -2.97 10.08
N GLU D 241 38.45 -3.94 10.07
CA GLU D 241 38.20 -5.19 9.34
C GLU D 241 36.95 -5.88 9.85
N GLU D 242 36.68 -5.77 11.15
CA GLU D 242 35.52 -6.44 11.72
C GLU D 242 34.22 -5.74 11.37
N LYS D 243 34.16 -4.42 11.48
CA LYS D 243 32.95 -3.72 11.08
C LYS D 243 32.71 -3.78 9.58
N LEU D 244 33.78 -3.82 8.78
CA LEU D 244 33.63 -3.92 7.34
C LEU D 244 33.05 -5.27 6.94
N VAL D 245 33.60 -6.37 7.48
CA VAL D 245 33.13 -7.69 7.10
C VAL D 245 31.70 -7.93 7.57
N SER D 246 31.20 -7.10 8.48
CA SER D 246 29.84 -7.29 8.97
C SER D 246 28.84 -6.70 8.00
N TYR D 247 28.98 -7.06 6.72
CA TYR D 247 28.02 -6.70 5.68
C TYR D 247 27.79 -7.85 4.73
N LEU D 248 28.49 -8.97 4.89
CA LEU D 248 28.61 -10.00 3.86
C LEU D 248 27.79 -11.22 4.26
N SER D 249 27.23 -11.88 3.25
CA SER D 249 26.52 -13.13 3.46
C SER D 249 27.42 -14.13 4.18
N PRO D 250 26.85 -15.00 5.00
CA PRO D 250 27.66 -15.96 5.77
C PRO D 250 28.63 -16.76 4.90
N PRO D 251 28.24 -17.15 3.65
CA PRO D 251 29.25 -17.78 2.78
C PRO D 251 30.43 -16.88 2.48
N GLU D 252 30.17 -15.58 2.36
CA GLU D 252 31.23 -14.66 1.98
C GLU D 252 32.05 -14.20 3.17
N ARG D 253 31.47 -14.28 4.37
CA ARG D 253 32.17 -13.89 5.62
C ARG D 253 33.30 -14.90 5.83
N GLN D 254 33.13 -16.12 5.32
CA GLN D 254 34.15 -17.19 5.42
C GLN D 254 35.02 -17.16 4.16
N ALA D 255 34.39 -17.08 2.98
CA ALA D 255 35.14 -17.03 1.73
C ALA D 255 36.17 -15.91 1.75
N TYR D 256 35.86 -14.79 2.41
CA TYR D 256 36.86 -13.74 2.58
C TYR D 256 37.87 -14.11 3.67
N SER D 257 37.47 -14.95 4.62
CA SER D 257 38.34 -15.29 5.75
C SER D 257 39.65 -15.92 5.29
N LYS D 258 39.59 -16.79 4.28
CA LYS D 258 40.78 -17.48 3.78
C LYS D 258 41.52 -16.64 2.74
N VAL D 259 41.29 -15.34 2.70
CA VAL D 259 41.96 -14.46 1.76
C VAL D 259 42.65 -13.32 2.52
N THR E 8 7.43 -27.38 16.32
CA THR E 8 7.41 -26.53 15.15
C THR E 8 6.13 -26.74 14.36
N PRO E 9 5.32 -25.68 14.23
CA PRO E 9 4.00 -25.80 13.63
C PRO E 9 3.95 -25.66 12.12
N ILE E 10 5.07 -25.82 11.42
CA ILE E 10 5.07 -25.62 9.97
C ILE E 10 4.37 -26.81 9.33
N GLY E 11 3.10 -26.63 8.99
CA GLY E 11 2.29 -27.69 8.45
C GLY E 11 2.28 -27.72 6.94
N PHE E 12 3.47 -27.65 6.34
CA PHE E 12 3.59 -27.83 4.90
C PHE E 12 3.07 -29.19 4.46
N VAL E 13 3.23 -30.22 5.29
CA VAL E 13 2.63 -31.52 4.99
C VAL E 13 1.11 -31.44 4.88
N LEU E 14 0.47 -30.50 5.59
CA LEU E 14 -0.98 -30.47 5.63
C LEU E 14 -1.58 -29.92 4.35
N CYS E 15 -1.06 -28.81 3.83
CA CYS E 15 -1.63 -28.23 2.61
C CYS E 15 -1.42 -29.14 1.42
N PHE E 16 -0.22 -29.69 1.27
CA PHE E 16 0.02 -30.59 0.15
C PHE E 16 -0.68 -31.93 0.35
N GLY E 17 -0.86 -32.37 1.59
CA GLY E 17 -1.65 -33.56 1.82
C GLY E 17 -3.10 -33.36 1.42
N LEU E 18 -3.67 -32.19 1.75
CA LEU E 18 -5.04 -31.90 1.35
C LEU E 18 -5.17 -31.71 -0.15
N VAL E 19 -4.13 -31.18 -0.79
CA VAL E 19 -4.14 -31.07 -2.24
C VAL E 19 -4.12 -32.46 -2.88
N LEU E 20 -3.19 -33.32 -2.44
CA LEU E 20 -3.13 -34.69 -2.96
C LEU E 20 -4.45 -35.43 -2.73
N TRP E 21 -5.02 -35.32 -1.52
CA TRP E 21 -6.33 -35.91 -1.27
C TRP E 21 -7.39 -35.32 -2.19
N GLY E 22 -7.23 -34.05 -2.57
CA GLY E 22 -8.11 -33.50 -3.58
C GLY E 22 -7.74 -33.96 -4.98
N MET E 23 -6.44 -34.00 -5.28
CA MET E 23 -6.00 -34.47 -6.59
C MET E 23 -6.36 -35.93 -6.80
N ALA E 24 -6.19 -36.76 -5.77
CA ALA E 24 -6.44 -38.20 -5.88
C ALA E 24 -7.88 -38.56 -5.54
N SER E 25 -8.81 -37.90 -6.22
CA SER E 25 -10.23 -38.23 -6.14
C SER E 25 -10.50 -39.42 -7.06
N GLY E 26 -11.77 -39.69 -7.36
CA GLY E 26 -12.17 -40.79 -8.22
C GLY E 26 -11.34 -40.98 -9.48
N GLY E 27 -10.71 -39.92 -9.95
CA GLY E 27 -9.72 -40.02 -11.01
C GLY E 27 -8.40 -40.52 -10.45
N SER E 28 -8.34 -41.82 -10.15
CA SER E 28 -7.27 -42.38 -9.34
C SER E 28 -5.89 -42.20 -9.95
N ASN E 29 -5.80 -41.79 -11.22
CA ASN E 29 -4.51 -41.51 -11.83
C ASN E 29 -4.27 -40.01 -11.85
N LEU E 30 -3.27 -39.56 -11.09
CA LEU E 30 -2.91 -38.15 -11.05
C LEU E 30 -1.78 -37.83 -12.02
N LYS E 31 -1.64 -38.62 -13.09
CA LYS E 31 -0.74 -38.28 -14.17
C LYS E 31 -1.31 -37.17 -15.06
N VAL E 32 -2.61 -36.85 -14.91
CA VAL E 32 -3.22 -35.78 -15.67
C VAL E 32 -2.96 -34.41 -15.06
N PHE E 33 -2.50 -34.37 -13.81
CA PHE E 33 -2.08 -33.12 -13.18
C PHE E 33 -0.65 -32.76 -13.53
N TRP E 34 -0.09 -33.36 -14.57
CA TRP E 34 1.28 -33.10 -15.00
C TRP E 34 1.26 -32.88 -16.52
N ASP E 35 1.25 -31.63 -16.93
CA ASP E 35 1.49 -31.28 -18.33
C ASP E 35 2.89 -30.72 -18.44
N VAL E 36 3.66 -31.22 -19.41
CA VAL E 36 5.05 -30.80 -19.52
C VAL E 36 5.14 -29.36 -20.02
N ALA E 37 4.26 -28.95 -20.92
CA ALA E 37 4.25 -27.57 -21.39
C ALA E 37 3.93 -26.61 -20.25
N SER E 38 2.89 -26.92 -19.47
CA SER E 38 2.52 -26.06 -18.35
C SER E 38 3.65 -25.89 -17.35
N VAL E 39 4.40 -26.96 -17.09
CA VAL E 39 5.60 -26.85 -16.25
C VAL E 39 6.55 -25.83 -16.84
N PHE E 40 6.83 -25.95 -18.14
CA PHE E 40 7.74 -25.01 -18.79
C PHE E 40 7.24 -23.58 -18.62
N ILE E 41 6.03 -23.28 -19.07
CA ILE E 41 5.51 -21.91 -18.98
C ILE E 41 5.62 -21.40 -17.55
N THR E 42 4.90 -22.03 -16.62
CA THR E 42 4.82 -21.49 -15.27
C THR E 42 6.19 -21.45 -14.61
N ILE E 43 6.81 -22.60 -14.38
CA ILE E 43 8.02 -22.66 -13.56
C ILE E 43 9.21 -22.06 -14.30
N GLY E 44 9.39 -22.41 -15.57
CA GLY E 44 10.46 -21.82 -16.34
C GLY E 44 10.37 -20.31 -16.42
N GLY E 45 9.19 -19.77 -16.77
CA GLY E 45 9.06 -18.32 -16.84
C GLY E 45 9.26 -17.64 -15.50
N SER E 46 8.75 -18.25 -14.43
CA SER E 46 8.94 -17.68 -13.11
C SER E 46 10.42 -17.66 -12.73
N MET E 47 11.10 -18.79 -12.89
CA MET E 47 12.53 -18.86 -12.58
C MET E 47 13.34 -17.91 -13.46
N ALA E 48 12.96 -17.79 -14.73
CA ALA E 48 13.69 -16.95 -15.65
C ALA E 48 13.50 -15.47 -15.35
N ALA E 49 12.27 -15.03 -15.05
CA ALA E 49 12.06 -13.68 -14.58
C ALA E 49 12.72 -13.45 -13.22
N MET E 50 12.96 -14.53 -12.47
CA MET E 50 13.74 -14.40 -11.25
C MET E 50 15.22 -14.21 -11.54
N LEU E 51 15.71 -14.80 -12.63
CA LEU E 51 17.08 -14.53 -13.07
C LEU E 51 17.21 -13.12 -13.64
N ILE E 52 16.22 -12.67 -14.40
CA ILE E 52 16.16 -11.28 -14.84
C ILE E 52 16.18 -10.35 -13.63
N THR E 53 15.39 -10.68 -12.61
CA THR E 53 15.31 -9.85 -11.43
C THR E 53 16.54 -10.02 -10.54
N TYR E 54 16.87 -11.26 -10.19
CA TYR E 54 17.95 -11.57 -9.28
C TYR E 54 19.01 -12.35 -10.04
N PRO E 55 20.17 -11.78 -10.29
CA PRO E 55 21.23 -12.52 -10.99
C PRO E 55 21.90 -13.51 -10.05
N MET E 56 22.63 -14.44 -10.65
CA MET E 56 23.38 -15.41 -9.87
C MET E 56 24.39 -14.67 -8.98
N ASP E 57 24.86 -15.39 -7.95
CA ASP E 57 25.67 -14.86 -6.86
C ASP E 57 24.79 -14.04 -5.93
N GLU E 58 23.55 -13.81 -6.34
CA GLU E 58 22.50 -13.28 -5.48
C GLU E 58 21.30 -14.23 -5.41
N PHE E 59 20.83 -14.68 -6.57
CA PHE E 59 19.85 -15.75 -6.63
C PHE E 59 20.41 -17.08 -6.16
N LYS E 60 21.73 -17.20 -6.05
CA LYS E 60 22.32 -18.39 -5.46
C LYS E 60 22.04 -18.48 -3.98
N ARG E 61 21.69 -17.36 -3.34
CA ARG E 61 21.36 -17.32 -1.93
C ARG E 61 19.96 -17.84 -1.63
N LEU E 62 19.29 -18.47 -2.60
CA LEU E 62 17.97 -19.05 -2.38
C LEU E 62 18.04 -20.32 -1.55
N LEU E 63 19.25 -20.79 -1.25
CA LEU E 63 19.43 -22.02 -0.50
C LEU E 63 20.52 -21.86 0.55
N ILE E 64 20.90 -20.60 0.84
CA ILE E 64 21.87 -20.35 1.90
C ILE E 64 21.33 -19.35 2.92
N VAL E 65 20.08 -18.90 2.75
CA VAL E 65 19.37 -18.19 3.80
C VAL E 65 18.06 -18.92 4.04
N ILE E 66 17.32 -19.14 2.95
CA ILE E 66 16.10 -19.94 3.00
C ILE E 66 16.38 -21.32 3.59
N ARG E 67 17.55 -21.88 3.31
CA ARG E 67 17.93 -23.16 3.90
C ARG E 67 18.68 -23.00 5.22
N GLN E 68 19.41 -21.89 5.41
CA GLN E 68 20.17 -21.70 6.63
C GLN E 68 19.28 -21.35 7.82
N THR E 69 18.06 -20.88 7.59
CA THR E 69 17.15 -20.56 8.69
C THR E 69 16.30 -21.73 9.12
N PHE E 70 16.03 -22.68 8.23
CA PHE E 70 15.12 -23.78 8.52
C PHE E 70 15.81 -24.97 9.19
N LYS E 71 17.05 -24.80 9.66
CA LYS E 71 17.73 -25.86 10.38
C LYS E 71 18.53 -25.29 11.55
N ASP E 72 18.10 -24.13 12.06
CA ASP E 72 18.82 -23.44 13.12
C ASP E 72 18.35 -23.86 14.51
N ASN E 73 17.80 -25.07 14.63
CA ASN E 73 17.36 -25.58 15.93
C ASN E 73 18.52 -26.27 16.65
N GLY E 74 19.55 -25.49 16.92
CA GLY E 74 20.70 -25.97 17.66
C GLY E 74 21.01 -25.11 18.87
N MET E 75 20.25 -24.02 19.01
CA MET E 75 20.45 -23.08 20.12
C MET E 75 19.15 -22.35 20.45
N SER E 76 18.50 -22.74 21.54
CA SER E 76 17.31 -22.05 21.98
C SER E 76 17.68 -20.86 22.87
N ASN E 77 16.75 -19.92 22.99
CA ASN E 77 17.03 -18.67 23.68
C ASN E 77 17.14 -18.83 25.20
N ILE E 78 17.00 -20.04 25.73
CA ILE E 78 17.30 -20.27 27.15
C ILE E 78 18.74 -20.72 27.32
N ASP E 79 19.21 -21.58 26.40
CA ASP E 79 20.59 -22.03 26.43
C ASP E 79 21.55 -20.84 26.44
N VAL E 80 21.22 -19.79 25.69
CA VAL E 80 22.09 -18.62 25.65
C VAL E 80 22.11 -17.93 27.01
N ILE E 81 20.97 -17.92 27.72
CA ILE E 81 20.95 -17.34 29.06
C ILE E 81 21.85 -18.13 29.99
N GLN E 82 21.70 -19.45 30.00
CA GLN E 82 22.55 -20.28 30.85
C GLN E 82 24.03 -20.18 30.49
N ASN E 83 24.34 -20.04 29.20
CA ASN E 83 25.74 -19.86 28.79
C ASN E 83 26.28 -18.53 29.30
N PHE E 84 25.51 -17.46 29.14
CA PHE E 84 25.95 -16.18 29.71
C PHE E 84 26.09 -16.28 31.23
N VAL E 85 25.19 -17.02 31.88
CA VAL E 85 25.24 -17.19 33.33
C VAL E 85 26.57 -17.82 33.73
N ASP E 86 26.88 -18.99 33.18
CA ASP E 86 28.09 -19.67 33.65
C ASP E 86 29.36 -19.11 33.04
N LEU E 87 29.29 -18.25 32.02
CA LEU E 87 30.46 -17.50 31.62
C LEU E 87 30.74 -16.36 32.59
N SER E 88 29.71 -15.60 32.96
CA SER E 88 29.89 -14.59 34.00
C SER E 88 30.29 -15.22 35.33
N ARG E 89 29.92 -16.49 35.55
CA ARG E 89 30.36 -17.19 36.75
C ARG E 89 31.88 -17.23 36.85
N LYS E 90 32.55 -17.59 35.76
CA LYS E 90 34.01 -17.59 35.73
C LYS E 90 34.59 -16.25 35.34
N ALA E 91 33.76 -15.29 34.92
CA ALA E 91 34.24 -13.93 34.69
C ALA E 91 34.29 -13.14 35.98
N ARG E 92 33.54 -13.55 36.99
CA ARG E 92 33.53 -12.90 38.29
C ARG E 92 34.75 -13.36 39.09
N ARG E 93 34.71 -13.12 40.42
CA ARG E 93 35.81 -13.40 41.33
C ARG E 93 36.53 -14.72 41.04
N GLU E 94 35.77 -15.79 40.85
CA GLU E 94 36.38 -17.06 40.44
C GLU E 94 36.92 -16.92 39.02
N GLY E 95 38.24 -16.82 38.89
CA GLY E 95 38.85 -16.53 37.61
C GLY E 95 38.83 -15.04 37.31
N LEU E 96 39.35 -14.71 36.13
CA LEU E 96 39.38 -13.32 35.68
C LEU E 96 38.87 -13.20 34.25
N LEU E 97 38.72 -11.97 33.78
CA LEU E 97 38.33 -11.71 32.39
C LEU E 97 39.58 -11.54 31.52
N SER E 98 40.46 -12.53 31.58
CA SER E 98 41.69 -12.54 30.80
C SER E 98 41.87 -13.82 29.98
N LEU E 99 41.49 -14.97 30.53
CA LEU E 99 41.57 -16.24 29.83
C LEU E 99 40.17 -16.84 29.78
N GLU E 100 39.68 -17.07 28.57
CA GLU E 100 38.37 -17.69 28.35
C GLU E 100 38.46 -18.51 27.07
N ASP E 101 38.06 -19.78 27.14
CA ASP E 101 38.05 -20.67 25.99
C ASP E 101 36.67 -21.29 25.73
N ALA E 102 35.70 -21.02 26.60
CA ALA E 102 34.35 -21.55 26.41
C ALA E 102 33.63 -20.88 25.25
N ILE E 103 34.24 -19.86 24.63
CA ILE E 103 33.62 -19.19 23.50
C ILE E 103 33.38 -20.16 22.36
N ASN E 104 34.44 -20.83 21.92
CA ASN E 104 34.38 -21.74 20.77
C ASN E 104 34.18 -23.19 21.20
N ASN E 105 33.52 -23.41 22.34
CA ASN E 105 33.32 -24.77 22.83
C ASN E 105 32.14 -25.43 22.14
N LEU E 106 30.92 -24.91 22.36
CA LEU E 106 29.74 -25.51 21.76
C LEU E 106 28.79 -24.40 21.28
N THR E 107 29.35 -23.38 20.68
CA THR E 107 28.59 -22.31 20.05
C THR E 107 28.56 -22.54 18.54
N ASP E 108 27.44 -22.16 17.91
CA ASP E 108 27.25 -22.49 16.50
C ASP E 108 27.96 -21.51 15.57
N ASP E 109 27.51 -20.26 15.53
CA ASP E 109 28.16 -19.26 14.68
C ASP E 109 28.37 -17.90 15.34
N TYR E 110 27.54 -17.49 16.29
CA TYR E 110 27.56 -16.13 16.79
C TYR E 110 27.91 -16.14 18.28
N MET E 111 27.94 -14.96 18.89
CA MET E 111 28.30 -14.76 20.30
C MET E 111 29.81 -14.98 20.48
N LYS E 112 30.45 -15.45 19.41
CA LYS E 112 31.89 -15.66 19.40
C LYS E 112 32.59 -14.39 18.96
N LYS E 113 32.07 -13.79 17.88
CA LYS E 113 32.62 -12.51 17.35
C LYS E 113 32.55 -11.46 18.46
N GLY E 114 31.47 -11.45 19.24
CA GLY E 114 31.34 -10.50 20.34
C GLY E 114 32.28 -10.85 21.47
N LEU E 115 32.35 -12.14 21.79
CA LEU E 115 33.21 -12.56 22.89
C LEU E 115 34.69 -12.48 22.51
N ARG E 116 35.07 -13.04 21.36
CA ARG E 116 36.46 -12.95 20.90
C ARG E 116 36.94 -11.51 20.78
N MET E 117 36.02 -10.55 20.69
CA MET E 117 36.39 -9.14 20.67
C MET E 117 36.42 -8.51 22.05
N VAL E 118 35.47 -8.83 22.93
CA VAL E 118 35.43 -8.22 24.26
C VAL E 118 36.55 -8.73 25.15
N VAL E 119 37.09 -9.93 24.88
CA VAL E 119 38.24 -10.41 25.65
C VAL E 119 39.46 -9.53 25.43
N ASP E 120 39.45 -8.69 24.40
CA ASP E 120 40.51 -7.72 24.19
C ASP E 120 40.23 -6.45 25.00
N GLY E 121 41.25 -5.60 25.11
CA GLY E 121 41.12 -4.41 25.91
C GLY E 121 40.66 -3.18 25.14
N ILE E 122 39.44 -3.21 24.61
CA ILE E 122 38.92 -2.10 23.83
C ILE E 122 37.63 -1.58 24.46
N GLU E 123 37.10 -0.48 23.91
CA GLU E 123 35.97 0.23 24.49
C GLU E 123 34.65 -0.47 24.15
N PRO E 124 33.63 -0.31 25.00
CA PRO E 124 32.36 -1.02 24.75
C PRO E 124 31.46 -0.33 23.74
N GLU E 125 31.61 1.00 23.59
CA GLU E 125 30.76 1.73 22.65
C GLU E 125 30.88 1.17 21.24
N THR E 126 32.11 0.98 20.77
CA THR E 126 32.29 0.39 19.44
C THR E 126 31.71 -1.01 19.37
N ILE E 127 31.72 -1.74 20.49
CA ILE E 127 31.14 -3.08 20.48
C ILE E 127 29.64 -2.99 20.19
N ARG E 128 28.94 -2.09 20.87
CA ARG E 128 27.54 -1.85 20.57
C ARG E 128 27.36 -1.45 19.11
N GLU E 129 28.19 -0.53 18.64
CA GLU E 129 28.07 -0.03 17.28
C GLU E 129 28.23 -1.13 16.23
N ILE E 130 29.14 -2.08 16.44
CA ILE E 130 29.38 -3.15 15.49
C ILE E 130 28.33 -4.24 15.60
N MET E 131 27.93 -4.59 16.84
CA MET E 131 26.97 -5.68 17.01
C MET E 131 25.58 -5.29 16.54
N GLU E 132 25.10 -4.10 16.93
CA GLU E 132 23.82 -3.64 16.41
C GLU E 132 23.87 -3.50 14.89
N LEU E 133 25.04 -3.15 14.35
CA LEU E 133 25.22 -3.12 12.90
C LEU E 133 25.03 -4.50 12.30
N GLU E 134 25.65 -5.52 12.91
CA GLU E 134 25.47 -6.89 12.43
C GLU E 134 24.01 -7.29 12.46
N ILE E 135 23.29 -6.89 13.51
CA ILE E 135 21.86 -7.24 13.59
C ILE E 135 21.09 -6.55 12.48
N ASP E 136 21.39 -5.27 12.22
CA ASP E 136 20.73 -4.56 11.12
C ASP E 136 20.97 -5.26 9.79
N GLU E 137 22.23 -5.58 9.49
CA GLU E 137 22.54 -6.23 8.22
C GLU E 137 21.89 -7.60 8.12
N MET E 138 21.82 -8.32 9.24
CA MET E 138 21.19 -9.64 9.22
C MET E 138 19.70 -9.52 8.93
N GLU E 139 19.03 -8.56 9.58
CA GLU E 139 17.61 -8.35 9.30
C GLU E 139 17.40 -7.92 7.86
N LYS E 140 18.31 -7.10 7.32
CA LYS E 140 18.18 -6.68 5.92
C LYS E 140 18.39 -7.83 4.97
N ARG E 141 19.32 -8.73 5.28
CA ARG E 141 19.55 -9.91 4.47
C ARG E 141 18.33 -10.83 4.46
N HIS E 142 17.74 -11.05 5.64
CA HIS E 142 16.53 -11.86 5.70
C HIS E 142 15.37 -11.17 5.01
N LYS E 143 15.29 -9.84 5.10
CA LYS E 143 14.26 -9.10 4.39
C LYS E 143 14.43 -9.28 2.88
N SER E 144 15.66 -9.29 2.40
CA SER E 144 15.90 -9.46 0.97
C SER E 144 15.56 -10.89 0.52
N GLY E 145 15.87 -11.87 1.36
CA GLY E 145 15.49 -13.24 1.04
C GLY E 145 13.98 -13.44 1.01
N ALA E 146 13.27 -12.87 1.99
CA ALA E 146 11.83 -12.97 2.01
C ALA E 146 11.19 -12.19 0.87
N ASP E 147 11.77 -11.03 0.52
CA ASP E 147 11.28 -10.28 -0.63
C ASP E 147 11.51 -11.04 -1.93
N MET E 148 12.59 -11.79 -2.03
CA MET E 148 12.79 -12.67 -3.18
C MET E 148 11.72 -13.75 -3.22
N LEU E 149 11.43 -14.37 -2.08
CA LEU E 149 10.39 -15.38 -2.00
C LEU E 149 9.02 -14.83 -2.38
N LYS E 150 8.69 -13.62 -1.96
CA LYS E 150 7.42 -12.99 -2.33
C LYS E 150 7.40 -12.52 -3.77
N THR E 151 8.53 -12.07 -4.32
CA THR E 151 8.59 -11.68 -5.72
C THR E 151 8.38 -12.89 -6.62
N TRP E 152 8.90 -14.05 -6.24
CA TRP E 152 8.66 -15.25 -7.02
C TRP E 152 7.20 -15.68 -6.91
N GLY E 153 6.60 -15.53 -5.73
CA GLY E 153 5.18 -15.76 -5.59
C GLY E 153 4.34 -14.74 -6.34
N GLY E 154 4.94 -13.61 -6.70
CA GLY E 154 4.23 -12.66 -7.56
C GLY E 154 4.36 -13.02 -9.04
N TYR E 155 5.53 -13.50 -9.45
CA TYR E 155 5.73 -13.88 -10.84
C TYR E 155 5.09 -15.20 -11.20
N ALA E 156 4.84 -16.08 -10.24
CA ALA E 156 4.28 -17.40 -10.57
C ALA E 156 2.86 -17.29 -11.12
N PRO E 157 1.91 -16.67 -10.42
CA PRO E 157 0.56 -16.57 -10.97
C PRO E 157 0.45 -15.63 -12.15
N ALA E 158 1.35 -14.64 -12.25
CA ALA E 158 1.41 -13.83 -13.46
C ALA E 158 1.65 -14.70 -14.68
N PHE E 159 2.60 -15.62 -14.60
CA PHE E 159 2.84 -16.53 -15.72
C PHE E 159 1.79 -17.62 -15.83
N GLY E 160 1.09 -17.92 -14.74
CA GLY E 160 -0.10 -18.75 -14.86
C GLY E 160 -1.17 -18.08 -15.70
N MET E 161 -1.34 -16.77 -15.53
CA MET E 161 -2.26 -16.00 -16.38
C MET E 161 -1.76 -15.94 -17.82
N VAL E 162 -0.45 -15.73 -17.99
CA VAL E 162 0.15 -15.76 -19.33
C VAL E 162 -0.22 -17.06 -20.02
N GLY E 163 0.04 -18.19 -19.35
CA GLY E 163 -0.32 -19.49 -19.91
C GLY E 163 -1.80 -19.69 -20.10
N THR E 164 -2.64 -19.06 -19.26
CA THR E 164 -4.08 -19.12 -19.47
C THR E 164 -4.44 -18.48 -20.79
N LEU E 165 -3.88 -17.31 -21.08
CA LEU E 165 -4.09 -16.68 -22.37
C LEU E 165 -3.53 -17.53 -23.51
N ILE E 166 -2.38 -18.14 -23.28
CA ILE E 166 -1.77 -18.99 -24.30
C ILE E 166 -2.69 -20.15 -24.66
N GLY E 167 -3.19 -20.84 -23.64
CA GLY E 167 -4.09 -21.95 -23.87
C GLY E 167 -5.44 -21.56 -24.42
N LEU E 168 -5.90 -20.35 -24.11
CA LEU E 168 -7.14 -19.87 -24.70
C LEU E 168 -6.95 -19.56 -26.18
N ILE E 169 -5.86 -18.89 -26.54
CA ILE E 169 -5.62 -18.56 -27.94
C ILE E 169 -5.37 -19.81 -28.76
N GLN E 170 -4.54 -20.72 -28.25
CA GLN E 170 -4.20 -21.93 -28.99
C GLN E 170 -5.42 -22.83 -29.18
N MET E 171 -6.28 -22.91 -28.19
CA MET E 171 -7.53 -23.65 -28.36
C MET E 171 -8.43 -22.98 -29.39
N LEU E 172 -8.44 -21.65 -29.41
CA LEU E 172 -9.31 -20.91 -30.31
C LEU E 172 -8.77 -20.94 -31.74
N ALA E 173 -9.67 -20.71 -32.69
CA ALA E 173 -9.45 -20.60 -34.12
C ALA E 173 -9.16 -21.93 -34.81
N ASN E 174 -9.02 -23.02 -34.06
CA ASN E 174 -8.78 -24.33 -34.65
C ASN E 174 -9.62 -25.40 -33.95
N LEU E 175 -10.88 -25.08 -33.68
CA LEU E 175 -11.77 -26.01 -32.99
C LEU E 175 -12.36 -27.03 -33.97
N THR E 176 -11.46 -27.71 -34.67
CA THR E 176 -11.86 -28.66 -35.71
C THR E 176 -11.49 -30.10 -35.41
N ASP E 177 -10.85 -30.38 -34.28
CA ASP E 177 -10.43 -31.72 -33.94
C ASP E 177 -10.50 -31.88 -32.43
N SER E 178 -9.85 -32.91 -31.89
CA SER E 178 -9.86 -33.18 -30.46
C SER E 178 -8.44 -33.43 -29.95
N SER E 179 -7.45 -32.82 -30.59
CA SER E 179 -6.07 -32.91 -30.13
C SER E 179 -5.52 -31.57 -29.68
N THR E 180 -5.57 -30.55 -30.56
CA THR E 180 -5.05 -29.24 -30.20
C THR E 180 -5.91 -28.57 -29.15
N ILE E 181 -7.24 -28.77 -29.21
CA ILE E 181 -8.12 -28.20 -28.20
C ILE E 181 -7.84 -28.83 -26.85
N ALA E 182 -7.63 -30.15 -26.80
CA ALA E 182 -7.32 -30.80 -25.54
C ALA E 182 -5.98 -30.33 -24.99
N SER E 183 -4.96 -30.23 -25.85
CA SER E 183 -3.66 -29.76 -25.40
C SER E 183 -3.74 -28.33 -24.86
N GLY E 184 -4.40 -27.43 -25.59
CA GLY E 184 -4.51 -26.06 -25.14
C GLY E 184 -5.35 -25.93 -23.88
N MET E 185 -6.40 -26.75 -23.75
CA MET E 185 -7.21 -26.72 -22.54
C MET E 185 -6.41 -27.15 -21.33
N GLY E 186 -5.72 -28.29 -21.44
CA GLY E 186 -4.84 -28.72 -20.37
C GLY E 186 -3.78 -27.70 -20.04
N LYS E 187 -3.21 -27.06 -21.07
CA LYS E 187 -2.23 -26.00 -20.83
C LYS E 187 -2.83 -24.88 -20.00
N ALA E 188 -3.98 -24.36 -20.44
CA ALA E 188 -4.63 -23.26 -19.74
C ALA E 188 -4.92 -23.61 -18.29
N LEU E 189 -5.40 -24.83 -18.04
CA LEU E 189 -5.78 -25.21 -16.69
C LEU E 189 -4.55 -25.41 -15.81
N ILE E 190 -3.65 -26.31 -16.21
CA ILE E 190 -2.56 -26.68 -15.33
C ILE E 190 -1.50 -25.59 -15.24
N THR E 191 -1.42 -24.69 -16.21
CA THR E 191 -0.45 -23.60 -16.13
C THR E 191 -0.75 -22.70 -14.93
N THR E 192 -2.01 -22.34 -14.75
CA THR E 192 -2.41 -21.57 -13.57
C THR E 192 -2.54 -22.43 -12.34
N PHE E 193 -2.83 -23.73 -12.48
CA PHE E 193 -2.83 -24.60 -11.31
C PHE E 193 -1.45 -24.65 -10.67
N TYR E 194 -0.39 -24.82 -11.47
CA TYR E 194 0.96 -24.80 -10.91
C TYR E 194 1.27 -23.46 -10.27
N GLY E 195 0.87 -22.36 -10.90
CA GLY E 195 1.18 -21.05 -10.35
C GLY E 195 0.49 -20.79 -9.03
N SER E 196 -0.79 -21.14 -8.93
CA SER E 196 -1.49 -21.02 -7.66
C SER E 196 -0.93 -21.96 -6.62
N LEU E 197 -0.85 -23.25 -6.90
CA LEU E 197 -0.28 -24.24 -6.00
C LEU E 197 1.14 -23.90 -5.58
N MET E 198 1.84 -23.09 -6.35
CA MET E 198 3.19 -22.66 -6.03
C MET E 198 3.21 -21.42 -5.15
N ALA E 199 2.59 -20.32 -5.62
CA ALA E 199 2.71 -19.05 -4.91
C ALA E 199 2.21 -19.17 -3.48
N ASN E 200 0.90 -19.34 -3.29
CA ASN E 200 0.30 -19.21 -1.97
C ASN E 200 0.45 -20.48 -1.14
N ALA E 201 1.20 -21.47 -1.61
CA ALA E 201 1.47 -22.66 -0.83
C ALA E 201 2.96 -22.90 -0.56
N VAL E 202 3.86 -22.29 -1.31
CA VAL E 202 5.29 -22.51 -1.08
C VAL E 202 6.04 -21.20 -0.89
N PHE E 203 5.59 -20.11 -1.51
CA PHE E 203 6.37 -18.89 -1.56
C PHE E 203 5.79 -17.79 -0.68
N ASN E 204 4.53 -17.42 -0.88
CA ASN E 204 3.94 -16.41 0.00
C ASN E 204 3.87 -16.86 1.46
N PRO E 205 3.42 -18.09 1.79
CA PRO E 205 3.62 -18.58 3.16
C PRO E 205 5.06 -18.47 3.62
N MET E 206 5.97 -19.07 2.86
CA MET E 206 7.38 -19.07 3.25
C MET E 206 8.04 -17.72 3.10
N GLY E 207 7.52 -16.86 2.21
CA GLY E 207 7.99 -15.50 2.16
C GLY E 207 7.67 -14.73 3.43
N ALA E 208 6.43 -14.87 3.90
CA ALA E 208 6.07 -14.24 5.16
C ALA E 208 6.70 -14.94 6.35
N ASN E 209 6.83 -16.28 6.28
CA ASN E 209 7.40 -17.03 7.39
C ASN E 209 8.84 -16.63 7.68
N LEU E 210 9.63 -16.41 6.64
CA LEU E 210 11.04 -16.09 6.83
C LEU E 210 11.25 -14.78 7.57
N MET E 211 10.23 -13.92 7.63
CA MET E 211 10.34 -12.68 8.37
C MET E 211 10.16 -12.88 9.86
N PHE E 212 9.36 -13.88 10.26
CA PHE E 212 9.19 -14.15 11.67
C PHE E 212 10.39 -14.86 12.27
N LYS E 213 10.99 -15.79 11.52
CA LYS E 213 12.30 -16.31 11.90
C LYS E 213 13.29 -15.17 12.07
N SER E 214 13.24 -14.18 11.17
CA SER E 214 14.13 -13.03 11.28
C SER E 214 13.86 -12.24 12.55
N GLY E 215 12.59 -12.08 12.92
CA GLY E 215 12.28 -11.39 14.16
C GLY E 215 12.79 -12.13 15.38
N VAL E 216 12.59 -13.45 15.41
CA VAL E 216 13.10 -14.25 16.52
C VAL E 216 14.61 -14.14 16.62
N GLU E 217 15.32 -14.26 15.50
CA GLU E 217 16.77 -14.15 15.52
C GLU E 217 17.22 -12.74 15.91
N ALA E 218 16.46 -11.72 15.53
CA ALA E 218 16.82 -10.36 15.93
C ALA E 218 16.69 -10.18 17.43
N THR E 219 15.59 -10.67 18.01
CA THR E 219 15.45 -10.61 19.47
C THR E 219 16.56 -11.39 20.15
N THR E 220 16.84 -12.60 19.68
CA THR E 220 17.94 -13.38 20.23
C THR E 220 19.25 -12.62 20.17
N ARG E 221 19.51 -11.94 19.06
CA ARG E 221 20.77 -11.22 18.90
C ARG E 221 20.86 -10.00 19.80
N GLU E 222 19.76 -9.27 19.98
CA GLU E 222 19.78 -8.19 20.97
C GLU E 222 20.04 -8.73 22.37
N MET E 223 19.48 -9.91 22.67
CA MET E 223 19.75 -10.53 23.96
C MET E 223 21.24 -10.86 24.12
N VAL E 224 21.83 -11.48 23.11
CA VAL E 224 23.26 -11.79 23.14
C VAL E 224 24.08 -10.51 23.26
N LEU E 225 23.62 -9.43 22.61
CA LEU E 225 24.31 -8.16 22.71
C LEU E 225 24.31 -7.63 24.14
N GLU E 226 23.14 -7.63 24.78
CA GLU E 226 23.07 -7.20 26.18
C GLU E 226 23.95 -8.09 27.05
N GLY E 227 23.98 -9.40 26.76
CA GLY E 227 24.81 -10.30 27.54
C GLY E 227 26.29 -10.01 27.40
N VAL E 228 26.76 -9.81 26.17
CA VAL E 228 28.18 -9.60 25.96
C VAL E 228 28.61 -8.25 26.53
N LEU E 229 27.71 -7.25 26.50
CA LEU E 229 28.04 -6.01 27.19
C LEU E 229 28.01 -6.16 28.70
N ALA E 230 27.17 -7.07 29.23
CA ALA E 230 27.19 -7.32 30.67
C ALA E 230 28.44 -8.08 31.10
N ILE E 231 29.01 -8.90 30.21
CA ILE E 231 30.22 -9.63 30.55
C ILE E 231 31.38 -8.67 30.77
N GLN E 232 31.49 -7.63 29.93
CA GLN E 232 32.56 -6.66 30.09
C GLN E 232 32.41 -5.88 31.39
N SER E 233 31.21 -5.37 31.66
CA SER E 233 30.99 -4.64 32.89
C SER E 233 31.07 -5.58 34.10
N GLY E 234 31.35 -5.01 35.26
CA GLY E 234 31.47 -5.79 36.48
C GLY E 234 30.14 -6.08 37.14
N VAL E 235 29.38 -7.00 36.56
CA VAL E 235 28.07 -7.34 37.09
C VAL E 235 28.06 -8.81 37.50
N ASN E 236 27.29 -9.11 38.54
CA ASN E 236 27.11 -10.48 39.01
C ASN E 236 25.96 -11.13 38.24
N PRO E 237 26.04 -12.44 37.99
CA PRO E 237 24.96 -13.09 37.22
C PRO E 237 23.58 -12.92 37.84
N ARG E 238 23.48 -12.84 39.17
CA ARG E 238 22.20 -12.58 39.80
C ARG E 238 21.63 -11.24 39.35
N ILE E 239 22.41 -10.17 39.50
CA ILE E 239 21.97 -8.85 39.01
C ILE E 239 22.06 -8.74 37.51
N MET E 240 22.71 -9.69 36.84
CA MET E 240 22.76 -9.72 35.38
C MET E 240 21.58 -10.48 34.78
N GLU E 241 21.10 -11.51 35.48
CA GLU E 241 19.98 -12.30 34.99
C GLU E 241 18.76 -11.43 34.70
N GLU E 242 18.37 -10.60 35.67
CA GLU E 242 17.22 -9.72 35.49
C GLU E 242 17.44 -8.69 34.40
N LYS E 243 18.68 -8.29 34.15
CA LYS E 243 18.97 -7.37 33.05
C LYS E 243 18.96 -8.09 31.71
N LEU E 244 19.18 -9.41 31.71
CA LEU E 244 19.19 -10.19 30.49
C LEU E 244 17.83 -10.83 30.20
N VAL E 245 17.11 -11.27 31.24
CA VAL E 245 15.84 -11.96 31.06
C VAL E 245 14.76 -11.07 30.49
N SER E 246 14.99 -9.75 30.42
CA SER E 246 13.97 -8.83 29.91
C SER E 246 13.52 -9.20 28.51
N TYR E 247 14.45 -9.60 27.64
CA TYR E 247 14.12 -9.95 26.26
C TYR E 247 13.49 -11.33 26.12
N LEU E 248 13.51 -12.13 27.18
CA LEU E 248 12.97 -13.49 27.10
C LEU E 248 11.47 -13.45 26.84
N SER E 249 10.97 -14.50 26.22
CA SER E 249 9.56 -14.58 25.85
C SER E 249 8.69 -14.53 27.11
N PRO E 250 7.52 -13.89 27.04
CA PRO E 250 6.62 -13.85 28.20
C PRO E 250 6.27 -15.25 28.71
N PRO E 251 5.81 -16.17 27.86
CA PRO E 251 5.45 -17.50 28.39
C PRO E 251 6.65 -18.30 28.88
N GLU E 252 7.86 -17.96 28.44
CA GLU E 252 9.04 -18.70 28.86
C GLU E 252 9.68 -18.16 30.13
N ARG E 253 9.28 -16.96 30.58
CA ARG E 253 9.79 -16.43 31.83
C ARG E 253 9.52 -17.39 32.97
N GLN E 254 8.27 -17.85 33.12
CA GLN E 254 7.97 -18.87 34.10
C GLN E 254 8.56 -20.22 33.71
N ALA E 255 8.67 -20.50 32.41
CA ALA E 255 9.26 -21.75 31.97
C ALA E 255 10.76 -21.79 32.17
N TYR E 256 11.40 -20.63 32.31
CA TYR E 256 12.84 -20.61 32.60
C TYR E 256 13.10 -20.71 34.10
N SER E 257 12.20 -20.17 34.92
CA SER E 257 12.39 -20.14 36.37
C SER E 257 12.51 -21.51 37.00
N LYS E 258 12.25 -22.59 36.25
CA LYS E 258 12.44 -23.93 36.80
C LYS E 258 13.92 -24.18 37.08
N VAL E 259 14.80 -23.72 36.20
CA VAL E 259 16.24 -23.82 36.37
C VAL E 259 16.68 -25.26 36.62
N LYS F 3 -20.08 28.48 1.62
CA LYS F 3 -21.45 28.77 2.01
C LYS F 3 -22.33 27.54 1.92
N ARG F 4 -22.63 27.12 0.69
CA ARG F 4 -23.48 25.96 0.46
C ARG F 4 -22.72 25.02 -0.48
N ASP F 5 -22.35 23.85 0.04
CA ASP F 5 -21.65 22.89 -0.79
C ASP F 5 -22.63 22.31 -1.80
N ILE F 6 -22.61 22.84 -3.02
CA ILE F 6 -23.60 22.49 -4.03
C ILE F 6 -23.14 21.37 -4.95
N LEU F 7 -21.91 20.90 -4.80
CA LEU F 7 -21.39 19.90 -5.73
C LEU F 7 -21.95 18.52 -5.44
N THR F 8 -22.07 18.15 -4.17
CA THR F 8 -22.57 16.80 -3.90
C THR F 8 -24.06 16.63 -4.20
N PRO F 9 -24.94 17.60 -3.96
CA PRO F 9 -26.36 17.35 -4.31
C PRO F 9 -26.57 17.26 -5.81
N ILE F 10 -25.88 18.08 -6.60
CA ILE F 10 -25.98 17.96 -8.05
C ILE F 10 -25.28 16.70 -8.55
N GLY F 11 -24.20 16.29 -7.91
CA GLY F 11 -23.47 15.11 -8.34
C GLY F 11 -24.24 13.83 -8.10
N PHE F 12 -24.90 13.74 -6.94
CA PHE F 12 -25.72 12.56 -6.66
C PHE F 12 -26.85 12.42 -7.67
N VAL F 13 -27.57 13.51 -7.90
CA VAL F 13 -28.69 13.44 -8.84
C VAL F 13 -28.19 13.22 -10.26
N LEU F 14 -27.01 13.73 -10.62
CA LEU F 14 -26.48 13.50 -11.95
C LEU F 14 -26.10 12.04 -12.16
N CYS F 15 -25.31 11.49 -11.23
CA CYS F 15 -24.91 10.09 -11.34
C CYS F 15 -26.12 9.18 -11.36
N PHE F 16 -27.07 9.39 -10.45
CA PHE F 16 -28.22 8.49 -10.38
C PHE F 16 -29.20 8.70 -11.53
N GLY F 17 -29.37 9.93 -12.02
CA GLY F 17 -30.19 10.13 -13.20
C GLY F 17 -29.59 9.49 -14.43
N LEU F 18 -28.27 9.54 -14.57
CA LEU F 18 -27.65 8.88 -15.72
C LEU F 18 -27.73 7.37 -15.62
N VAL F 19 -27.42 6.80 -14.44
CA VAL F 19 -27.51 5.35 -14.27
C VAL F 19 -28.96 4.88 -14.22
N LEU F 20 -29.93 5.80 -14.13
CA LEU F 20 -31.34 5.47 -14.19
C LEU F 20 -31.91 5.57 -15.59
N TRP F 21 -31.54 6.61 -16.32
CA TRP F 21 -31.84 6.70 -17.74
C TRP F 21 -31.17 5.58 -18.52
N GLY F 22 -30.06 5.03 -18.01
CA GLY F 22 -29.48 3.86 -18.64
C GLY F 22 -30.40 2.67 -18.64
N MET F 23 -31.15 2.46 -17.55
CA MET F 23 -32.11 1.36 -17.49
C MET F 23 -33.28 1.52 -18.44
N ALA F 24 -33.82 2.73 -18.58
CA ALA F 24 -35.04 2.96 -19.35
C ALA F 24 -34.77 3.37 -20.78
N SER F 25 -33.67 2.89 -21.37
CA SER F 25 -33.31 3.25 -22.74
C SER F 25 -33.15 2.03 -23.64
N GLY F 26 -33.67 0.88 -23.24
CA GLY F 26 -33.56 -0.33 -24.03
C GLY F 26 -34.84 -1.14 -24.04
N GLY F 27 -35.97 -0.47 -23.85
CA GLY F 27 -37.24 -1.13 -23.66
C GLY F 27 -38.05 -0.45 -22.59
N SER F 28 -37.39 0.43 -21.84
CA SER F 28 -37.92 1.35 -20.82
C SER F 28 -38.41 0.63 -19.57
N ASN F 29 -38.40 -0.69 -19.51
CA ASN F 29 -38.91 -1.40 -18.34
C ASN F 29 -37.86 -1.31 -17.24
N LEU F 30 -38.25 -0.74 -16.09
CA LEU F 30 -37.30 -0.48 -15.02
C LEU F 30 -37.36 -1.53 -13.92
N LYS F 31 -38.37 -2.40 -13.93
CA LYS F 31 -38.52 -3.38 -12.85
C LYS F 31 -37.65 -4.61 -13.03
N VAL F 32 -37.01 -4.79 -14.20
CA VAL F 32 -36.15 -5.94 -14.42
C VAL F 32 -34.80 -5.79 -13.73
N PHE F 33 -34.49 -4.60 -13.22
CA PHE F 33 -33.28 -4.38 -12.43
C PHE F 33 -33.54 -4.50 -10.95
N TRP F 34 -34.57 -5.25 -10.56
CA TRP F 34 -34.89 -5.51 -9.16
C TRP F 34 -35.26 -6.97 -9.02
N ASP F 35 -34.30 -7.78 -8.59
CA ASP F 35 -34.58 -9.11 -8.07
C ASP F 35 -34.27 -9.10 -6.58
N VAL F 36 -35.15 -9.69 -5.78
CA VAL F 36 -35.01 -9.60 -4.34
C VAL F 36 -33.85 -10.43 -3.83
N ALA F 37 -33.48 -11.49 -4.53
CA ALA F 37 -32.34 -12.31 -4.12
C ALA F 37 -31.05 -11.51 -4.12
N SER F 38 -30.73 -10.90 -5.27
CA SER F 38 -29.50 -10.12 -5.38
C SER F 38 -29.46 -8.98 -4.37
N VAL F 39 -30.62 -8.39 -4.06
CA VAL F 39 -30.65 -7.35 -3.04
C VAL F 39 -30.16 -7.89 -1.72
N PHE F 40 -30.66 -9.06 -1.32
CA PHE F 40 -30.15 -9.69 -0.10
C PHE F 40 -28.66 -9.92 -0.19
N ILE F 41 -28.23 -10.71 -1.17
CA ILE F 41 -26.82 -11.10 -1.29
C ILE F 41 -25.90 -9.89 -1.18
N THR F 42 -26.18 -8.85 -1.96
CA THR F 42 -25.28 -7.69 -1.99
C THR F 42 -25.48 -6.77 -0.79
N ILE F 43 -26.67 -6.17 -0.69
CA ILE F 43 -26.88 -5.13 0.31
C ILE F 43 -26.92 -5.72 1.72
N GLY F 44 -27.74 -6.75 1.92
CA GLY F 44 -27.81 -7.36 3.25
C GLY F 44 -26.49 -8.00 3.62
N GLY F 45 -25.82 -8.62 2.66
CA GLY F 45 -24.50 -9.17 2.92
C GLY F 45 -23.50 -8.13 3.40
N SER F 46 -23.34 -7.04 2.64
CA SER F 46 -22.39 -6.01 3.02
C SER F 46 -22.79 -5.34 4.33
N MET F 47 -24.09 -5.18 4.57
CA MET F 47 -24.55 -4.54 5.80
C MET F 47 -24.29 -5.43 6.99
N ALA F 48 -24.52 -6.73 6.86
CA ALA F 48 -24.22 -7.66 7.94
C ALA F 48 -22.73 -7.76 8.20
N ALA F 49 -21.89 -7.78 7.16
CA ALA F 49 -20.45 -7.71 7.37
C ALA F 49 -20.05 -6.39 8.04
N MET F 50 -20.82 -5.34 7.78
CA MET F 50 -20.61 -4.07 8.47
C MET F 50 -20.95 -4.16 9.94
N LEU F 51 -21.94 -4.97 10.29
CA LEU F 51 -22.23 -5.22 11.70
C LEU F 51 -21.14 -6.07 12.34
N ILE F 52 -20.70 -7.12 11.64
CA ILE F 52 -19.57 -7.92 12.11
C ILE F 52 -18.37 -7.05 12.38
N THR F 53 -18.17 -6.02 11.55
CA THR F 53 -17.03 -5.13 11.73
C THR F 53 -17.31 -4.10 12.82
N TYR F 54 -18.46 -3.45 12.76
CA TYR F 54 -18.79 -2.35 13.65
C TYR F 54 -19.92 -2.76 14.57
N PRO F 55 -19.74 -2.72 15.88
CA PRO F 55 -20.86 -2.97 16.78
C PRO F 55 -21.94 -1.91 16.61
N MET F 56 -23.19 -2.32 16.87
CA MET F 56 -24.33 -1.45 16.67
C MET F 56 -24.22 -0.15 17.46
N ASP F 57 -23.35 -0.10 18.47
CA ASP F 57 -23.21 1.11 19.27
C ASP F 57 -22.58 2.23 18.47
N GLU F 58 -21.40 2.02 17.88
CA GLU F 58 -20.73 3.05 17.13
C GLU F 58 -20.96 2.93 15.62
N PHE F 59 -21.62 1.87 15.17
CA PHE F 59 -22.21 1.90 13.85
C PHE F 59 -23.48 2.75 13.84
N LYS F 60 -24.02 3.04 15.01
CA LYS F 60 -25.15 3.97 15.14
C LYS F 60 -24.70 5.40 14.92
N ARG F 61 -23.41 5.69 15.05
CA ARG F 61 -22.86 7.00 14.76
C ARG F 61 -22.70 7.23 13.26
N LEU F 62 -23.24 6.35 12.44
CA LEU F 62 -23.19 6.50 10.99
C LEU F 62 -23.86 7.80 10.59
N LEU F 63 -25.18 7.85 10.75
CA LEU F 63 -25.99 8.99 10.38
C LEU F 63 -25.94 10.09 11.41
N ILE F 64 -24.96 10.05 12.31
CA ILE F 64 -24.74 11.13 13.27
C ILE F 64 -23.50 11.93 12.89
N VAL F 65 -22.33 11.31 12.91
CA VAL F 65 -21.11 12.03 12.52
C VAL F 65 -20.93 12.03 11.01
N ILE F 66 -21.85 11.44 10.25
CA ILE F 66 -21.90 11.64 8.82
C ILE F 66 -22.93 12.70 8.45
N ARG F 67 -24.08 12.69 9.12
CA ARG F 67 -25.12 13.67 8.83
C ARG F 67 -24.80 15.04 9.41
N GLN F 68 -24.05 15.12 10.51
CA GLN F 68 -23.64 16.42 11.01
C GLN F 68 -22.73 17.12 10.01
N THR F 69 -21.93 16.36 9.27
CA THR F 69 -21.10 16.96 8.22
C THR F 69 -21.93 17.25 6.97
N PHE F 70 -22.77 16.31 6.55
CA PHE F 70 -23.57 16.51 5.37
C PHE F 70 -24.59 17.64 5.55
N LYS F 71 -25.05 17.88 6.78
CA LYS F 71 -25.96 19.00 7.01
C LYS F 71 -25.22 20.32 6.92
N ASP F 72 -24.25 20.54 7.81
CA ASP F 72 -23.40 21.72 7.82
C ASP F 72 -24.20 23.00 7.66
N ASN F 73 -25.26 23.15 8.44
CA ASN F 73 -26.06 24.37 8.41
C ASN F 73 -25.41 25.52 9.17
N GLY F 74 -24.28 25.27 9.83
CA GLY F 74 -23.57 26.31 10.55
C GLY F 74 -23.10 27.44 9.64
N MET F 75 -23.40 28.68 10.03
CA MET F 75 -23.05 29.83 9.22
C MET F 75 -21.59 30.23 9.32
N SER F 76 -20.80 29.54 10.15
CA SER F 76 -19.41 29.93 10.40
C SER F 76 -18.56 29.54 9.20
N ASN F 77 -18.61 30.39 8.17
CA ASN F 77 -17.77 30.21 6.99
C ASN F 77 -16.77 31.35 6.83
N ILE F 78 -17.22 32.60 6.77
CA ILE F 78 -16.34 33.75 6.64
C ILE F 78 -16.73 34.76 7.70
N ASP F 79 -17.96 34.65 8.19
CA ASP F 79 -18.46 35.54 9.22
C ASP F 79 -17.62 35.53 10.48
N VAL F 80 -16.84 34.46 10.70
CA VAL F 80 -15.99 34.35 11.88
C VAL F 80 -15.15 35.61 12.07
N ILE F 81 -14.69 36.19 10.97
CA ILE F 81 -13.82 37.38 11.06
C ILE F 81 -14.56 38.51 11.76
N GLN F 82 -15.70 38.95 11.20
CA GLN F 82 -16.39 40.06 11.84
C GLN F 82 -17.02 39.66 13.16
N ASN F 83 -17.47 38.41 13.28
CA ASN F 83 -17.97 37.91 14.56
C ASN F 83 -16.88 37.87 15.62
N PHE F 84 -15.62 38.03 15.23
CA PHE F 84 -14.56 38.20 16.22
C PHE F 84 -14.15 39.67 16.38
N VAL F 85 -14.19 40.45 15.31
CA VAL F 85 -13.80 41.86 15.43
C VAL F 85 -14.79 42.62 16.29
N ASP F 86 -16.09 42.28 16.19
CA ASP F 86 -17.06 42.97 17.04
C ASP F 86 -16.86 42.59 18.50
N LEU F 87 -16.55 41.32 18.78
CA LEU F 87 -16.25 40.91 20.15
C LEU F 87 -15.03 41.64 20.68
N SER F 88 -13.96 41.74 19.88
CA SER F 88 -12.78 42.44 20.34
C SER F 88 -13.04 43.92 20.55
N ARG F 89 -13.86 44.54 19.69
CA ARG F 89 -14.22 45.94 19.89
C ARG F 89 -15.03 46.16 21.16
N LYS F 90 -15.99 45.29 21.45
CA LYS F 90 -16.81 45.47 22.63
C LYS F 90 -16.09 45.07 23.92
N ALA F 91 -15.07 44.22 23.82
CA ALA F 91 -14.28 43.86 24.99
C ALA F 91 -13.04 44.72 25.16
N ARG F 92 -12.70 45.55 24.18
CA ARG F 92 -11.49 46.36 24.19
C ARG F 92 -11.90 47.82 24.07
N ARG F 93 -11.64 48.60 25.12
CA ARG F 93 -11.99 50.01 25.23
C ARG F 93 -13.49 50.23 25.32
N GLU F 94 -14.27 49.17 25.23
CA GLU F 94 -15.71 49.19 25.46
C GLU F 94 -16.08 48.30 26.65
N GLY F 95 -15.22 48.29 27.66
CA GLY F 95 -15.40 47.44 28.81
C GLY F 95 -14.19 46.57 29.09
N LEU F 96 -14.40 45.41 29.70
CA LEU F 96 -13.33 44.49 30.04
C LEU F 96 -13.64 43.11 29.47
N LEU F 97 -12.63 42.24 29.52
CA LEU F 97 -12.75 40.92 28.90
C LEU F 97 -13.80 40.04 29.57
N SER F 98 -14.04 40.22 30.87
CA SER F 98 -15.04 39.43 31.57
C SER F 98 -16.44 40.01 31.40
N LEU F 99 -16.85 40.19 30.14
CA LEU F 99 -18.16 40.74 29.81
C LEU F 99 -18.64 40.04 28.54
N GLU F 100 -19.52 39.05 28.72
CA GLU F 100 -20.08 38.31 27.60
C GLU F 100 -21.05 39.19 26.81
N ASP F 101 -20.90 39.20 25.48
CA ASP F 101 -21.87 39.90 24.65
C ASP F 101 -23.00 38.96 24.24
N ALA F 102 -22.66 37.89 23.51
CA ALA F 102 -23.62 36.87 23.10
C ALA F 102 -22.99 35.48 23.16
N ILE F 103 -21.82 35.36 23.80
CA ILE F 103 -21.08 34.11 23.80
C ILE F 103 -21.73 33.04 24.67
N ASN F 104 -22.83 33.37 25.33
CA ASN F 104 -23.69 32.36 25.93
C ASN F 104 -24.95 32.09 25.11
N ASN F 105 -25.12 32.70 23.94
CA ASN F 105 -26.24 32.43 23.06
C ASN F 105 -25.86 32.44 21.58
N LEU F 106 -24.58 32.37 21.25
CA LEU F 106 -24.18 32.48 19.85
C LEU F 106 -24.24 31.14 19.14
N THR F 107 -23.55 31.07 18.00
CA THR F 107 -23.59 29.97 17.05
C THR F 107 -22.82 28.76 17.56
N ASP F 108 -22.46 27.86 16.65
CA ASP F 108 -22.02 26.47 16.88
C ASP F 108 -21.02 26.43 18.04
N ASP F 109 -20.92 25.30 18.74
CA ASP F 109 -20.45 25.23 20.12
C ASP F 109 -18.96 25.53 20.28
N TYR F 110 -18.16 25.29 19.25
CA TYR F 110 -16.72 25.50 19.39
C TYR F 110 -16.38 26.93 19.75
N MET F 111 -16.86 27.91 18.98
CA MET F 111 -16.71 29.29 19.40
C MET F 111 -17.29 29.52 20.78
N LYS F 112 -18.49 28.99 21.03
CA LYS F 112 -19.11 29.10 22.34
C LYS F 112 -18.21 28.52 23.43
N LYS F 113 -17.69 27.32 23.17
CA LYS F 113 -16.81 26.59 24.11
C LYS F 113 -15.57 27.43 24.46
N GLY F 114 -14.84 27.87 23.44
CA GLY F 114 -13.64 28.68 23.63
C GLY F 114 -13.92 29.99 24.34
N LEU F 115 -15.04 30.63 24.00
CA LEU F 115 -15.35 31.92 24.60
C LEU F 115 -15.81 31.79 26.05
N ARG F 116 -16.46 30.66 26.36
CA ARG F 116 -16.85 30.34 27.75
C ARG F 116 -15.56 30.13 28.54
N MET F 117 -14.53 29.58 27.88
CA MET F 117 -13.24 29.37 28.51
C MET F 117 -12.45 30.65 28.69
N VAL F 118 -12.60 31.63 27.81
CA VAL F 118 -11.76 32.82 27.83
C VAL F 118 -12.31 33.90 28.75
N VAL F 119 -13.55 33.78 29.22
CA VAL F 119 -14.03 34.70 30.24
C VAL F 119 -13.47 34.37 31.61
N ASP F 120 -13.29 33.10 31.93
CA ASP F 120 -12.69 32.68 33.18
C ASP F 120 -11.18 32.58 33.00
N GLY F 121 -10.45 32.96 34.05
CA GLY F 121 -9.01 33.01 33.99
C GLY F 121 -8.37 31.67 33.68
N ILE F 122 -7.89 31.49 32.45
CA ILE F 122 -7.24 30.27 32.02
C ILE F 122 -5.97 30.65 31.26
N GLU F 123 -4.88 29.97 31.58
CA GLU F 123 -3.62 30.21 30.89
C GLU F 123 -3.75 29.89 29.41
N PRO F 124 -3.18 30.73 28.54
CA PRO F 124 -3.34 30.50 27.09
C PRO F 124 -2.77 29.17 26.63
N GLU F 125 -1.67 28.71 27.25
CA GLU F 125 -1.12 27.40 26.91
C GLU F 125 -2.15 26.30 27.11
N THR F 126 -2.83 26.32 28.26
CA THR F 126 -3.90 25.35 28.51
C THR F 126 -4.98 25.43 27.44
N ILE F 127 -5.40 26.65 27.11
CA ILE F 127 -6.42 26.85 26.08
C ILE F 127 -5.94 26.27 24.75
N ARG F 128 -4.70 26.58 24.37
CA ARG F 128 -4.16 26.08 23.11
C ARG F 128 -4.16 24.55 23.09
N GLU F 129 -3.70 23.93 24.17
CA GLU F 129 -3.60 22.47 24.21
C GLU F 129 -4.99 21.84 24.12
N ILE F 130 -5.94 22.35 24.90
CA ILE F 130 -7.29 21.79 24.88
C ILE F 130 -7.92 21.95 23.50
N MET F 131 -7.74 23.11 22.88
CA MET F 131 -8.35 23.36 21.59
C MET F 131 -7.74 22.48 20.50
N GLU F 132 -6.41 22.39 20.45
CA GLU F 132 -5.78 21.52 19.47
C GLU F 132 -6.19 20.07 19.69
N LEU F 133 -6.26 19.67 20.97
CA LEU F 133 -6.65 18.29 21.36
C LEU F 133 -8.14 18.10 21.06
N GLU F 134 -8.88 19.21 20.99
CA GLU F 134 -10.35 19.17 20.71
C GLU F 134 -10.55 19.07 19.19
N ILE F 135 -9.59 19.58 18.41
CA ILE F 135 -9.65 19.54 16.93
C ILE F 135 -9.19 18.16 16.45
N ASP F 136 -8.02 17.72 16.91
CA ASP F 136 -7.48 16.43 16.49
C ASP F 136 -8.50 15.31 16.73
N GLU F 137 -9.22 15.35 17.84
CA GLU F 137 -10.23 14.31 18.08
C GLU F 137 -11.41 14.45 17.13
N MET F 138 -11.78 15.68 16.78
CA MET F 138 -12.79 15.89 15.74
C MET F 138 -12.35 15.26 14.43
N GLU F 139 -11.10 15.51 14.03
CA GLU F 139 -10.59 14.96 12.80
C GLU F 139 -10.50 13.44 12.86
N LYS F 140 -10.23 12.89 14.03
CA LYS F 140 -10.18 11.44 14.18
C LYS F 140 -11.56 10.81 14.08
N ARG F 141 -12.58 11.46 14.65
CA ARG F 141 -13.94 10.96 14.47
C ARG F 141 -14.37 11.03 13.02
N HIS F 142 -13.98 12.12 12.33
CA HIS F 142 -14.29 12.23 10.91
C HIS F 142 -13.59 11.15 10.10
N LYS F 143 -12.32 10.88 10.42
CA LYS F 143 -11.61 9.80 9.74
C LYS F 143 -12.24 8.45 10.02
N SER F 144 -12.73 8.24 11.26
CA SER F 144 -13.41 7.00 11.58
C SER F 144 -14.68 6.83 10.75
N GLY F 145 -15.45 7.90 10.61
CA GLY F 145 -16.66 7.83 9.78
C GLY F 145 -16.35 7.59 8.32
N ALA F 146 -15.36 8.30 7.79
CA ALA F 146 -14.98 8.12 6.40
C ALA F 146 -14.46 6.71 6.14
N ASP F 147 -13.69 6.17 7.08
CA ASP F 147 -13.20 4.80 6.94
C ASP F 147 -14.34 3.80 7.05
N MET F 148 -15.32 4.07 7.90
CA MET F 148 -16.53 3.24 7.95
C MET F 148 -17.25 3.23 6.62
N LEU F 149 -17.25 4.37 5.92
CA LEU F 149 -17.92 4.43 4.63
C LEU F 149 -17.11 3.70 3.55
N LYS F 150 -15.80 3.91 3.53
CA LYS F 150 -14.97 3.25 2.51
C LYS F 150 -14.90 1.75 2.73
N THR F 151 -15.00 1.29 3.99
CA THR F 151 -15.00 -0.14 4.26
C THR F 151 -16.25 -0.80 3.70
N TRP F 152 -17.40 -0.14 3.81
CA TRP F 152 -18.62 -0.63 3.18
C TRP F 152 -18.52 -0.57 1.67
N GLY F 153 -17.91 0.48 1.14
CA GLY F 153 -17.60 0.53 -0.28
C GLY F 153 -16.74 -0.61 -0.74
N GLY F 154 -15.88 -1.13 0.13
CA GLY F 154 -15.09 -2.31 -0.16
C GLY F 154 -15.87 -3.61 -0.07
N TYR F 155 -16.72 -3.73 0.95
CA TYR F 155 -17.49 -4.97 1.11
C TYR F 155 -18.57 -5.14 0.04
N ALA F 156 -19.09 -4.05 -0.52
CA ALA F 156 -20.18 -4.18 -1.48
C ALA F 156 -19.79 -4.95 -2.74
N PRO F 157 -18.69 -4.64 -3.44
CA PRO F 157 -18.32 -5.47 -4.60
C PRO F 157 -17.75 -6.82 -4.22
N ALA F 158 -17.25 -6.99 -3.00
CA ALA F 158 -16.91 -8.33 -2.52
C ALA F 158 -18.12 -9.25 -2.59
N PHE F 159 -19.25 -8.82 -2.02
CA PHE F 159 -20.45 -9.61 -2.11
C PHE F 159 -21.09 -9.55 -3.49
N GLY F 160 -20.72 -8.57 -4.32
CA GLY F 160 -21.04 -8.67 -5.73
C GLY F 160 -20.37 -9.87 -6.39
N MET F 161 -19.08 -10.07 -6.10
CA MET F 161 -18.38 -11.26 -6.57
C MET F 161 -19.00 -12.54 -6.01
N VAL F 162 -19.33 -12.53 -4.72
CA VAL F 162 -19.98 -13.69 -4.10
C VAL F 162 -21.29 -14.00 -4.81
N GLY F 163 -22.08 -12.98 -5.13
CA GLY F 163 -23.32 -13.21 -5.85
C GLY F 163 -23.10 -13.70 -7.26
N THR F 164 -22.05 -13.20 -7.92
CA THR F 164 -21.69 -13.74 -9.23
C THR F 164 -21.40 -15.23 -9.13
N LEU F 165 -20.70 -15.63 -8.08
CA LEU F 165 -20.42 -17.06 -7.87
C LEU F 165 -21.71 -17.84 -7.60
N ILE F 166 -22.63 -17.27 -6.80
CA ILE F 166 -23.92 -17.93 -6.57
C ILE F 166 -24.65 -18.15 -7.88
N GLY F 167 -24.72 -17.10 -8.70
CA GLY F 167 -25.43 -17.17 -9.97
C GLY F 167 -24.79 -18.10 -10.96
N LEU F 168 -23.47 -18.26 -10.91
CA LEU F 168 -22.83 -19.24 -11.77
C LEU F 168 -23.04 -20.67 -11.28
N ILE F 169 -22.93 -20.88 -9.97
CA ILE F 169 -23.14 -22.21 -9.41
C ILE F 169 -24.55 -22.70 -9.69
N GLN F 170 -25.55 -21.92 -9.30
CA GLN F 170 -26.93 -22.35 -9.47
C GLN F 170 -27.39 -22.31 -10.92
N MET F 171 -26.57 -21.76 -11.82
CA MET F 171 -26.83 -21.83 -13.25
C MET F 171 -26.28 -23.10 -13.86
N LEU F 172 -24.98 -23.36 -13.64
CA LEU F 172 -24.38 -24.59 -14.12
C LEU F 172 -25.04 -25.82 -13.51
N ALA F 173 -25.54 -25.72 -12.28
CA ALA F 173 -26.21 -26.84 -11.64
C ALA F 173 -27.42 -27.30 -12.46
N ASN F 174 -28.31 -26.36 -12.78
CA ASN F 174 -29.50 -26.66 -13.58
C ASN F 174 -29.20 -26.25 -15.02
N LEU F 175 -28.82 -27.22 -15.84
CA LEU F 175 -28.28 -26.93 -17.17
C LEU F 175 -29.36 -26.43 -18.12
N THR F 176 -30.52 -27.08 -18.13
CA THR F 176 -31.63 -26.72 -19.00
C THR F 176 -32.93 -26.84 -18.23
N ASP F 177 -33.49 -25.69 -17.82
CA ASP F 177 -34.81 -25.71 -17.19
C ASP F 177 -35.69 -24.57 -17.70
N SER F 178 -35.13 -23.61 -18.45
CA SER F 178 -35.85 -22.45 -18.98
C SER F 178 -36.37 -21.56 -17.86
N SER F 179 -35.96 -21.84 -16.62
CA SER F 179 -36.28 -21.02 -15.46
C SER F 179 -35.09 -20.80 -14.55
N THR F 180 -33.99 -21.49 -14.80
CA THR F 180 -32.77 -21.35 -14.01
C THR F 180 -31.63 -20.70 -14.78
N ILE F 181 -31.58 -20.91 -16.10
CA ILE F 181 -30.67 -20.13 -16.94
C ILE F 181 -30.95 -18.65 -16.74
N ALA F 182 -32.17 -18.22 -17.05
CA ALA F 182 -32.65 -16.93 -16.58
C ALA F 182 -32.98 -17.05 -15.09
N SER F 183 -32.96 -15.90 -14.41
CA SER F 183 -33.13 -15.82 -12.97
C SER F 183 -31.97 -16.49 -12.23
N GLY F 184 -31.06 -17.10 -12.97
CA GLY F 184 -29.80 -17.55 -12.43
C GLY F 184 -28.68 -16.69 -12.97
N MET F 185 -28.81 -16.27 -14.23
CA MET F 185 -27.93 -15.24 -14.76
C MET F 185 -28.34 -13.86 -14.28
N GLY F 186 -29.64 -13.64 -14.09
CA GLY F 186 -30.10 -12.43 -13.46
C GLY F 186 -29.47 -12.16 -12.11
N LYS F 187 -29.39 -13.17 -11.24
CA LYS F 187 -28.73 -12.98 -9.96
C LYS F 187 -27.27 -12.59 -10.14
N ALA F 188 -26.53 -13.34 -10.95
CA ALA F 188 -25.12 -13.05 -11.18
C ALA F 188 -24.90 -11.63 -11.69
N LEU F 189 -25.74 -11.17 -12.61
CA LEU F 189 -25.56 -9.83 -13.16
C LEU F 189 -25.97 -8.74 -12.18
N ILE F 190 -27.14 -8.90 -11.53
CA ILE F 190 -27.67 -7.82 -10.74
C ILE F 190 -26.94 -7.68 -9.40
N THR F 191 -26.43 -8.78 -8.84
CA THR F 191 -25.53 -8.65 -7.69
C THR F 191 -24.36 -7.76 -8.02
N THR F 192 -23.67 -8.04 -9.13
CA THR F 192 -22.54 -7.23 -9.56
C THR F 192 -22.96 -5.80 -9.84
N PHE F 193 -24.15 -5.61 -10.43
CA PHE F 193 -24.60 -4.26 -10.74
C PHE F 193 -24.81 -3.45 -9.46
N TYR F 194 -25.57 -4.01 -8.51
CA TYR F 194 -25.77 -3.31 -7.23
C TYR F 194 -24.46 -3.05 -6.52
N GLY F 195 -23.54 -4.02 -6.51
CA GLY F 195 -22.28 -3.80 -5.83
C GLY F 195 -21.45 -2.71 -6.48
N SER F 196 -21.23 -2.81 -7.79
CA SER F 196 -20.40 -1.86 -8.51
C SER F 196 -21.05 -0.49 -8.64
N LEU F 197 -22.36 -0.39 -8.46
CA LEU F 197 -23.01 0.92 -8.44
C LEU F 197 -22.93 1.54 -7.06
N MET F 198 -23.41 0.81 -6.05
CA MET F 198 -23.30 1.24 -4.67
C MET F 198 -21.89 1.70 -4.34
N ALA F 199 -20.90 0.81 -4.53
CA ALA F 199 -19.56 1.04 -4.00
C ALA F 199 -18.98 2.37 -4.44
N ASN F 200 -19.03 2.68 -5.74
CA ASN F 200 -18.35 3.86 -6.26
C ASN F 200 -19.31 4.99 -6.60
N ALA F 201 -20.61 4.84 -6.34
CA ALA F 201 -21.52 5.95 -6.49
C ALA F 201 -21.98 6.54 -5.18
N VAL F 202 -22.10 5.73 -4.11
CA VAL F 202 -22.60 6.20 -2.83
C VAL F 202 -21.50 6.22 -1.78
N PHE F 203 -20.73 5.14 -1.68
CA PHE F 203 -19.85 4.93 -0.53
C PHE F 203 -18.43 5.43 -0.75
N ASN F 204 -17.74 4.94 -1.78
CA ASN F 204 -16.37 5.41 -2.01
C ASN F 204 -16.30 6.91 -2.25
N PRO F 205 -17.11 7.51 -3.13
CA PRO F 205 -17.08 8.98 -3.22
C PRO F 205 -17.40 9.68 -1.91
N MET F 206 -18.56 9.40 -1.31
CA MET F 206 -18.93 10.03 -0.06
C MET F 206 -17.97 9.67 1.08
N GLY F 207 -17.38 8.48 1.05
CA GLY F 207 -16.32 8.17 1.99
C GLY F 207 -15.14 9.11 1.83
N ALA F 208 -14.68 9.31 0.60
CA ALA F 208 -13.63 10.29 0.35
C ALA F 208 -14.11 11.71 0.60
N ASN F 209 -15.41 11.96 0.44
CA ASN F 209 -15.95 13.30 0.61
C ASN F 209 -15.89 13.75 2.06
N LEU F 210 -16.12 12.84 3.01
CA LEU F 210 -16.06 13.20 4.43
C LEU F 210 -14.71 13.78 4.82
N MET F 211 -13.65 13.44 4.11
CA MET F 211 -12.32 13.87 4.51
C MET F 211 -12.06 15.32 4.14
N PHE F 212 -12.57 15.78 2.99
CA PHE F 212 -12.39 17.18 2.63
C PHE F 212 -13.25 18.10 3.50
N LYS F 213 -14.46 17.66 3.85
CA LYS F 213 -15.25 18.40 4.82
C LYS F 213 -14.54 18.45 6.17
N SER F 214 -13.92 17.34 6.58
CA SER F 214 -13.14 17.36 7.80
C SER F 214 -11.99 18.36 7.70
N GLY F 215 -11.35 18.45 6.55
CA GLY F 215 -10.25 19.40 6.39
C GLY F 215 -10.71 20.84 6.46
N VAL F 216 -11.81 21.16 5.79
CA VAL F 216 -12.30 22.54 5.81
C VAL F 216 -12.78 22.91 7.22
N GLU F 217 -13.42 21.96 7.91
CA GLU F 217 -13.83 22.23 9.29
C GLU F 217 -12.63 22.35 10.21
N ALA F 218 -11.55 21.61 9.93
CA ALA F 218 -10.33 21.75 10.72
C ALA F 218 -9.71 23.11 10.53
N THR F 219 -9.67 23.61 9.29
CA THR F 219 -9.14 24.95 9.07
C THR F 219 -10.02 26.01 9.73
N THR F 220 -11.35 25.83 9.66
CA THR F 220 -12.26 26.74 10.33
C THR F 220 -11.98 26.78 11.83
N ARG F 221 -11.89 25.60 12.46
CA ARG F 221 -11.58 25.53 13.88
C ARG F 221 -10.21 26.10 14.20
N GLU F 222 -9.25 25.97 13.29
CA GLU F 222 -7.93 26.57 13.52
C GLU F 222 -8.02 28.08 13.57
N MET F 223 -8.72 28.68 12.60
CA MET F 223 -8.87 30.12 12.62
C MET F 223 -9.69 30.58 13.82
N VAL F 224 -10.67 29.79 14.24
CA VAL F 224 -11.43 30.11 15.45
C VAL F 224 -10.52 30.10 16.66
N LEU F 225 -9.70 29.06 16.80
CA LEU F 225 -8.73 28.99 17.89
C LEU F 225 -7.82 30.21 17.88
N GLU F 226 -7.31 30.59 16.71
CA GLU F 226 -6.43 31.76 16.63
C GLU F 226 -7.16 33.02 17.07
N GLY F 227 -8.43 33.17 16.69
CA GLY F 227 -9.20 34.32 17.14
C GLY F 227 -9.40 34.34 18.64
N VAL F 228 -9.68 33.16 19.22
CA VAL F 228 -9.89 33.10 20.66
C VAL F 228 -8.61 33.45 21.42
N LEU F 229 -7.47 32.91 20.97
CA LEU F 229 -6.21 33.29 21.61
C LEU F 229 -5.88 34.76 21.40
N ALA F 230 -6.26 35.34 20.26
CA ALA F 230 -6.07 36.77 20.05
C ALA F 230 -6.89 37.58 21.04
N ILE F 231 -8.16 37.20 21.24
CA ILE F 231 -8.99 37.88 22.23
C ILE F 231 -8.38 37.73 23.63
N GLN F 232 -7.90 36.54 23.96
CA GLN F 232 -7.33 36.32 25.29
C GLN F 232 -6.08 37.17 25.50
N SER F 233 -5.25 37.29 24.47
CA SER F 233 -4.07 38.14 24.59
C SER F 233 -4.47 39.61 24.63
N GLY F 234 -5.37 40.02 23.74
CA GLY F 234 -5.81 41.40 23.68
C GLY F 234 -5.14 42.16 22.56
N VAL F 235 -5.86 42.33 21.45
CA VAL F 235 -5.34 42.99 20.27
C VAL F 235 -6.46 43.80 19.63
N ASN F 236 -6.08 44.85 18.92
CA ASN F 236 -7.04 45.65 18.17
C ASN F 236 -7.49 44.88 16.92
N PRO F 237 -8.74 45.07 16.50
CA PRO F 237 -9.17 44.47 15.22
C PRO F 237 -8.28 44.83 14.05
N ARG F 238 -7.63 45.99 14.11
CA ARG F 238 -6.68 46.38 13.07
C ARG F 238 -5.59 45.33 12.90
N ILE F 239 -4.93 44.96 14.00
CA ILE F 239 -3.87 43.96 13.95
C ILE F 239 -4.42 42.53 13.92
N MET F 240 -5.70 42.35 14.26
CA MET F 240 -6.30 41.03 14.23
C MET F 240 -6.25 40.37 12.86
N GLU F 241 -6.48 41.13 11.79
CA GLU F 241 -6.59 40.55 10.46
C GLU F 241 -5.27 39.95 9.97
N GLU F 242 -4.14 40.39 10.53
CA GLU F 242 -2.84 39.88 10.09
C GLU F 242 -2.71 38.37 10.22
N LYS F 243 -3.58 37.72 10.99
CA LYS F 243 -3.56 36.27 11.14
C LYS F 243 -4.83 35.56 10.67
N LEU F 244 -6.01 36.12 10.93
CA LEU F 244 -7.24 35.43 10.57
C LEU F 244 -7.44 35.34 9.07
N VAL F 245 -7.12 36.41 8.33
CA VAL F 245 -7.39 36.41 6.90
C VAL F 245 -6.48 35.43 6.18
N SER F 246 -5.33 35.10 6.78
CA SER F 246 -4.41 34.16 6.14
C SER F 246 -4.83 32.73 6.42
N TYR F 247 -6.11 32.44 6.19
CA TYR F 247 -6.64 31.08 6.25
C TYR F 247 -7.58 30.73 5.11
N LEU F 248 -8.25 31.71 4.51
CA LEU F 248 -9.19 31.46 3.43
C LEU F 248 -8.45 31.19 2.13
N SER F 249 -9.22 31.06 1.06
CA SER F 249 -8.66 30.91 -0.28
C SER F 249 -8.43 32.30 -0.88
N PRO F 250 -7.46 32.43 -1.78
CA PRO F 250 -7.10 33.75 -2.31
C PRO F 250 -8.29 34.48 -2.93
N PRO F 251 -9.16 33.80 -3.70
CA PRO F 251 -10.40 34.49 -4.12
C PRO F 251 -11.32 34.79 -2.94
N GLU F 252 -11.34 33.93 -1.93
CA GLU F 252 -12.17 34.18 -0.75
C GLU F 252 -11.62 35.31 0.10
N ARG F 253 -10.33 35.62 -0.04
CA ARG F 253 -9.73 36.72 0.71
C ARG F 253 -10.47 38.03 0.43
N GLN F 254 -10.51 38.43 -0.84
CA GLN F 254 -11.13 39.70 -1.22
C GLN F 254 -12.65 39.63 -1.15
N ALA F 255 -13.21 38.43 -1.04
CA ALA F 255 -14.65 38.22 -1.07
C ALA F 255 -15.41 39.07 -0.06
N TYR F 256 -14.75 39.47 1.03
CA TYR F 256 -15.40 40.27 2.07
C TYR F 256 -14.75 41.63 2.30
N SER F 257 -13.51 41.83 1.88
CA SER F 257 -12.79 43.07 2.16
C SER F 257 -13.32 44.27 1.38
N LYS F 258 -14.41 44.12 0.63
CA LYS F 258 -15.00 45.26 -0.05
C LYS F 258 -15.46 46.32 0.94
N VAL F 259 -15.90 45.91 2.12
CA VAL F 259 -16.31 46.84 3.17
C VAL F 259 -15.59 46.51 4.47
N THR G 8 3.73 18.97 -23.96
CA THR G 8 4.12 17.99 -24.98
C THR G 8 2.93 17.10 -25.33
N PRO G 9 2.01 17.63 -26.14
CA PRO G 9 0.80 16.86 -26.47
C PRO G 9 1.00 15.81 -27.55
N ILE G 10 2.24 15.55 -27.97
CA ILE G 10 2.46 14.50 -28.96
C ILE G 10 2.16 13.13 -28.36
N GLY G 11 2.12 13.03 -27.04
CA GLY G 11 1.73 11.77 -26.41
C GLY G 11 0.29 11.41 -26.72
N PHE G 12 -0.64 12.35 -26.50
CA PHE G 12 -2.04 12.08 -26.80
C PHE G 12 -2.25 11.81 -28.28
N VAL G 13 -1.49 12.51 -29.13
CA VAL G 13 -1.57 12.25 -30.57
C VAL G 13 -1.29 10.78 -30.85
N LEU G 14 -0.14 10.29 -30.39
CA LEU G 14 0.21 8.89 -30.64
C LEU G 14 -0.81 7.94 -30.00
N CYS G 15 -1.25 8.26 -28.79
CA CYS G 15 -2.13 7.34 -28.07
C CYS G 15 -3.48 7.21 -28.77
N PHE G 16 -4.16 8.33 -29.00
CA PHE G 16 -5.46 8.32 -29.66
C PHE G 16 -5.34 8.19 -31.17
N GLY G 17 -4.14 8.08 -31.73
CA GLY G 17 -4.00 7.72 -33.12
C GLY G 17 -3.79 6.22 -33.26
N LEU G 18 -3.14 5.62 -32.28
CA LEU G 18 -2.92 4.17 -32.28
C LEU G 18 -4.15 3.41 -31.81
N VAL G 19 -4.92 3.97 -30.88
CA VAL G 19 -6.22 3.40 -30.55
C VAL G 19 -7.28 3.79 -31.56
N LEU G 20 -6.90 4.53 -32.60
CA LEU G 20 -7.78 4.91 -33.70
C LEU G 20 -7.47 4.16 -34.98
N TRP G 21 -6.21 3.79 -35.18
CA TRP G 21 -5.82 3.07 -36.38
C TRP G 21 -6.36 1.64 -36.36
N GLY G 22 -6.12 0.93 -35.26
CA GLY G 22 -6.72 -0.39 -35.08
C GLY G 22 -8.19 -0.35 -34.73
N MET G 23 -8.71 0.83 -34.41
CA MET G 23 -10.11 0.95 -34.02
C MET G 23 -11.05 0.58 -35.16
N ALA G 24 -10.69 0.95 -36.39
CA ALA G 24 -11.53 0.68 -37.55
C ALA G 24 -10.73 0.10 -38.71
N SER G 25 -9.53 -0.40 -38.45
CA SER G 25 -8.74 -1.05 -39.48
C SER G 25 -9.44 -2.28 -40.03
N GLY G 26 -9.63 -3.28 -39.17
CA GLY G 26 -10.29 -4.50 -39.61
C GLY G 26 -11.80 -4.38 -39.72
N GLY G 27 -12.42 -3.65 -38.80
CA GLY G 27 -13.87 -3.56 -38.80
C GLY G 27 -14.39 -2.85 -40.03
N SER G 28 -15.71 -2.92 -40.20
CA SER G 28 -16.36 -2.29 -41.34
C SER G 28 -16.16 -0.78 -41.33
N ASN G 29 -16.64 -0.12 -40.27
CA ASN G 29 -16.50 1.31 -40.14
C ASN G 29 -16.34 1.67 -38.68
N LEU G 30 -15.90 2.90 -38.44
CA LEU G 30 -15.71 3.42 -37.09
C LEU G 30 -17.02 3.83 -36.44
N LYS G 31 -18.15 3.53 -37.08
CA LYS G 31 -19.46 3.90 -36.55
C LYS G 31 -19.92 2.97 -35.43
N VAL G 32 -19.51 1.71 -35.44
CA VAL G 32 -19.93 0.75 -34.44
C VAL G 32 -19.15 0.99 -33.15
N PHE G 33 -18.11 1.82 -33.23
CA PHE G 33 -17.32 2.20 -32.07
C PHE G 33 -17.80 3.50 -31.45
N TRP G 34 -19.05 3.89 -31.71
CA TRP G 34 -19.54 5.17 -31.20
C TRP G 34 -21.03 5.05 -30.95
N ASP G 35 -21.40 4.82 -29.69
CA ASP G 35 -22.77 5.01 -29.27
C ASP G 35 -22.88 6.38 -28.62
N VAL G 36 -24.08 6.94 -28.55
CA VAL G 36 -24.24 8.31 -28.06
C VAL G 36 -24.59 8.28 -26.57
N ALA G 37 -25.31 7.25 -26.15
CA ALA G 37 -25.64 7.13 -24.72
C ALA G 37 -24.44 6.67 -23.92
N SER G 38 -23.68 5.70 -24.43
CA SER G 38 -22.55 5.13 -23.69
C SER G 38 -21.56 6.19 -23.25
N VAL G 39 -21.28 7.15 -24.14
CA VAL G 39 -20.40 8.27 -23.76
C VAL G 39 -20.95 8.98 -22.54
N PHE G 40 -22.26 9.24 -22.54
CA PHE G 40 -22.85 9.94 -21.40
C PHE G 40 -22.74 9.11 -20.14
N ILE G 41 -23.15 7.84 -20.20
CA ILE G 41 -23.03 6.96 -19.04
C ILE G 41 -21.62 7.04 -18.47
N THR G 42 -20.63 6.66 -19.28
CA THR G 42 -19.25 6.59 -18.78
C THR G 42 -18.76 7.94 -18.25
N ILE G 43 -18.68 8.95 -19.12
CA ILE G 43 -18.06 10.20 -18.74
C ILE G 43 -18.87 11.02 -17.74
N GLY G 44 -20.18 11.15 -17.95
CA GLY G 44 -21.01 11.82 -16.98
C GLY G 44 -21.04 11.11 -15.65
N GLY G 45 -21.00 9.78 -15.62
CA GLY G 45 -20.98 9.08 -14.35
C GLY G 45 -19.67 9.28 -13.61
N SER G 46 -18.54 9.18 -14.32
CA SER G 46 -17.26 9.42 -13.65
C SER G 46 -17.17 10.86 -13.16
N MET G 47 -17.63 11.81 -13.96
CA MET G 47 -17.59 13.21 -13.53
C MET G 47 -18.55 13.46 -12.38
N ALA G 48 -19.69 12.78 -12.35
CA ALA G 48 -20.62 12.92 -11.25
C ALA G 48 -20.04 12.36 -9.96
N ALA G 49 -19.46 11.16 -10.03
CA ALA G 49 -18.79 10.60 -8.86
C ALA G 49 -17.63 11.48 -8.42
N MET G 50 -17.04 12.23 -9.34
CA MET G 50 -16.03 13.20 -8.96
C MET G 50 -16.62 14.41 -8.27
N LEU G 51 -17.78 14.87 -8.72
CA LEU G 51 -18.47 15.96 -8.03
C LEU G 51 -18.82 15.56 -6.60
N ILE G 52 -19.38 14.36 -6.44
CA ILE G 52 -19.58 13.81 -5.10
C ILE G 52 -18.25 13.76 -4.33
N THR G 53 -17.19 13.29 -4.99
CA THR G 53 -15.94 13.03 -4.30
C THR G 53 -15.19 14.32 -3.99
N TYR G 54 -15.21 15.28 -4.90
CA TYR G 54 -14.36 16.45 -4.76
C TYR G 54 -15.19 17.73 -4.75
N PRO G 55 -14.82 18.68 -3.90
CA PRO G 55 -15.51 19.97 -3.88
C PRO G 55 -14.86 20.95 -4.84
N MET G 56 -15.44 22.15 -4.90
CA MET G 56 -14.74 23.26 -5.52
C MET G 56 -13.60 23.70 -4.62
N ASP G 57 -12.69 24.51 -5.18
CA ASP G 57 -11.45 24.94 -4.56
C ASP G 57 -10.48 23.78 -4.35
N GLU G 58 -10.92 22.56 -4.61
CA GLU G 58 -10.04 21.42 -4.84
C GLU G 58 -10.20 20.85 -6.23
N PHE G 59 -11.26 21.19 -6.96
CA PHE G 59 -11.39 20.82 -8.36
C PHE G 59 -10.76 21.87 -9.26
N LYS G 60 -11.07 23.14 -9.04
CA LYS G 60 -10.40 24.23 -9.73
C LYS G 60 -8.97 24.42 -9.23
N ARG G 61 -8.58 23.75 -8.15
CA ARG G 61 -7.19 23.69 -7.75
C ARG G 61 -6.40 22.74 -8.61
N LEU G 62 -7.07 21.81 -9.30
CA LEU G 62 -6.40 20.91 -10.23
C LEU G 62 -6.05 21.63 -11.52
N LEU G 63 -6.99 22.44 -12.04
CA LEU G 63 -6.77 23.16 -13.29
C LEU G 63 -5.58 24.10 -13.23
N ILE G 64 -5.01 24.36 -12.05
CA ILE G 64 -3.85 25.23 -11.94
C ILE G 64 -2.54 24.48 -12.13
N VAL G 65 -2.52 23.16 -11.93
CA VAL G 65 -1.34 22.36 -12.19
C VAL G 65 -1.42 21.62 -13.52
N ILE G 66 -2.62 21.17 -13.93
CA ILE G 66 -2.73 20.54 -15.24
C ILE G 66 -2.49 21.55 -16.36
N ARG G 67 -2.35 22.82 -16.02
CA ARG G 67 -1.91 23.84 -16.98
C ARG G 67 -0.47 24.23 -16.77
N GLN G 68 0.02 24.20 -15.52
CA GLN G 68 1.43 24.46 -15.26
C GLN G 68 2.33 23.36 -15.82
N THR G 69 1.82 22.14 -15.98
CA THR G 69 2.60 21.11 -16.66
C THR G 69 2.71 21.40 -18.15
N PHE G 70 1.57 21.62 -18.81
CA PHE G 70 1.58 21.85 -20.26
C PHE G 70 2.36 23.11 -20.61
N LYS G 71 1.92 24.26 -20.09
CA LYS G 71 2.56 25.52 -20.39
C LYS G 71 3.65 25.81 -19.37
N ASP G 72 4.25 27.00 -19.44
CA ASP G 72 5.21 27.51 -18.46
C ASP G 72 6.36 26.51 -18.28
N ASN G 73 7.07 26.27 -19.38
CA ASN G 73 8.16 25.30 -19.39
C ASN G 73 9.45 25.96 -18.93
N GLY G 74 9.86 25.67 -17.70
CA GLY G 74 11.17 26.08 -17.21
C GLY G 74 12.11 24.89 -17.16
N MET G 75 13.05 24.83 -18.10
CA MET G 75 13.84 23.62 -18.32
C MET G 75 15.25 23.70 -17.73
N SER G 76 15.55 24.68 -16.89
CA SER G 76 16.87 24.82 -16.32
C SER G 76 17.01 23.98 -15.06
N ASN G 77 17.99 23.06 -15.07
CA ASN G 77 18.29 22.26 -13.89
C ASN G 77 19.76 22.38 -13.53
N ILE G 78 20.64 22.51 -14.55
CA ILE G 78 22.05 22.74 -14.30
C ILE G 78 22.35 24.21 -14.07
N ASP G 79 21.48 25.11 -14.52
CA ASP G 79 21.58 26.51 -14.15
C ASP G 79 21.65 26.70 -12.64
N VAL G 80 20.99 25.83 -11.88
CA VAL G 80 21.12 25.88 -10.43
C VAL G 80 22.57 25.69 -10.03
N ILE G 81 23.23 24.64 -10.54
CA ILE G 81 24.64 24.40 -10.27
C ILE G 81 25.53 25.43 -10.97
N GLN G 82 25.15 25.87 -12.17
CA GLN G 82 25.94 26.84 -12.91
C GLN G 82 25.82 28.26 -12.40
N ASN G 83 24.85 28.55 -11.54
CA ASN G 83 24.66 29.89 -11.02
C ASN G 83 24.81 30.01 -9.51
N PHE G 84 24.61 28.92 -8.76
CA PHE G 84 24.82 29.00 -7.32
C PHE G 84 26.29 29.13 -6.98
N VAL G 85 27.16 28.40 -7.68
CA VAL G 85 28.60 28.60 -7.53
C VAL G 85 29.01 29.99 -7.99
N ASP G 86 28.37 30.49 -9.04
CA ASP G 86 28.59 31.86 -9.48
C ASP G 86 28.30 32.84 -8.36
N LEU G 87 27.12 32.74 -7.75
CA LEU G 87 26.74 33.64 -6.66
C LEU G 87 27.67 33.46 -5.47
N SER G 88 28.13 32.24 -5.23
CA SER G 88 29.15 32.03 -4.22
C SER G 88 30.42 32.82 -4.52
N ARG G 89 30.87 32.82 -5.78
CA ARG G 89 32.01 33.63 -6.17
C ARG G 89 31.72 35.12 -5.97
N LYS G 90 30.52 35.57 -6.32
CA LYS G 90 30.13 36.95 -6.15
C LYS G 90 29.77 37.30 -4.70
N ALA G 91 29.92 36.36 -3.77
CA ALA G 91 29.65 36.66 -2.37
C ALA G 91 30.64 36.01 -1.40
N ARG G 92 31.76 35.47 -1.87
CA ARG G 92 32.64 34.73 -0.98
C ARG G 92 33.54 35.65 -0.17
N ARG G 93 34.45 36.34 -0.84
CA ARG G 93 35.38 37.26 -0.21
C ARG G 93 35.28 38.67 -0.76
N GLU G 94 35.27 38.81 -2.09
CA GLU G 94 35.20 40.11 -2.75
C GLU G 94 33.77 40.58 -2.94
N GLY G 95 32.78 39.73 -2.62
CA GLY G 95 31.38 40.08 -2.78
C GLY G 95 30.67 40.09 -1.44
N LEU G 96 29.86 41.12 -1.23
CA LEU G 96 29.09 41.27 -0.01
C LEU G 96 27.84 40.39 -0.08
N LEU G 97 27.37 39.98 1.10
CA LEU G 97 26.18 39.14 1.18
C LEU G 97 24.92 39.82 0.65
N SER G 98 24.90 41.15 0.61
CA SER G 98 23.70 41.90 0.27
C SER G 98 23.79 42.57 -1.10
N LEU G 99 24.55 41.99 -2.03
CA LEU G 99 24.57 42.50 -3.41
C LEU G 99 23.35 41.96 -4.15
N GLU G 100 22.18 42.48 -3.76
CA GLU G 100 20.93 42.08 -4.39
C GLU G 100 20.84 42.55 -5.83
N ASP G 101 21.65 43.53 -6.22
CA ASP G 101 21.69 43.94 -7.62
C ASP G 101 22.33 42.88 -8.51
N ALA G 102 23.20 42.04 -7.95
CA ALA G 102 23.89 41.02 -8.72
C ALA G 102 23.16 39.68 -8.73
N ILE G 103 22.19 39.49 -7.83
CA ILE G 103 21.49 38.21 -7.72
C ILE G 103 20.35 38.11 -8.72
N ASN G 104 20.15 39.13 -9.56
CA ASN G 104 19.04 39.17 -10.49
C ASN G 104 19.43 38.49 -11.80
N ASN G 105 18.57 38.66 -12.81
CA ASN G 105 18.79 38.19 -14.18
C ASN G 105 18.74 36.66 -14.29
N LEU G 106 18.56 35.99 -13.14
CA LEU G 106 18.46 34.54 -13.15
C LEU G 106 17.25 34.05 -12.37
N THR G 107 16.89 34.74 -11.28
CA THR G 107 15.73 34.35 -10.51
C THR G 107 14.45 34.65 -11.26
N ASP G 108 13.61 33.63 -11.46
CA ASP G 108 12.37 33.81 -12.24
C ASP G 108 11.21 34.21 -11.33
N ASP G 109 10.78 33.30 -10.45
CA ASP G 109 9.79 33.67 -9.45
C ASP G 109 10.00 32.91 -8.15
N TYR G 110 11.10 32.17 -8.03
CA TYR G 110 11.27 31.34 -6.85
C TYR G 110 12.57 31.65 -6.11
N MET G 111 13.67 31.78 -6.85
CA MET G 111 14.96 31.99 -6.20
C MET G 111 15.06 33.41 -5.64
N LYS G 112 14.32 34.35 -6.22
CA LYS G 112 14.27 35.69 -5.65
C LYS G 112 13.61 35.66 -4.27
N LYS G 113 12.43 35.05 -4.17
CA LYS G 113 11.74 34.97 -2.89
C LYS G 113 12.53 34.13 -1.90
N GLY G 114 13.30 33.16 -2.40
CA GLY G 114 14.20 32.43 -1.53
C GLY G 114 15.34 33.29 -1.01
N LEU G 115 15.82 34.22 -1.82
CA LEU G 115 16.99 35.02 -1.48
C LEU G 115 16.64 36.41 -0.96
N ARG G 116 15.41 36.90 -1.21
CA ARG G 116 15.05 38.23 -0.76
C ARG G 116 14.85 38.28 0.76
N MET G 117 14.99 37.13 1.42
CA MET G 117 14.85 37.07 2.87
C MET G 117 15.92 36.20 3.51
N VAL G 118 17.17 36.32 3.06
CA VAL G 118 18.28 35.66 3.71
C VAL G 118 19.16 36.64 4.48
N VAL G 119 19.38 37.84 3.95
CA VAL G 119 20.20 38.86 4.61
C VAL G 119 19.38 39.70 5.59
N ASP G 120 18.09 39.42 5.71
CA ASP G 120 17.21 40.13 6.63
C ASP G 120 17.12 39.34 7.94
N GLY G 121 16.20 39.74 8.80
CA GLY G 121 16.07 39.11 10.11
C GLY G 121 15.47 37.71 10.04
N ILE G 122 16.20 36.79 9.43
CA ILE G 122 15.78 35.40 9.26
C ILE G 122 16.93 34.49 9.64
N GLU G 123 16.70 33.64 10.64
CA GLU G 123 17.73 32.75 11.15
C GLU G 123 18.13 31.73 10.09
N PRO G 124 19.32 31.13 10.22
CA PRO G 124 19.76 30.13 9.23
C PRO G 124 18.85 28.93 9.11
N GLU G 125 18.13 28.56 10.17
CA GLU G 125 17.25 27.39 10.13
C GLU G 125 15.81 27.73 9.80
N THR G 126 15.35 28.97 10.07
CA THR G 126 13.99 29.33 9.72
C THR G 126 13.83 29.49 8.22
N ILE G 127 14.88 29.93 7.53
CA ILE G 127 14.85 29.92 6.07
C ILE G 127 14.83 28.49 5.54
N ARG G 128 15.38 27.55 6.30
CA ARG G 128 15.21 26.14 5.97
C ARG G 128 13.77 25.71 6.15
N GLU G 129 13.15 26.12 7.26
CA GLU G 129 11.78 25.69 7.55
C GLU G 129 10.78 26.24 6.53
N ILE G 130 10.86 27.54 6.22
CA ILE G 130 9.88 28.10 5.29
C ILE G 130 10.01 27.49 3.90
N MET G 131 11.24 27.28 3.41
CA MET G 131 11.44 26.65 2.12
C MET G 131 11.03 25.18 2.13
N GLU G 132 11.27 24.47 3.23
CA GLU G 132 10.80 23.08 3.31
C GLU G 132 9.28 23.00 3.32
N LEU G 133 8.62 23.96 3.98
CA LEU G 133 7.17 24.02 3.93
C LEU G 133 6.66 24.35 2.54
N GLU G 134 7.36 25.22 1.81
CA GLU G 134 6.97 25.49 0.42
C GLU G 134 7.12 24.24 -0.44
N ILE G 135 8.24 23.54 -0.31
CA ILE G 135 8.43 22.28 -1.03
C ILE G 135 7.33 21.28 -0.67
N ASP G 136 6.99 21.19 0.62
CA ASP G 136 5.99 20.22 1.05
C ASP G 136 4.61 20.56 0.51
N GLU G 137 4.24 21.85 0.54
CA GLU G 137 2.92 22.21 0.01
C GLU G 137 2.87 22.04 -1.50
N MET G 138 3.98 22.25 -2.20
CA MET G 138 4.01 21.99 -3.64
C MET G 138 3.85 20.50 -3.91
N GLU G 139 4.60 19.66 -3.20
CA GLU G 139 4.44 18.22 -3.31
C GLU G 139 3.01 17.79 -3.01
N LYS G 140 2.40 18.38 -1.97
CA LYS G 140 1.06 17.98 -1.58
C LYS G 140 0.00 18.43 -2.59
N ARG G 141 0.19 19.60 -3.21
CA ARG G 141 -0.76 20.05 -4.22
C ARG G 141 -0.65 19.23 -5.49
N HIS G 142 0.59 18.96 -5.93
CA HIS G 142 0.79 18.06 -7.05
C HIS G 142 0.20 16.68 -6.75
N LYS G 143 0.41 16.18 -5.53
CA LYS G 143 -0.12 14.89 -5.13
C LYS G 143 -1.65 14.90 -5.14
N SER G 144 -2.25 16.01 -4.71
CA SER G 144 -3.71 16.12 -4.72
C SER G 144 -4.24 16.05 -6.13
N GLY G 145 -3.67 16.83 -7.05
CA GLY G 145 -4.07 16.74 -8.44
C GLY G 145 -3.85 15.36 -9.03
N ALA G 146 -2.73 14.72 -8.68
CA ALA G 146 -2.41 13.42 -9.25
C ALA G 146 -3.36 12.35 -8.74
N ASP G 147 -3.69 12.37 -7.44
CA ASP G 147 -4.63 11.39 -6.93
C ASP G 147 -6.04 11.67 -7.41
N MET G 148 -6.38 12.94 -7.66
CA MET G 148 -7.66 13.23 -8.28
C MET G 148 -7.74 12.64 -9.68
N LEU G 149 -6.67 12.76 -10.46
CA LEU G 149 -6.70 12.21 -11.81
C LEU G 149 -6.69 10.69 -11.79
N LYS G 150 -5.93 10.08 -10.89
CA LYS G 150 -5.97 8.63 -10.75
C LYS G 150 -7.32 8.15 -10.24
N THR G 151 -7.98 8.93 -9.38
CA THR G 151 -9.30 8.58 -8.90
C THR G 151 -10.32 8.65 -10.02
N TRP G 152 -10.19 9.64 -10.91
CA TRP G 152 -11.03 9.69 -12.09
C TRP G 152 -10.78 8.53 -13.04
N GLY G 153 -9.52 8.16 -13.23
CA GLY G 153 -9.18 6.95 -13.97
C GLY G 153 -9.62 5.68 -13.30
N GLY G 154 -9.96 5.74 -12.01
CA GLY G 154 -10.57 4.62 -11.32
C GLY G 154 -12.07 4.56 -11.51
N TYR G 155 -12.74 5.72 -11.48
CA TYR G 155 -14.18 5.75 -11.68
C TYR G 155 -14.57 5.51 -13.13
N ALA G 156 -13.71 5.87 -14.09
CA ALA G 156 -14.10 5.72 -15.49
C ALA G 156 -14.38 4.26 -15.87
N PRO G 157 -13.48 3.30 -15.62
CA PRO G 157 -13.82 1.91 -15.97
C PRO G 157 -14.85 1.31 -15.05
N ALA G 158 -14.98 1.82 -13.81
CA ALA G 158 -16.03 1.35 -12.92
C ALA G 158 -17.41 1.68 -13.47
N PHE G 159 -17.61 2.93 -13.89
CA PHE G 159 -18.88 3.31 -14.47
C PHE G 159 -19.08 2.78 -15.88
N GLY G 160 -18.00 2.54 -16.61
CA GLY G 160 -18.12 1.77 -17.84
C GLY G 160 -18.62 0.36 -17.59
N MET G 161 -18.14 -0.26 -16.52
CA MET G 161 -18.65 -1.57 -16.13
C MET G 161 -20.10 -1.49 -15.73
N VAL G 162 -20.48 -0.46 -14.98
CA VAL G 162 -21.88 -0.25 -14.63
C VAL G 162 -22.74 -0.17 -15.88
N GLY G 163 -22.29 0.59 -16.89
CA GLY G 163 -23.03 0.70 -18.12
C GLY G 163 -23.12 -0.61 -18.89
N THR G 164 -22.03 -1.39 -18.91
CA THR G 164 -22.10 -2.69 -19.56
C THR G 164 -23.07 -3.62 -18.84
N LEU G 165 -23.13 -3.55 -17.51
CA LEU G 165 -24.12 -4.31 -16.77
C LEU G 165 -25.53 -3.86 -17.13
N ILE G 166 -25.72 -2.54 -17.24
CA ILE G 166 -27.02 -2.01 -17.67
C ILE G 166 -27.42 -2.61 -19.00
N GLY G 167 -26.48 -2.66 -19.94
CA GLY G 167 -26.78 -3.21 -21.25
C GLY G 167 -27.03 -4.70 -21.25
N LEU G 168 -26.33 -5.42 -20.38
CA LEU G 168 -26.53 -6.87 -20.28
C LEU G 168 -27.89 -7.22 -19.67
N ILE G 169 -28.20 -6.67 -18.50
CA ILE G 169 -29.42 -7.04 -17.80
C ILE G 169 -30.66 -6.79 -18.65
N GLN G 170 -30.63 -5.76 -19.50
CA GLN G 170 -31.78 -5.46 -20.34
C GLN G 170 -32.02 -6.53 -21.40
N MET G 171 -30.98 -7.30 -21.76
CA MET G 171 -31.15 -8.31 -22.80
C MET G 171 -32.14 -9.38 -22.39
N LEU G 172 -32.34 -9.59 -21.10
CA LEU G 172 -33.32 -10.54 -20.60
C LEU G 172 -34.75 -10.05 -20.71
N ALA G 173 -34.95 -8.84 -21.24
CA ALA G 173 -36.28 -8.34 -21.55
C ALA G 173 -36.68 -8.66 -22.98
N ASN G 174 -35.73 -8.66 -23.91
CA ASN G 174 -35.99 -9.01 -25.30
C ASN G 174 -35.71 -10.49 -25.52
N LEU G 175 -36.50 -11.11 -26.41
CA LEU G 175 -36.23 -12.47 -26.82
C LEU G 175 -35.39 -12.56 -28.07
N THR G 176 -35.88 -12.04 -29.21
CA THR G 176 -35.12 -11.93 -30.45
C THR G 176 -34.36 -13.22 -30.74
N ASP G 177 -35.09 -14.29 -31.01
CA ASP G 177 -34.53 -15.64 -30.94
C ASP G 177 -33.29 -15.80 -31.81
N SER G 178 -32.13 -15.87 -31.17
CA SER G 178 -30.87 -16.32 -31.78
C SER G 178 -30.42 -15.44 -32.93
N SER G 179 -31.13 -14.37 -33.22
CA SER G 179 -30.85 -13.54 -34.40
C SER G 179 -29.89 -12.40 -34.09
N THR G 180 -30.31 -11.42 -33.28
CA THR G 180 -29.47 -10.27 -32.95
C THR G 180 -29.40 -10.17 -31.42
N ILE G 181 -28.48 -10.95 -30.85
CA ILE G 181 -28.07 -10.81 -29.46
C ILE G 181 -26.59 -10.51 -29.34
N ALA G 182 -25.78 -11.09 -30.23
CA ALA G 182 -24.38 -10.72 -30.34
C ALA G 182 -24.21 -9.24 -30.62
N SER G 183 -25.10 -8.66 -31.43
CA SER G 183 -25.04 -7.22 -31.68
C SER G 183 -25.31 -6.43 -30.41
N GLY G 184 -26.28 -6.87 -29.61
CA GLY G 184 -26.53 -6.21 -28.34
C GLY G 184 -25.35 -6.34 -27.38
N MET G 185 -24.69 -7.49 -27.38
CA MET G 185 -23.48 -7.66 -26.57
C MET G 185 -22.37 -6.73 -27.03
N GLY G 186 -22.21 -6.57 -28.34
CA GLY G 186 -21.23 -5.62 -28.84
C GLY G 186 -21.55 -4.20 -28.41
N LYS G 187 -22.81 -3.77 -28.63
CA LYS G 187 -23.22 -2.43 -28.25
C LYS G 187 -23.05 -2.19 -26.74
N ALA G 188 -23.28 -3.22 -25.93
CA ALA G 188 -23.09 -3.09 -24.49
C ALA G 188 -21.61 -2.93 -24.15
N LEU G 189 -20.76 -3.76 -24.75
CA LEU G 189 -19.32 -3.72 -24.51
C LEU G 189 -18.68 -2.39 -24.86
N ILE G 190 -19.42 -1.48 -25.51
CA ILE G 190 -18.84 -0.20 -25.91
C ILE G 190 -18.57 0.67 -24.70
N THR G 191 -19.37 0.53 -23.64
CA THR G 191 -19.26 1.43 -22.50
C THR G 191 -17.99 1.16 -21.71
N THR G 192 -17.66 -0.10 -21.46
CA THR G 192 -16.38 -0.42 -20.83
C THR G 192 -15.21 -0.08 -21.73
N PHE G 193 -15.39 -0.10 -23.05
CA PHE G 193 -14.33 0.33 -23.94
C PHE G 193 -14.01 1.80 -23.72
N TYR G 194 -15.02 2.66 -23.74
CA TYR G 194 -14.79 4.07 -23.46
C TYR G 194 -14.22 4.26 -22.07
N GLY G 195 -14.69 3.50 -21.08
CA GLY G 195 -14.16 3.64 -19.73
C GLY G 195 -12.67 3.33 -19.68
N SER G 196 -12.28 2.13 -20.11
CA SER G 196 -10.89 1.73 -20.04
C SER G 196 -10.01 2.61 -20.93
N LEU G 197 -10.52 3.04 -22.08
CA LEU G 197 -9.72 3.88 -22.97
C LEU G 197 -9.48 5.24 -22.34
N MET G 198 -10.54 5.93 -21.92
CA MET G 198 -10.37 7.22 -21.28
C MET G 198 -9.46 7.12 -20.07
N ALA G 199 -9.66 6.09 -19.23
CA ALA G 199 -8.90 5.97 -17.99
C ALA G 199 -7.40 6.00 -18.25
N ASN G 200 -6.89 4.98 -18.94
CA ASN G 200 -5.45 4.84 -19.11
C ASN G 200 -4.91 5.60 -20.31
N ALA G 201 -5.74 6.32 -21.06
CA ALA G 201 -5.25 7.19 -22.11
C ALA G 201 -5.22 8.65 -21.70
N VAL G 202 -5.94 9.03 -20.64
CA VAL G 202 -5.92 10.42 -20.19
C VAL G 202 -5.50 10.48 -18.73
N PHE G 203 -6.25 9.82 -17.85
CA PHE G 203 -6.16 10.14 -16.43
C PHE G 203 -4.97 9.50 -15.75
N ASN G 204 -4.82 8.17 -15.87
CA ASN G 204 -3.67 7.51 -15.27
C ASN G 204 -2.35 8.04 -15.81
N PRO G 205 -2.14 8.18 -17.13
CA PRO G 205 -0.91 8.82 -17.60
C PRO G 205 -0.75 10.26 -17.12
N MET G 206 -1.81 11.08 -17.11
CA MET G 206 -1.65 12.44 -16.63
C MET G 206 -1.46 12.49 -15.11
N GLY G 207 -2.12 11.61 -14.36
CA GLY G 207 -1.85 11.54 -12.94
C GLY G 207 -0.42 11.17 -12.64
N ALA G 208 0.10 10.15 -13.31
CA ALA G 208 1.50 9.79 -13.16
C ALA G 208 2.42 10.89 -13.67
N ASN G 209 1.97 11.69 -14.63
CA ASN G 209 2.76 12.84 -15.08
C ASN G 209 2.85 13.88 -13.97
N LEU G 210 1.74 14.18 -13.30
CA LEU G 210 1.78 15.06 -12.15
C LEU G 210 2.70 14.52 -11.08
N MET G 211 2.66 13.21 -10.82
CA MET G 211 3.52 12.61 -9.80
C MET G 211 4.99 12.77 -10.18
N PHE G 212 5.34 12.38 -11.40
CA PHE G 212 6.74 12.45 -11.84
C PHE G 212 7.25 13.88 -11.84
N LYS G 213 6.43 14.83 -12.31
CA LYS G 213 6.85 16.22 -12.30
C LYS G 213 6.96 16.77 -10.90
N SER G 214 6.13 16.26 -9.97
CA SER G 214 6.28 16.64 -8.57
C SER G 214 7.62 16.18 -8.03
N GLY G 215 7.99 14.93 -8.32
CA GLY G 215 9.30 14.45 -7.90
C GLY G 215 10.44 15.25 -8.50
N VAL G 216 10.34 15.55 -9.79
CA VAL G 216 11.38 16.32 -10.47
C VAL G 216 11.53 17.69 -9.84
N GLU G 217 10.43 18.43 -9.71
CA GLU G 217 10.49 19.77 -9.16
C GLU G 217 10.84 19.76 -7.68
N ALA G 218 10.52 18.71 -6.95
CA ALA G 218 10.93 18.62 -5.56
C ALA G 218 12.43 18.40 -5.45
N THR G 219 13.00 17.59 -6.34
CA THR G 219 14.46 17.46 -6.37
C THR G 219 15.10 18.79 -6.74
N THR G 220 14.55 19.49 -7.72
CA THR G 220 15.09 20.79 -8.11
C THR G 220 15.05 21.78 -6.95
N ARG G 221 13.91 21.86 -6.27
CA ARG G 221 13.77 22.79 -5.15
C ARG G 221 14.62 22.37 -3.95
N GLU G 222 14.86 21.08 -3.73
CA GLU G 222 15.76 20.68 -2.66
C GLU G 222 17.20 21.02 -2.99
N MET G 223 17.59 20.88 -4.26
CA MET G 223 18.91 21.36 -4.68
C MET G 223 19.04 22.85 -4.44
N VAL G 224 18.02 23.63 -4.85
CA VAL G 224 18.03 25.07 -4.61
C VAL G 224 18.10 25.36 -3.11
N LEU G 225 17.43 24.54 -2.29
CA LEU G 225 17.43 24.75 -0.86
C LEU G 225 18.81 24.53 -0.26
N GLU G 226 19.47 23.42 -0.62
CA GLU G 226 20.82 23.20 -0.15
C GLU G 226 21.76 24.30 -0.65
N GLY G 227 21.49 24.83 -1.84
CA GLY G 227 22.29 25.94 -2.33
C GLY G 227 22.12 27.20 -1.49
N VAL G 228 20.88 27.56 -1.19
CA VAL G 228 20.64 28.79 -0.41
C VAL G 228 21.09 28.60 1.03
N LEU G 229 21.13 27.36 1.52
CA LEU G 229 21.68 27.13 2.85
C LEU G 229 23.20 27.12 2.84
N ALA G 230 23.83 26.75 1.73
CA ALA G 230 25.29 26.78 1.65
C ALA G 230 25.81 28.21 1.59
N ILE G 231 25.21 29.05 0.75
CA ILE G 231 25.62 30.45 0.66
C ILE G 231 25.35 31.21 1.96
N GLN G 232 24.37 30.76 2.75
CA GLN G 232 24.13 31.38 4.05
C GLN G 232 25.38 31.33 4.92
N SER G 233 26.04 30.16 4.98
CA SER G 233 27.31 30.02 5.67
C SER G 233 28.46 30.62 4.87
N GLY G 234 28.56 30.27 3.59
CA GLY G 234 29.58 30.85 2.74
C GLY G 234 30.70 29.88 2.39
N VAL G 235 30.45 28.58 2.56
CA VAL G 235 31.48 27.60 2.25
C VAL G 235 31.62 27.44 0.73
N ASN G 236 32.68 28.04 0.19
CA ASN G 236 32.95 27.97 -1.24
C ASN G 236 33.68 26.72 -1.71
N PRO G 237 34.74 26.24 -1.03
CA PRO G 237 35.68 25.36 -1.73
C PRO G 237 35.19 23.93 -1.87
N ARG G 238 34.68 23.60 -3.05
CA ARG G 238 34.29 22.25 -3.44
C ARG G 238 33.11 21.72 -2.63
N ILE G 239 32.67 22.48 -1.63
CA ILE G 239 31.64 21.99 -0.72
C ILE G 239 30.27 22.22 -1.35
N MET G 240 30.00 23.47 -1.70
CA MET G 240 28.79 23.85 -2.40
C MET G 240 28.66 23.05 -3.69
N GLU G 241 29.76 22.99 -4.45
CA GLU G 241 29.76 22.26 -5.70
C GLU G 241 29.49 20.77 -5.50
N GLU G 242 30.19 20.13 -4.55
CA GLU G 242 30.01 18.70 -4.33
C GLU G 242 28.62 18.37 -3.79
N LYS G 243 28.04 19.27 -2.99
CA LYS G 243 26.67 19.07 -2.55
C LYS G 243 25.69 19.17 -3.70
N LEU G 244 25.82 20.22 -4.52
CA LEU G 244 24.88 20.41 -5.62
C LEU G 244 25.00 19.31 -6.68
N VAL G 245 26.21 18.99 -7.12
CA VAL G 245 26.39 18.02 -8.19
C VAL G 245 25.95 16.62 -7.79
N SER G 246 25.78 16.35 -6.51
CA SER G 246 25.31 15.03 -6.08
C SER G 246 23.91 14.75 -6.62
N TYR G 247 23.14 15.81 -6.86
CA TYR G 247 21.76 15.65 -7.30
C TYR G 247 21.65 15.26 -8.77
N LEU G 248 22.53 15.78 -9.62
CA LEU G 248 22.47 15.50 -11.05
C LEU G 248 23.04 14.12 -11.37
N SER G 249 22.47 13.51 -12.39
CA SER G 249 22.80 12.16 -12.84
C SER G 249 24.26 12.06 -13.26
N PRO G 250 24.89 10.89 -13.11
CA PRO G 250 26.30 10.75 -13.50
C PRO G 250 26.54 11.07 -14.96
N PRO G 251 25.69 10.63 -15.90
CA PRO G 251 25.85 11.13 -17.27
C PRO G 251 25.69 12.64 -17.36
N GLU G 252 24.74 13.20 -16.61
CA GLU G 252 24.65 14.65 -16.52
C GLU G 252 25.87 15.24 -15.85
N ARG G 253 26.58 14.44 -15.04
CA ARG G 253 27.78 14.96 -14.37
C ARG G 253 28.92 15.14 -15.37
N GLN G 254 29.14 14.14 -16.24
CA GLN G 254 30.16 14.30 -17.27
C GLN G 254 29.72 15.31 -18.32
N ALA G 255 28.41 15.42 -18.58
CA ALA G 255 27.93 16.45 -19.50
C ALA G 255 28.14 17.84 -18.92
N TYR G 256 28.06 17.98 -17.59
CA TYR G 256 28.26 19.25 -16.92
C TYR G 256 29.72 19.55 -16.63
N SER G 257 30.55 18.51 -16.53
CA SER G 257 31.95 18.69 -16.14
C SER G 257 32.67 19.70 -17.03
N LYS G 258 32.43 19.62 -18.34
CA LYS G 258 33.09 20.53 -19.28
C LYS G 258 32.78 21.99 -18.95
N VAL G 259 31.50 22.36 -18.99
CA VAL G 259 31.07 23.71 -18.67
C VAL G 259 29.87 23.67 -17.75
#